data_6TZ1
#
_entry.id   6TZ1
#
_cell.length_a   1.00
_cell.length_b   1.00
_cell.length_c   1.00
_cell.angle_alpha   90.00
_cell.angle_beta   90.00
_cell.angle_gamma   90.00
#
_symmetry.space_group_name_H-M   'P 1'
#
loop_
_entity.id
_entity.type
_entity.pdbx_description
1 polymer 'RNA-dependent RNA Polymerase'
2 polymer 'Viral structural protein 4'
3 polymer "Transcript (5'-R(P*UP*UP*UP*UP*UP*CP*CP*CP*U)-3')"
4 polymer "Non-template RNA (5'-D(*(GTA))-R(P*GP*UP*A)-3')"
5 polymer "Template RNA (5'-R(P*AP*GP*AP*AP*AP*AP*AP*AP*AP*AP*A)-3')"
#
loop_
_entity_poly.entity_id
_entity_poly.type
_entity_poly.pdbx_seq_one_letter_code
_entity_poly.pdbx_strand_id
1 'polypeptide(L)'
;MLPNTELYNTIFSETRKFTRESFKEIEHLTAKLANDRVARHDFLFNNSIALISDYSGEDSNGNQLQATVTIPNEITNPKE
YDPSDYPLAEDESFFKQGHKYDYLVTFRAGSLTNTYEPKTKMYKLHAALDKLMHVKQRKSRFADLWRELCAVIASLDVWY
QTTNYPLRTYVKLLFHKGDEFPFYESPSQDKIIFNDKSVASILPTFVYTCCQVGTAIMSGILTHVESIVAMNHFLHCAKD
SYIDEKLKIKGIGRSWYQEALHNVGRATVPVWSQFNEVIGHRTKTTSEPHFVSSTFISLRAKRAELLYPEFNEYINRALR
LSKTQNDVANYYAACRAMTNDGTFLATLTELSLDAAVFPRIEQRLVTRPAVLMSNTRHESLKQKYANGVGSIAQSYLSSF
TDEIAKRVNGIHHDEAWLNFLTTSSPGRKLTEIEKLEVGGDVAAWSNSRIVMQAVFAREYRTPERIFKSLKAPIKLVERQ
QSDRRQRAISGLDNDRLFLSFMPYTIGKQIYDLNDNAAQGKQAGNAFDIGEMLYWTSQRNVLLSSIDVAGMDASVTTNTK
DIYNTFVLDVASKCTVPRFGPYYAKNMEVFEVGKRQSQVKYVNAAWQACALEAANSQTSTSYESEIFGQVKNAEGTYPSG
RADTSTHHTVLLQGLVRGNELKRASDGKNSCLTTIKILGDDIMEIFQGNENDTHDHAVSNASILNESGFATTAELSQNSI
VLLQQLVVNGTFWGFADRISLWTREDTKDIGRLNLAMMELNALIDDLLFRVRRPEGLKMLGFFCGAICLRRFTLSVDNKL
YDSTYNNLSKYMTLVKYDKNPDFDSTLMSLILPLAWLFMPRGGEYPAYPFERRDGTFTEDESMFTARGAYKRRLLYDVSN
IREMIQQNSMVLDDDLLHEYGFTGALLLIDLNILDLIDEVKKEDISPVKVNELATSLEQLGKLGEREKSRRAASDLKIRG
HALSNDIVYGYGLQEKIQKSAMATKETTVQSKRVSSRLHEVIVAKTRDYKIPTMPADALHLYEFEVEDVTVDLLPHAKHT
SYSNLAYNMSFGSDGWFAFALLGGLDRSANLLRLDVASIRGNYHKFSYDDPVFKQGYKIYKSDATLLNDFFVAISAGPKE
QGILLRAFAYYSLYGNVEYHYVLSPRQLFFLSDNPVSAERLVRIPPSYYVSTQCRALYNIFSYLHILRSITSNQGKRLGM
VLHPGLIAYVRGTSQGAILPEADNV
;
A
2 'polypeptide(L)'
;MFAIDPLKHSKLYEEYGLYLRPHQINQEIKPTTIKKKELAPTIRSIKYASLIHSMLAKHAARHNGTLINPRMYADMITLG
NTKVTVTKGTPKAQIDTLKMNGLTVVSKSRRNNKKKPVSDTTATIDENTDDIVTYKALTEMSTLIESFRLPSGLALIIFD
DEKYQSLIPNYINQLIAYTQPHIIPTWQGIADFSDTYLRSYFKRPFELTASNLAAPQKYNLSPMTRSIFNNTGREDAVIR
KLYGYGEYVFIRYEGCLITWTGIYGEVTMMVNLSKRDLGLDVGDDYLKEYKKLLFYGVITDAIPSGISARSTIMKISPHK
MMNPSGGALAVLSKFLEAVVSTNVINATLVVYAEKGAGKTSFLSTYAEQLSLASGQVVGHLSSDAYGRWLAKNKDVEEPS
FAYDYVLSLDTDDNESYYEQKASELLISHGISEVAQYELLSVRKKIKMMDEMNEVLIAQLENADTHSERNFYYMVSTGKT
TPRTLIVEGHFNAQDATIARTDTTVLLRTINDTTQAMRDRQRGGVVQLFLRDTYYRLLPALHTTVYPFEMLESIRRWKWV
H
;
B
3 'polyribonucleotide' UUUUUUUUU M
4 'polyribonucleotide' (GTA)GUA N
5 'polyribonucleotide' AAAAAAAAAAA T
#
loop_
_chem_comp.id
_chem_comp.type
_chem_comp.name
_chem_comp.formula
A RNA linking ADENOSINE-5'-MONOPHOSPHATE 'C10 H14 N5 O7 P'
G RNA linking GUANOSINE-5'-MONOPHOSPHATE 'C10 H14 N5 O8 P'
GTA non-polymer P1-7-METHYLGUANOSINE-P3-ADENOSINE-5',5'-TRIPHOSPHATE 'C21 H30 N10 O17 P3 1'
U RNA linking URIDINE-5'-MONOPHOSPHATE 'C9 H13 N2 O9 P'
#
# COMPACT_ATOMS: atom_id res chain seq x y z
N THR A 5 -32.58 34.98 -7.00
CA THR A 5 -32.17 36.14 -6.22
C THR A 5 -31.18 37.01 -6.98
N GLU A 6 -30.84 38.15 -6.39
CA GLU A 6 -29.83 39.06 -6.92
C GLU A 6 -28.71 39.10 -5.88
N LEU A 7 -27.73 38.21 -6.06
CA LEU A 7 -26.66 38.04 -5.10
C LEU A 7 -25.37 38.68 -5.59
N TYR A 8 -25.33 39.08 -6.86
CA TYR A 8 -24.23 39.86 -7.43
C TYR A 8 -24.50 41.35 -7.35
N ASN A 9 -25.62 41.76 -6.77
CA ASN A 9 -25.96 43.17 -6.60
C ASN A 9 -26.01 43.56 -5.13
N THR A 10 -25.02 43.11 -4.37
CA THR A 10 -24.94 43.36 -2.95
C THR A 10 -23.82 44.36 -2.65
N ILE A 11 -23.68 44.68 -1.36
CA ILE A 11 -22.62 45.59 -0.93
C ILE A 11 -21.27 44.87 -0.97
N PHE A 12 -21.26 43.58 -0.59
CA PHE A 12 -20.07 42.75 -0.69
C PHE A 12 -19.64 42.53 -2.13
N SER A 13 -20.55 42.67 -3.09
CA SER A 13 -20.18 42.52 -4.49
C SER A 13 -19.38 43.70 -5.01
N GLU A 14 -19.52 44.88 -4.41
CA GLU A 14 -18.81 46.05 -4.89
C GLU A 14 -17.77 46.60 -3.93
N THR A 15 -17.76 46.16 -2.68
CA THR A 15 -16.74 46.58 -1.72
C THR A 15 -15.87 45.44 -1.21
N ARG A 16 -16.41 44.21 -1.19
CA ARG A 16 -15.74 43.00 -0.66
C ARG A 16 -15.31 43.17 0.78
N LYS A 17 -16.11 43.91 1.56
CA LYS A 17 -15.81 44.19 2.95
C LYS A 17 -17.04 43.91 3.80
N PHE A 18 -16.81 43.46 5.03
CA PHE A 18 -17.89 43.07 5.93
C PHE A 18 -18.25 44.24 6.82
N THR A 19 -19.19 45.05 6.37
CA THR A 19 -19.75 46.11 7.20
C THR A 19 -20.84 45.52 8.08
N ARG A 20 -21.65 46.37 8.71
CA ARG A 20 -22.73 45.89 9.55
C ARG A 20 -23.85 45.25 8.71
N GLU A 21 -24.15 45.83 7.56
CA GLU A 21 -25.26 45.38 6.74
C GLU A 21 -24.85 44.47 5.60
N SER A 22 -23.61 44.61 5.11
CA SER A 22 -23.14 43.70 4.08
C SER A 22 -22.98 42.29 4.62
N PHE A 23 -22.51 42.17 5.86
CA PHE A 23 -22.39 40.86 6.50
C PHE A 23 -23.75 40.27 6.79
N LYS A 24 -24.71 41.10 7.19
CA LYS A 24 -26.07 40.64 7.44
C LYS A 24 -26.73 40.16 6.16
N GLU A 25 -26.54 40.89 5.06
CA GLU A 25 -27.14 40.50 3.79
C GLU A 25 -26.49 39.22 3.24
N ILE A 26 -25.17 39.12 3.33
CA ILE A 26 -24.51 37.94 2.78
C ILE A 26 -24.71 36.73 3.69
N GLU A 27 -25.11 36.93 4.94
CA GLU A 27 -25.53 35.81 5.78
C GLU A 27 -26.98 35.43 5.51
N HIS A 28 -27.82 36.41 5.20
CA HIS A 28 -29.22 36.15 4.88
C HIS A 28 -29.37 35.42 3.55
N LEU A 29 -28.52 35.75 2.57
CA LEU A 29 -28.69 35.19 1.24
C LEU A 29 -28.04 33.83 1.07
N THR A 30 -26.89 33.58 1.71
CA THR A 30 -26.29 32.25 1.63
C THR A 30 -27.02 31.23 2.48
N ALA A 31 -27.71 31.67 3.54
CA ALA A 31 -28.58 30.76 4.27
C ALA A 31 -29.86 30.46 3.51
N LYS A 32 -30.23 31.32 2.55
CA LYS A 32 -31.32 31.00 1.65
C LYS A 32 -30.93 29.87 0.71
N LEU A 33 -29.70 29.88 0.19
CA LEU A 33 -29.26 28.89 -0.78
C LEU A 33 -28.87 27.56 -0.16
N ALA A 34 -28.79 27.47 1.16
CA ALA A 34 -28.44 26.21 1.78
C ALA A 34 -29.67 25.41 2.21
N ASN A 35 -30.76 26.08 2.56
CA ASN A 35 -31.87 25.41 3.21
C ASN A 35 -32.79 24.70 2.21
N ASP A 36 -33.45 25.46 1.34
CA ASP A 36 -34.47 24.90 0.48
C ASP A 36 -33.93 24.59 -0.92
N ARG A 37 -34.49 23.56 -1.54
CA ARG A 37 -34.14 23.18 -2.90
C ARG A 37 -34.98 23.90 -3.95
N VAL A 38 -35.84 24.82 -3.52
CA VAL A 38 -36.61 25.61 -4.46
C VAL A 38 -35.83 26.84 -4.89
N ALA A 39 -35.11 27.47 -3.95
CA ALA A 39 -34.35 28.67 -4.23
C ALA A 39 -33.06 28.39 -4.98
N ARG A 40 -32.50 27.19 -4.88
CA ARG A 40 -31.31 26.86 -5.66
C ARG A 40 -31.66 26.69 -7.13
N HIS A 41 -32.82 26.09 -7.41
CA HIS A 41 -33.28 25.97 -8.79
C HIS A 41 -33.59 27.34 -9.39
N ASP A 42 -34.02 28.28 -8.55
CA ASP A 42 -34.27 29.64 -9.02
C ASP A 42 -32.97 30.42 -9.17
N PHE A 43 -31.98 30.11 -8.34
CA PHE A 43 -30.69 30.81 -8.43
C PHE A 43 -29.90 30.37 -9.65
N LEU A 44 -29.84 29.05 -9.89
CA LEU A 44 -29.07 28.56 -11.03
C LEU A 44 -29.78 28.82 -12.35
N PHE A 45 -31.12 28.87 -12.34
CA PHE A 45 -31.90 28.96 -13.56
C PHE A 45 -32.94 30.06 -13.40
N ASN A 46 -32.89 31.07 -14.27
CA ASN A 46 -33.91 32.10 -14.26
C ASN A 46 -33.97 32.73 -15.65
N ASN A 47 -35.15 33.26 -16.00
CA ASN A 47 -35.35 33.84 -17.33
C ASN A 47 -34.66 35.19 -17.50
N SER A 48 -34.15 35.80 -16.42
CA SER A 48 -33.41 37.05 -16.57
C SER A 48 -32.06 36.81 -17.23
N ILE A 49 -31.52 35.60 -17.12
CA ILE A 49 -30.25 35.26 -17.76
C ILE A 49 -30.50 35.04 -19.24
N ALA A 50 -29.85 35.84 -20.08
CA ALA A 50 -29.91 35.65 -21.52
C ALA A 50 -28.73 34.78 -21.96
N LEU A 51 -29.03 33.75 -22.75
CA LEU A 51 -27.98 32.85 -23.21
C LEU A 51 -27.11 33.54 -24.25
N ILE A 52 -25.86 33.10 -24.33
CA ILE A 52 -24.93 33.62 -25.33
C ILE A 52 -24.45 32.47 -26.20
N SER A 53 -24.16 32.81 -27.45
CA SER A 53 -23.71 31.83 -28.43
C SER A 53 -22.27 32.10 -28.86
N ASP A 54 -21.99 33.28 -29.38
CA ASP A 54 -20.63 33.70 -29.68
C ASP A 54 -20.12 34.59 -28.56
N TYR A 55 -18.81 34.58 -28.36
CA TYR A 55 -18.20 35.32 -27.27
C TYR A 55 -16.76 35.63 -27.63
N SER A 56 -16.24 36.71 -27.05
CA SER A 56 -14.90 37.15 -27.35
C SER A 56 -14.30 37.84 -26.13
N GLY A 57 -13.05 37.55 -25.86
CA GLY A 57 -12.34 38.14 -24.74
C GLY A 57 -10.87 37.91 -24.95
N GLU A 58 -10.14 37.76 -23.85
CA GLU A 58 -8.71 37.50 -23.92
C GLU A 58 -8.39 36.11 -23.40
N ASP A 59 -7.24 35.60 -23.80
CA ASP A 59 -6.74 34.33 -23.30
C ASP A 59 -5.89 34.58 -22.06
N SER A 60 -5.09 33.59 -21.65
CA SER A 60 -4.30 33.67 -20.44
C SER A 60 -3.12 34.64 -20.51
N ASN A 61 -2.90 35.34 -21.63
CA ASN A 61 -1.82 36.30 -21.69
C ASN A 61 -2.29 37.68 -22.12
N GLY A 62 -3.38 37.74 -22.86
CA GLY A 62 -3.88 39.03 -23.28
C GLY A 62 -4.27 39.05 -24.75
N ASN A 63 -3.93 37.98 -25.46
CA ASN A 63 -4.29 37.87 -26.86
C ASN A 63 -5.78 37.63 -27.01
N GLN A 64 -6.39 38.28 -28.00
CA GLN A 64 -7.82 38.11 -28.24
C GLN A 64 -8.12 36.73 -28.81
N LEU A 65 -9.19 36.12 -28.34
CA LEU A 65 -9.56 34.78 -28.78
C LEU A 65 -11.07 34.68 -28.78
N GLN A 66 -11.61 34.02 -29.81
CA GLN A 66 -13.04 33.93 -30.05
C GLN A 66 -13.46 32.47 -29.98
N ALA A 67 -14.64 32.21 -29.40
CA ALA A 67 -15.14 30.86 -29.25
C ALA A 67 -16.66 30.88 -29.23
N THR A 68 -17.25 29.68 -29.21
CA THR A 68 -18.68 29.52 -29.41
C THR A 68 -19.19 28.38 -28.54
N VAL A 69 -20.28 28.63 -27.81
CA VAL A 69 -20.89 27.61 -26.96
C VAL A 69 -21.58 26.59 -27.86
N THR A 70 -21.01 25.38 -27.92
CA THR A 70 -21.52 24.32 -28.78
C THR A 70 -21.83 23.10 -27.93
N ILE A 71 -23.11 22.80 -27.75
CA ILE A 71 -23.52 21.56 -27.12
C ILE A 71 -23.61 20.53 -28.24
N PRO A 72 -23.03 19.35 -28.10
CA PRO A 72 -23.24 18.31 -29.11
C PRO A 72 -24.65 17.76 -29.02
N ASN A 73 -25.06 17.09 -30.10
CA ASN A 73 -26.39 16.51 -30.15
C ASN A 73 -26.50 15.29 -29.25
N GLU A 74 -25.39 14.61 -28.98
CA GLU A 74 -25.39 13.38 -28.21
C GLU A 74 -25.60 13.59 -26.72
N ILE A 75 -25.46 14.81 -26.22
CA ILE A 75 -25.78 15.11 -24.82
C ILE A 75 -27.23 15.55 -24.67
N THR A 76 -27.73 16.34 -25.62
CA THR A 76 -29.11 16.82 -25.56
C THR A 76 -30.10 15.69 -25.80
N ASN A 77 -29.90 14.92 -26.87
CA ASN A 77 -30.81 13.83 -27.26
C ASN A 77 -30.03 12.53 -27.28
N PRO A 78 -29.96 11.82 -26.14
CA PRO A 78 -29.12 10.63 -26.08
C PRO A 78 -29.75 9.46 -26.81
N LYS A 79 -28.90 8.49 -27.16
CA LYS A 79 -29.37 7.29 -27.81
C LYS A 79 -29.92 6.30 -26.79
N GLU A 80 -30.65 5.32 -27.27
CA GLU A 80 -31.13 4.24 -26.42
C GLU A 80 -29.95 3.33 -26.06
N TYR A 81 -30.15 2.54 -25.00
CA TYR A 81 -29.06 1.71 -24.50
C TYR A 81 -28.74 0.57 -25.45
N ASP A 82 -27.47 0.45 -25.81
CA ASP A 82 -26.99 -0.61 -26.67
C ASP A 82 -26.33 -1.67 -25.81
N PRO A 83 -26.85 -2.88 -25.75
CA PRO A 83 -26.22 -3.92 -24.92
C PRO A 83 -24.94 -4.49 -25.50
N SER A 84 -24.55 -4.12 -26.72
CA SER A 84 -23.30 -4.57 -27.29
C SER A 84 -22.11 -3.75 -26.82
N ASP A 85 -22.34 -2.67 -26.08
CA ASP A 85 -21.23 -1.87 -25.57
C ASP A 85 -20.52 -2.57 -24.41
N TYR A 86 -21.22 -3.45 -23.71
CA TYR A 86 -20.63 -4.25 -22.63
C TYR A 86 -20.88 -5.72 -22.96
N PRO A 87 -20.05 -6.32 -23.79
CA PRO A 87 -20.25 -7.73 -24.16
C PRO A 87 -19.69 -8.64 -23.07
N LEU A 88 -19.78 -9.95 -23.34
CA LEU A 88 -19.25 -10.95 -22.44
C LEU A 88 -18.45 -11.96 -23.25
N ALA A 89 -17.89 -12.95 -22.54
CA ALA A 89 -17.22 -14.06 -23.19
C ALA A 89 -18.27 -15.05 -23.70
N GLU A 90 -17.80 -16.12 -24.35
CA GLU A 90 -18.73 -17.12 -24.86
C GLU A 90 -19.31 -17.95 -23.74
N ASP A 91 -18.53 -18.26 -22.72
CA ASP A 91 -19.00 -19.06 -21.60
C ASP A 91 -19.67 -18.21 -20.53
N GLU A 92 -19.77 -16.90 -20.76
CA GLU A 92 -20.33 -15.90 -19.84
C GLU A 92 -19.64 -15.91 -18.48
N SER A 93 -18.36 -16.24 -18.46
CA SER A 93 -17.62 -16.29 -17.20
C SER A 93 -17.04 -14.94 -16.80
N PHE A 94 -16.88 -14.02 -17.76
CA PHE A 94 -16.32 -12.70 -17.51
C PHE A 94 -16.68 -11.85 -18.72
N PHE A 95 -16.33 -10.56 -18.66
CA PHE A 95 -16.43 -9.68 -19.81
C PHE A 95 -15.46 -10.12 -20.91
N LYS A 96 -15.66 -9.56 -22.10
CA LYS A 96 -14.86 -9.93 -23.26
C LYS A 96 -13.42 -9.45 -23.06
N GLN A 97 -12.50 -10.18 -23.70
CA GLN A 97 -11.06 -9.92 -23.57
C GLN A 97 -10.69 -8.51 -24.03
N GLY A 98 -10.98 -8.18 -25.28
CA GLY A 98 -10.61 -6.88 -25.80
C GLY A 98 -11.77 -5.91 -25.89
N HIS A 99 -12.61 -5.87 -24.86
CA HIS A 99 -13.80 -5.04 -24.91
C HIS A 99 -13.43 -3.56 -24.82
N LYS A 100 -14.12 -2.75 -25.63
CA LYS A 100 -13.68 -1.38 -25.86
C LYS A 100 -14.04 -0.46 -24.69
N TYR A 101 -15.33 -0.34 -24.40
CA TYR A 101 -15.80 0.63 -23.43
C TYR A 101 -15.53 0.12 -22.03
N ASP A 102 -14.53 0.71 -21.38
CA ASP A 102 -14.10 0.30 -20.05
C ASP A 102 -14.77 1.11 -18.96
N TYR A 103 -15.57 2.11 -19.33
CA TYR A 103 -16.19 3.03 -18.39
C TYR A 103 -17.63 3.26 -18.83
N LEU A 104 -18.26 4.28 -18.25
CA LEU A 104 -19.69 4.51 -18.48
C LEU A 104 -19.90 5.20 -19.82
N VAL A 105 -20.86 4.69 -20.59
CA VAL A 105 -21.15 5.17 -21.94
C VAL A 105 -22.31 6.14 -21.86
N THR A 106 -22.32 7.15 -22.73
CA THR A 106 -23.43 8.09 -22.83
C THR A 106 -24.63 7.42 -23.48
N PHE A 107 -25.71 7.23 -22.71
CA PHE A 107 -26.97 6.76 -23.25
C PHE A 107 -28.10 7.42 -22.48
N ARG A 108 -29.33 7.16 -22.89
CA ARG A 108 -30.50 7.77 -22.26
C ARG A 108 -30.76 7.09 -20.92
N ALA A 109 -30.94 7.90 -19.87
CA ALA A 109 -30.92 7.41 -18.49
C ALA A 109 -32.08 6.50 -18.14
N GLY A 110 -33.16 6.50 -18.92
CA GLY A 110 -34.24 5.57 -18.72
C GLY A 110 -34.23 4.37 -19.63
N SER A 111 -33.27 4.30 -20.55
CA SER A 111 -33.19 3.22 -21.53
C SER A 111 -32.59 1.95 -20.95
N LEU A 112 -32.05 2.00 -19.74
CA LEU A 112 -31.45 0.84 -19.10
C LEU A 112 -32.50 0.19 -18.22
N THR A 113 -33.25 -0.75 -18.80
CA THR A 113 -34.27 -1.48 -18.09
C THR A 113 -33.81 -2.90 -17.82
N ASN A 114 -34.53 -3.59 -16.94
CA ASN A 114 -34.19 -4.93 -16.49
C ASN A 114 -35.44 -5.79 -16.62
N THR A 115 -35.63 -6.38 -17.81
CA THR A 115 -36.77 -7.25 -18.07
C THR A 115 -36.40 -8.72 -18.00
N TYR A 116 -35.37 -9.07 -17.25
CA TYR A 116 -34.93 -10.45 -17.09
C TYR A 116 -35.42 -11.01 -15.76
N GLU A 117 -35.47 -12.33 -15.70
CA GLU A 117 -35.79 -13.03 -14.46
C GLU A 117 -34.65 -12.84 -13.47
N PRO A 118 -34.94 -12.69 -12.17
CA PRO A 118 -33.87 -12.66 -11.17
C PRO A 118 -33.11 -13.99 -11.11
N LYS A 119 -31.89 -13.90 -10.56
CA LYS A 119 -30.90 -14.97 -10.54
C LYS A 119 -30.62 -15.49 -11.96
N THR A 120 -30.21 -14.54 -12.81
CA THR A 120 -29.82 -14.80 -14.18
C THR A 120 -28.60 -13.93 -14.45
N LYS A 121 -27.73 -14.38 -15.35
CA LYS A 121 -26.47 -13.67 -15.62
C LYS A 121 -26.72 -12.26 -16.15
N MET A 122 -27.68 -12.12 -17.07
CA MET A 122 -27.99 -10.79 -17.60
C MET A 122 -28.70 -9.92 -16.57
N TYR A 123 -29.44 -10.54 -15.65
CA TYR A 123 -30.02 -9.80 -14.54
C TYR A 123 -28.93 -9.23 -13.64
N LYS A 124 -27.88 -10.03 -13.38
CA LYS A 124 -26.75 -9.55 -12.60
C LYS A 124 -26.02 -8.42 -13.30
N LEU A 125 -25.86 -8.54 -14.63
CA LEU A 125 -25.15 -7.51 -15.38
C LEU A 125 -25.94 -6.20 -15.41
N HIS A 126 -27.26 -6.27 -15.57
CA HIS A 126 -28.05 -5.04 -15.58
C HIS A 126 -28.20 -4.44 -14.18
N ALA A 127 -28.23 -5.27 -13.14
CA ALA A 127 -28.20 -4.73 -11.79
C ALA A 127 -26.87 -4.06 -11.47
N ALA A 128 -25.77 -4.58 -12.01
CA ALA A 128 -24.48 -3.95 -11.79
C ALA A 128 -24.33 -2.67 -12.61
N LEU A 129 -24.96 -2.61 -13.79
CA LEU A 129 -24.95 -1.34 -14.52
C LEU A 129 -25.85 -0.31 -13.85
N ASP A 130 -26.93 -0.75 -13.20
CA ASP A 130 -27.71 0.13 -12.34
C ASP A 130 -26.85 0.66 -11.20
N LYS A 131 -26.08 -0.22 -10.57
CA LYS A 131 -25.13 0.17 -9.53
C LYS A 131 -24.07 1.14 -10.06
N LEU A 132 -23.67 1.00 -11.32
CA LEU A 132 -22.68 1.91 -11.87
C LEU A 132 -23.28 3.27 -12.13
N MET A 133 -24.45 3.32 -12.75
CA MET A 133 -25.00 4.59 -13.21
C MET A 133 -25.58 5.40 -12.07
N HIS A 134 -26.19 4.75 -11.08
CA HIS A 134 -26.86 5.49 -10.03
C HIS A 134 -26.04 5.70 -8.78
N VAL A 135 -25.09 4.81 -8.48
CA VAL A 135 -24.35 4.85 -7.23
C VAL A 135 -22.91 5.30 -7.43
N LYS A 136 -22.23 4.77 -8.44
CA LYS A 136 -20.82 5.09 -8.65
C LYS A 136 -20.59 6.40 -9.41
N GLN A 137 -21.60 7.26 -9.54
CA GLN A 137 -21.37 8.60 -10.04
C GLN A 137 -21.47 9.68 -8.97
N ARG A 138 -22.02 9.39 -7.81
CA ARG A 138 -22.08 10.37 -6.74
C ARG A 138 -20.77 10.31 -5.96
N LYS A 139 -20.07 11.44 -5.90
CA LYS A 139 -18.73 11.48 -5.30
C LYS A 139 -18.46 12.75 -4.51
N SER A 140 -19.50 13.48 -4.10
CA SER A 140 -19.34 14.85 -3.61
C SER A 140 -18.59 14.89 -2.29
N ARG A 141 -17.74 15.90 -2.13
CA ARG A 141 -16.86 15.95 -0.97
C ARG A 141 -17.54 16.55 0.26
N PHE A 142 -18.26 17.65 0.12
CA PHE A 142 -18.80 18.36 1.26
C PHE A 142 -20.31 18.25 1.39
N ALA A 143 -21.05 18.64 0.37
CA ALA A 143 -22.51 18.72 0.47
C ALA A 143 -23.14 18.00 -0.70
N ASP A 144 -24.45 18.20 -0.91
CA ASP A 144 -25.10 17.70 -2.10
C ASP A 144 -24.54 18.40 -3.35
N LEU A 145 -24.65 17.72 -4.48
CA LEU A 145 -23.98 18.19 -5.69
C LEU A 145 -24.61 19.46 -6.27
N TRP A 146 -25.87 19.73 -5.95
CA TRP A 146 -26.46 21.00 -6.37
C TRP A 146 -26.16 22.13 -5.40
N ARG A 147 -25.64 21.83 -4.22
CA ARG A 147 -25.14 22.87 -3.33
C ARG A 147 -23.70 23.22 -3.65
N GLU A 148 -22.92 22.25 -4.15
CA GLU A 148 -21.56 22.54 -4.56
C GLU A 148 -21.47 23.26 -5.90
N LEU A 149 -22.55 23.33 -6.64
CA LEU A 149 -22.57 24.14 -7.85
C LEU A 149 -23.02 25.56 -7.57
N CYS A 150 -23.93 25.74 -6.62
CA CYS A 150 -24.36 27.08 -6.23
C CYS A 150 -23.23 27.88 -5.58
N ALA A 151 -22.31 27.21 -4.90
CA ALA A 151 -21.16 27.89 -4.32
C ALA A 151 -20.25 28.46 -5.40
N VAL A 152 -19.99 27.68 -6.44
CA VAL A 152 -19.14 28.12 -7.54
C VAL A 152 -19.82 29.25 -8.31
N ILE A 153 -21.12 29.10 -8.60
CA ILE A 153 -21.84 30.11 -9.35
C ILE A 153 -21.97 31.41 -8.55
N ALA A 154 -22.16 31.31 -7.23
CA ALA A 154 -22.25 32.49 -6.39
C ALA A 154 -20.91 33.20 -6.30
N SER A 155 -19.81 32.44 -6.21
CA SER A 155 -18.50 33.07 -6.12
C SER A 155 -18.13 33.77 -7.42
N LEU A 156 -18.47 33.17 -8.56
CA LEU A 156 -18.27 33.82 -9.85
C LEU A 156 -19.13 35.07 -9.99
N ASP A 157 -20.37 35.01 -9.49
CA ASP A 157 -21.27 36.17 -9.54
C ASP A 157 -20.76 37.33 -8.71
N VAL A 158 -20.23 37.05 -7.52
CA VAL A 158 -19.80 38.16 -6.68
C VAL A 158 -18.44 38.68 -7.12
N TRP A 159 -17.58 37.83 -7.68
CA TRP A 159 -16.30 38.32 -8.19
C TRP A 159 -16.50 39.18 -9.43
N TYR A 160 -17.20 38.67 -10.44
CA TYR A 160 -17.28 39.40 -11.69
C TYR A 160 -18.42 40.40 -11.76
N GLN A 161 -19.30 40.44 -10.75
CA GLN A 161 -20.40 41.39 -10.57
C GLN A 161 -21.46 41.34 -11.65
N THR A 162 -21.38 40.40 -12.58
CA THR A 162 -22.39 40.25 -13.62
C THR A 162 -22.89 38.82 -13.65
N THR A 163 -23.68 38.50 -14.66
CA THR A 163 -24.14 37.13 -14.88
C THR A 163 -23.84 36.65 -16.30
N ASN A 164 -23.65 37.55 -17.26
CA ASN A 164 -23.39 37.14 -18.64
C ASN A 164 -21.93 36.67 -18.81
N TYR A 165 -21.63 35.55 -18.18
CA TYR A 165 -20.42 34.78 -18.41
C TYR A 165 -20.83 33.37 -18.81
N PRO A 166 -20.06 32.70 -19.68
CA PRO A 166 -20.59 31.53 -20.41
C PRO A 166 -20.88 30.30 -19.56
N LEU A 167 -20.37 30.22 -18.34
CA LEU A 167 -20.60 29.02 -17.54
C LEU A 167 -22.05 28.95 -17.08
N ARG A 168 -22.70 30.11 -16.90
CA ARG A 168 -24.13 30.13 -16.64
C ARG A 168 -24.92 29.58 -17.81
N THR A 169 -24.47 29.88 -19.03
CA THR A 169 -25.15 29.36 -20.21
C THR A 169 -24.96 27.85 -20.33
N TYR A 170 -23.78 27.35 -19.96
CA TYR A 170 -23.61 25.89 -19.94
C TYR A 170 -24.48 25.23 -18.87
N VAL A 171 -24.61 25.85 -17.70
CA VAL A 171 -25.46 25.32 -16.64
C VAL A 171 -26.92 25.27 -17.11
N LYS A 172 -27.39 26.35 -17.75
CA LYS A 172 -28.79 26.38 -18.19
C LYS A 172 -29.04 25.45 -19.36
N LEU A 173 -28.09 25.34 -20.29
CA LEU A 173 -28.28 24.43 -21.41
C LEU A 173 -28.15 22.97 -21.03
N LEU A 174 -27.44 22.64 -19.95
CA LEU A 174 -27.26 21.24 -19.61
C LEU A 174 -28.20 20.74 -18.52
N PHE A 175 -28.70 21.62 -17.64
CA PHE A 175 -29.42 21.12 -16.48
C PHE A 175 -30.80 21.71 -16.27
N HIS A 176 -31.24 22.66 -17.10
CA HIS A 176 -32.60 23.18 -16.97
C HIS A 176 -33.53 22.26 -17.75
N LYS A 177 -33.92 21.18 -17.10
CA LYS A 177 -34.85 20.20 -17.66
C LYS A 177 -36.09 20.21 -16.75
N GLY A 178 -37.05 21.06 -17.09
CA GLY A 178 -38.27 21.14 -16.33
C GLY A 178 -38.22 22.21 -15.25
N ASP A 179 -39.23 22.16 -14.38
CA ASP A 179 -39.35 23.09 -13.27
C ASP A 179 -38.74 22.56 -11.99
N GLU A 180 -38.08 21.41 -12.04
CA GLU A 180 -37.31 20.87 -10.93
C GLU A 180 -35.92 20.54 -11.42
N PHE A 181 -35.10 19.97 -10.54
CA PHE A 181 -33.82 19.45 -10.98
C PHE A 181 -34.03 18.16 -11.76
N PRO A 182 -33.15 17.86 -12.72
CA PRO A 182 -33.26 16.57 -13.44
C PRO A 182 -33.04 15.38 -12.56
N PHE A 183 -32.30 15.54 -11.46
CA PHE A 183 -31.93 14.44 -10.59
C PHE A 183 -31.48 15.00 -9.26
N TYR A 184 -31.28 14.12 -8.30
CA TYR A 184 -30.83 14.48 -6.97
C TYR A 184 -30.22 13.24 -6.34
N GLU A 185 -29.35 13.46 -5.36
CA GLU A 185 -28.76 12.36 -4.62
C GLU A 185 -29.39 12.30 -3.24
N SER A 186 -29.73 11.08 -2.81
CA SER A 186 -30.36 10.91 -1.52
C SER A 186 -29.47 10.12 -0.59
N PRO A 187 -29.16 10.65 0.59
CA PRO A 187 -28.38 9.87 1.56
C PRO A 187 -29.16 8.74 2.19
N SER A 188 -30.48 8.73 2.06
CA SER A 188 -31.28 7.63 2.62
C SER A 188 -31.15 6.37 1.79
N GLN A 189 -31.12 6.51 0.46
CA GLN A 189 -30.98 5.38 -0.43
C GLN A 189 -29.55 5.18 -0.93
N ASP A 190 -28.68 6.16 -0.68
CA ASP A 190 -27.27 6.17 -1.11
C ASP A 190 -27.12 6.02 -2.62
N LYS A 191 -27.98 6.71 -3.37
CA LYS A 191 -27.92 6.67 -4.82
C LYS A 191 -28.57 7.92 -5.38
N ILE A 192 -28.44 8.09 -6.69
CA ILE A 192 -29.02 9.22 -7.41
C ILE A 192 -30.36 8.80 -7.98
N ILE A 193 -31.39 9.63 -7.78
CA ILE A 193 -32.72 9.37 -8.30
C ILE A 193 -32.95 10.28 -9.50
N PHE A 194 -33.22 9.68 -10.66
CA PHE A 194 -33.47 10.43 -11.87
C PHE A 194 -34.94 10.84 -11.93
N ASN A 195 -35.20 12.15 -11.99
CA ASN A 195 -36.57 12.61 -12.15
C ASN A 195 -36.98 12.62 -13.62
N ASP A 196 -36.08 13.04 -14.50
CA ASP A 196 -36.32 12.99 -15.94
C ASP A 196 -35.50 11.82 -16.51
N LYS A 197 -36.19 10.79 -16.97
CA LYS A 197 -35.50 9.63 -17.53
C LYS A 197 -34.95 9.90 -18.93
N SER A 198 -35.30 11.00 -19.56
CA SER A 198 -34.84 11.33 -20.91
C SER A 198 -33.49 12.01 -20.91
N VAL A 199 -32.88 12.23 -19.75
CA VAL A 199 -31.61 12.94 -19.64
C VAL A 199 -30.50 11.92 -19.92
N ALA A 200 -29.27 12.39 -20.09
CA ALA A 200 -28.17 11.48 -20.41
C ALA A 200 -27.75 10.69 -19.17
N SER A 201 -26.82 9.76 -19.37
CA SER A 201 -26.33 8.91 -18.29
C SER A 201 -25.08 9.47 -17.64
N ILE A 202 -24.17 10.04 -18.43
CA ILE A 202 -22.96 10.68 -17.90
C ILE A 202 -23.25 12.08 -17.37
N LEU A 203 -24.49 12.54 -17.54
CA LEU A 203 -24.87 13.89 -17.15
C LEU A 203 -24.75 14.24 -15.65
N PRO A 204 -24.87 13.32 -14.68
CA PRO A 204 -24.55 13.71 -13.30
C PRO A 204 -23.09 14.06 -13.02
N THR A 205 -22.14 13.67 -13.87
CA THR A 205 -20.75 14.03 -13.64
C THR A 205 -20.39 15.41 -14.17
N PHE A 206 -21.22 15.96 -15.05
CA PHE A 206 -20.95 17.31 -15.54
C PHE A 206 -21.27 18.38 -14.51
N VAL A 207 -21.98 18.04 -13.43
CA VAL A 207 -22.07 18.95 -12.29
C VAL A 207 -20.68 19.18 -11.72
N TYR A 208 -19.93 18.10 -11.49
CA TYR A 208 -18.58 18.22 -10.97
C TYR A 208 -17.63 18.83 -11.98
N THR A 209 -17.87 18.56 -13.28
CA THR A 209 -17.06 19.20 -14.31
C THR A 209 -17.27 20.71 -14.35
N CYS A 210 -18.52 21.17 -14.22
CA CYS A 210 -18.78 22.61 -14.17
C CYS A 210 -18.20 23.24 -12.91
N CYS A 211 -18.25 22.51 -11.78
CA CYS A 211 -17.61 22.97 -10.55
C CYS A 211 -16.10 23.13 -10.73
N GLN A 212 -15.46 22.20 -11.44
CA GLN A 212 -14.02 22.28 -11.62
C GLN A 212 -13.64 23.39 -12.59
N VAL A 213 -14.45 23.62 -13.63
CA VAL A 213 -14.15 24.69 -14.57
C VAL A 213 -14.34 26.05 -13.91
N GLY A 214 -15.35 26.18 -13.04
CA GLY A 214 -15.49 27.40 -12.27
C GLY A 214 -14.38 27.59 -11.25
N THR A 215 -13.86 26.50 -10.69
CA THR A 215 -12.70 26.57 -9.81
C THR A 215 -11.46 27.03 -10.58
N ALA A 216 -11.32 26.60 -11.83
CA ALA A 216 -10.20 27.05 -12.64
C ALA A 216 -10.34 28.49 -13.07
N ILE A 217 -11.57 28.98 -13.26
CA ILE A 217 -11.76 30.41 -13.54
C ILE A 217 -11.44 31.23 -12.31
N MET A 218 -11.87 30.76 -11.13
CA MET A 218 -11.48 31.40 -9.87
C MET A 218 -9.98 31.33 -9.63
N SER A 219 -9.31 30.34 -10.21
CA SER A 219 -7.88 30.17 -10.04
C SER A 219 -7.08 31.26 -10.76
N GLY A 220 -7.63 31.82 -11.82
CA GLY A 220 -6.86 32.63 -12.72
C GLY A 220 -6.25 31.85 -13.85
N ILE A 221 -6.51 30.55 -13.92
CA ILE A 221 -5.93 29.72 -14.96
C ILE A 221 -6.68 29.91 -16.27
N LEU A 222 -8.00 29.75 -16.23
CA LEU A 222 -8.83 29.92 -17.41
C LEU A 222 -9.48 31.28 -17.40
N THR A 223 -9.67 31.84 -18.58
CA THR A 223 -10.54 32.99 -18.77
C THR A 223 -11.93 32.46 -19.12
N HIS A 224 -12.84 33.35 -19.54
CA HIS A 224 -14.16 32.88 -19.89
C HIS A 224 -14.18 32.23 -21.28
N VAL A 225 -13.38 32.76 -22.20
CA VAL A 225 -13.31 32.17 -23.53
C VAL A 225 -12.60 30.82 -23.46
N GLU A 226 -11.59 30.72 -22.60
CA GLU A 226 -10.94 29.44 -22.37
C GLU A 226 -11.85 28.48 -21.63
N SER A 227 -12.82 29.00 -20.86
CA SER A 227 -13.82 28.11 -20.29
C SER A 227 -14.77 27.58 -21.34
N ILE A 228 -15.05 28.39 -22.37
CA ILE A 228 -15.83 27.90 -23.51
C ILE A 228 -15.08 26.78 -24.22
N VAL A 229 -13.77 26.97 -24.44
CA VAL A 229 -12.96 25.94 -25.10
C VAL A 229 -12.90 24.68 -24.25
N ALA A 230 -12.79 24.84 -22.92
CA ALA A 230 -12.71 23.70 -22.02
C ALA A 230 -14.02 22.92 -21.98
N MET A 231 -15.15 23.61 -21.84
CA MET A 231 -16.44 22.93 -21.78
C MET A 231 -16.81 22.31 -23.12
N ASN A 232 -16.41 22.92 -24.24
CA ASN A 232 -16.58 22.28 -25.54
C ASN A 232 -15.76 20.99 -25.63
N HIS A 233 -14.56 21.01 -25.08
CA HIS A 233 -13.73 19.79 -25.08
C HIS A 233 -14.33 18.69 -24.22
N PHE A 234 -14.82 19.05 -23.02
CA PHE A 234 -15.39 18.04 -22.14
C PHE A 234 -16.74 17.55 -22.63
N LEU A 235 -17.47 18.35 -23.40
CA LEU A 235 -18.69 17.83 -24.01
C LEU A 235 -18.43 17.05 -25.29
N HIS A 236 -17.31 17.31 -25.96
CA HIS A 236 -16.90 16.47 -27.08
C HIS A 236 -16.41 15.11 -26.61
N CYS A 237 -15.78 15.05 -25.43
CA CYS A 237 -15.28 13.78 -24.94
C CYS A 237 -16.39 12.84 -24.51
N ALA A 238 -17.55 13.37 -24.15
CA ALA A 238 -18.68 12.56 -23.75
C ALA A 238 -19.58 12.17 -24.91
N LYS A 239 -19.15 12.41 -26.14
CA LYS A 239 -19.96 12.12 -27.31
C LYS A 239 -20.12 10.63 -27.52
N ASP A 240 -19.09 9.84 -27.17
CA ASP A 240 -19.14 8.39 -27.24
C ASP A 240 -19.00 7.76 -25.85
N SER A 241 -17.92 8.07 -25.15
CA SER A 241 -17.67 7.59 -23.80
C SER A 241 -16.71 8.56 -23.15
N TYR A 242 -17.07 9.06 -21.97
CA TYR A 242 -16.42 10.26 -21.46
C TYR A 242 -15.04 9.96 -20.89
N ILE A 243 -14.94 8.95 -20.04
CA ILE A 243 -13.67 8.66 -19.37
C ILE A 243 -12.68 8.03 -20.34
N ASP A 244 -13.17 7.22 -21.27
CA ASP A 244 -12.31 6.59 -22.28
C ASP A 244 -11.69 7.63 -23.20
N GLU A 245 -12.51 8.57 -23.69
CA GLU A 245 -11.98 9.64 -24.54
C GLU A 245 -11.13 10.62 -23.75
N LYS A 246 -11.36 10.76 -22.44
CA LYS A 246 -10.45 11.56 -21.63
C LYS A 246 -9.09 10.90 -21.49
N LEU A 247 -9.06 9.60 -21.24
CA LEU A 247 -7.80 8.91 -21.03
C LEU A 247 -7.06 8.67 -22.35
N LYS A 248 -7.75 8.73 -23.49
CA LYS A 248 -7.09 8.45 -24.76
C LYS A 248 -6.21 9.62 -25.21
N ILE A 249 -6.60 10.85 -24.91
CA ILE A 249 -5.82 12.02 -25.26
C ILE A 249 -5.35 12.75 -24.00
N LYS A 250 -5.11 11.98 -22.94
CA LYS A 250 -4.76 12.58 -21.66
C LYS A 250 -3.33 13.12 -21.67
N GLY A 251 -2.45 12.56 -22.48
CA GLY A 251 -1.06 12.99 -22.51
C GLY A 251 -0.69 13.71 -23.79
N ILE A 252 -1.52 13.56 -24.82
CA ILE A 252 -1.27 14.24 -26.09
C ILE A 252 -1.48 15.73 -25.96
N GLY A 253 -2.57 16.14 -25.29
CA GLY A 253 -2.88 17.53 -25.09
C GLY A 253 -2.09 18.24 -24.02
N ARG A 254 -1.14 17.55 -23.39
CA ARG A 254 -0.27 18.12 -22.38
C ARG A 254 1.17 18.28 -22.84
N SER A 255 1.72 17.30 -23.56
CA SER A 255 3.14 17.23 -23.88
C SER A 255 3.56 18.10 -25.05
N TRP A 256 2.72 19.04 -25.48
CA TRP A 256 3.11 19.98 -26.53
C TRP A 256 4.04 21.06 -26.02
N TYR A 257 4.16 21.23 -24.69
CA TYR A 257 4.82 22.41 -24.13
C TYR A 257 6.31 22.44 -24.39
N GLN A 258 6.92 21.28 -24.62
CA GLN A 258 8.33 21.19 -24.94
C GLN A 258 8.61 21.86 -26.28
N GLU A 259 7.68 21.73 -27.23
CA GLU A 259 7.83 22.39 -28.53
C GLU A 259 7.64 23.90 -28.42
N ALA A 260 6.70 24.34 -27.58
CA ALA A 260 6.49 25.77 -27.38
C ALA A 260 7.70 26.40 -26.71
N LEU A 261 8.30 25.69 -25.76
CA LEU A 261 9.47 26.22 -25.08
C LEU A 261 10.70 26.15 -25.98
N HIS A 262 10.70 25.25 -26.96
CA HIS A 262 11.71 25.29 -28.01
C HIS A 262 11.53 26.51 -28.91
N ASN A 263 10.30 26.77 -29.34
CA ASN A 263 10.05 27.84 -30.29
C ASN A 263 10.14 29.22 -29.67
N VAL A 264 10.07 29.33 -28.34
CA VAL A 264 10.45 30.57 -27.67
C VAL A 264 11.93 30.86 -27.91
N GLY A 265 12.79 29.91 -27.57
CA GLY A 265 14.19 29.97 -27.94
C GLY A 265 15.04 30.94 -27.17
N ARG A 266 14.49 31.63 -26.17
CA ARG A 266 15.24 32.64 -25.43
C ARG A 266 14.55 32.86 -24.09
N ALA A 267 15.28 32.64 -23.01
CA ALA A 267 14.67 32.76 -21.69
C ALA A 267 15.67 33.37 -20.72
N THR A 268 15.16 34.20 -19.82
CA THR A 268 15.92 34.76 -18.71
C THR A 268 15.34 34.22 -17.41
N VAL A 269 16.10 33.36 -16.75
CA VAL A 269 15.59 32.44 -15.74
C VAL A 269 16.35 32.70 -14.45
N PRO A 270 15.82 32.29 -13.30
CA PRO A 270 16.63 32.33 -12.08
C PRO A 270 17.70 31.25 -12.06
N VAL A 271 18.72 31.49 -11.23
CA VAL A 271 19.86 30.59 -11.09
C VAL A 271 19.95 30.21 -9.62
N TRP A 272 19.85 28.93 -9.35
CA TRP A 272 19.81 28.42 -7.99
C TRP A 272 21.16 27.88 -7.58
N SER A 273 21.43 27.94 -6.28
CA SER A 273 22.72 27.57 -5.76
C SER A 273 22.71 26.11 -5.32
N GLN A 274 23.83 25.67 -4.76
CA GLN A 274 23.97 24.34 -4.21
C GLN A 274 23.30 24.21 -2.86
N PHE A 275 22.90 25.32 -2.26
CA PHE A 275 22.49 25.39 -0.87
C PHE A 275 21.11 26.02 -0.73
N ASN A 276 20.25 25.81 -1.73
CA ASN A 276 18.85 26.24 -1.77
C ASN A 276 18.73 27.77 -1.67
N GLU A 277 19.40 28.45 -2.58
CA GLU A 277 19.43 29.91 -2.62
C GLU A 277 19.40 30.39 -4.05
N VAL A 278 18.76 31.53 -4.27
CA VAL A 278 18.79 32.21 -5.56
C VAL A 278 19.99 33.14 -5.57
N ILE A 279 20.95 32.89 -6.46
CA ILE A 279 22.19 33.65 -6.48
C ILE A 279 22.40 34.42 -7.77
N GLY A 280 21.54 34.29 -8.77
CA GLY A 280 21.74 35.03 -9.99
C GLY A 280 20.60 34.81 -10.95
N HIS A 281 20.70 35.47 -12.10
CA HIS A 281 19.81 35.20 -13.21
C HIS A 281 20.63 35.20 -14.49
N ARG A 282 20.32 34.28 -15.41
CA ARG A 282 21.07 34.16 -16.63
C ARG A 282 20.13 34.04 -17.81
N THR A 283 20.66 34.33 -19.00
CA THR A 283 19.90 34.30 -20.23
C THR A 283 20.47 33.19 -21.12
N LYS A 284 19.61 32.31 -21.62
CA LYS A 284 20.10 31.13 -22.30
C LYS A 284 19.07 30.63 -23.28
N THR A 285 19.56 29.91 -24.30
CA THR A 285 18.68 29.33 -25.30
C THR A 285 17.97 28.11 -24.73
N THR A 286 16.70 27.97 -25.08
CA THR A 286 15.91 26.81 -24.72
C THR A 286 15.77 25.83 -25.87
N SER A 287 16.66 25.92 -26.86
CA SER A 287 16.53 25.11 -28.07
C SER A 287 16.96 23.68 -27.79
N GLU A 288 16.06 22.74 -28.05
CA GLU A 288 16.26 21.32 -27.78
C GLU A 288 17.31 20.73 -28.74
N PRO A 289 17.93 19.59 -28.37
CA PRO A 289 18.88 18.96 -29.29
C PRO A 289 18.21 18.29 -30.48
N HIS A 290 19.03 17.64 -31.31
CA HIS A 290 18.53 17.10 -32.57
C HIS A 290 17.69 15.85 -32.37
N PHE A 291 17.94 15.10 -31.30
CA PHE A 291 17.19 13.88 -31.03
C PHE A 291 15.87 14.14 -30.31
N VAL A 292 15.68 15.33 -29.77
CA VAL A 292 14.40 15.70 -29.17
C VAL A 292 13.44 16.24 -30.22
N SER A 293 13.96 17.02 -31.18
CA SER A 293 13.16 17.59 -32.24
C SER A 293 12.61 16.56 -33.21
N SER A 294 13.14 15.33 -33.21
CA SER A 294 12.59 14.29 -34.07
C SER A 294 11.31 13.68 -33.53
N THR A 295 11.02 13.86 -32.24
CA THR A 295 9.75 13.39 -31.69
C THR A 295 8.62 14.37 -31.97
N PHE A 296 8.95 15.63 -32.27
CA PHE A 296 7.95 16.64 -32.49
C PHE A 296 7.10 16.34 -33.71
N ILE A 297 7.66 15.67 -34.72
CA ILE A 297 6.92 15.35 -35.93
C ILE A 297 5.84 14.31 -35.66
N SER A 298 6.20 13.25 -34.92
CA SER A 298 5.22 12.24 -34.53
C SER A 298 4.15 12.82 -33.63
N LEU A 299 4.54 13.69 -32.69
CA LEU A 299 3.54 14.30 -31.82
C LEU A 299 2.64 15.28 -32.56
N ARG A 300 3.17 15.98 -33.57
CA ARG A 300 2.32 16.84 -34.42
C ARG A 300 1.30 16.02 -35.20
N ALA A 301 1.74 14.89 -35.75
CA ALA A 301 0.81 14.04 -36.53
C ALA A 301 -0.28 13.46 -35.64
N LYS A 302 0.09 12.97 -34.46
CA LYS A 302 -0.90 12.38 -33.57
C LYS A 302 -1.82 13.44 -32.97
N ARG A 303 -1.28 14.63 -32.71
CA ARG A 303 -2.07 15.76 -32.26
C ARG A 303 -3.05 16.24 -33.33
N ALA A 304 -2.67 16.13 -34.60
CA ALA A 304 -3.56 16.53 -35.67
C ALA A 304 -4.65 15.51 -35.93
N GLU A 305 -4.37 14.21 -35.78
CA GLU A 305 -5.37 13.19 -36.08
C GLU A 305 -6.09 12.65 -34.85
N LEU A 306 -5.85 13.19 -33.65
CA LEU A 306 -6.61 12.70 -32.50
C LEU A 306 -7.50 13.74 -31.83
N LEU A 307 -7.07 14.99 -31.72
CA LEU A 307 -7.75 15.91 -30.82
C LEU A 307 -8.98 16.54 -31.46
N TYR A 308 -9.80 17.12 -30.60
CA TYR A 308 -10.88 17.99 -31.04
C TYR A 308 -10.28 19.24 -31.67
N PRO A 309 -10.71 19.64 -32.86
CA PRO A 309 -9.93 20.62 -33.64
C PRO A 309 -9.94 22.04 -33.07
N GLU A 310 -10.88 22.39 -32.20
CA GLU A 310 -10.77 23.68 -31.52
C GLU A 310 -9.67 23.66 -30.48
N PHE A 311 -9.57 22.58 -29.71
CA PHE A 311 -8.50 22.44 -28.74
C PHE A 311 -7.15 22.26 -29.43
N ASN A 312 -7.15 21.62 -30.60
CA ASN A 312 -5.93 21.54 -31.39
C ASN A 312 -5.53 22.91 -31.94
N GLU A 313 -6.51 23.72 -32.32
CA GLU A 313 -6.23 25.09 -32.73
C GLU A 313 -5.70 25.91 -31.55
N TYR A 314 -6.20 25.63 -30.35
CA TYR A 314 -5.70 26.33 -29.17
C TYR A 314 -4.27 25.94 -28.85
N ILE A 315 -3.92 24.67 -29.07
CA ILE A 315 -2.54 24.23 -28.86
C ILE A 315 -1.60 24.82 -29.90
N ASN A 316 -2.03 24.88 -31.16
CA ASN A 316 -1.21 25.52 -32.19
C ASN A 316 -1.07 27.02 -31.96
N ARG A 317 -2.12 27.67 -31.45
CA ARG A 317 -2.05 29.05 -31.03
C ARG A 317 -1.05 29.24 -29.89
N ALA A 318 -1.02 28.30 -28.95
CA ALA A 318 -0.09 28.38 -27.84
C ALA A 318 1.35 28.15 -28.30
N LEU A 319 1.55 27.28 -29.28
CA LEU A 319 2.89 27.06 -29.82
C LEU A 319 3.36 28.26 -30.62
N ARG A 320 2.44 28.97 -31.27
CA ARG A 320 2.80 30.02 -32.19
C ARG A 320 2.95 31.39 -31.52
N LEU A 321 2.12 31.71 -30.54
CA LEU A 321 2.04 33.06 -30.01
C LEU A 321 2.74 33.27 -28.67
N SER A 322 3.50 32.29 -28.19
CA SER A 322 4.19 32.44 -26.91
C SER A 322 5.56 33.08 -27.13
N LYS A 323 5.86 34.12 -26.35
CA LYS A 323 7.09 34.88 -26.51
C LYS A 323 8.12 34.62 -25.41
N THR A 324 7.69 34.44 -24.16
CA THR A 324 8.60 34.16 -23.06
C THR A 324 8.28 32.80 -22.46
N GLN A 325 8.97 32.46 -21.36
CA GLN A 325 8.70 31.21 -20.67
C GLN A 325 7.40 31.29 -19.88
N ASN A 326 7.05 32.48 -19.40
CA ASN A 326 5.82 32.67 -18.65
C ASN A 326 4.61 32.42 -19.51
N ASP A 327 4.67 32.79 -20.79
CA ASP A 327 3.57 32.52 -21.71
C ASP A 327 3.36 31.03 -21.89
N VAL A 328 4.45 30.27 -21.99
CA VAL A 328 4.36 28.82 -22.12
C VAL A 328 3.81 28.21 -20.85
N ALA A 329 4.20 28.74 -19.68
CA ALA A 329 3.67 28.25 -18.41
C ALA A 329 2.18 28.51 -18.27
N ASN A 330 1.73 29.68 -18.73
CA ASN A 330 0.32 30.04 -18.63
C ASN A 330 -0.54 29.19 -19.57
N TYR A 331 -0.10 29.03 -20.82
CA TYR A 331 -0.83 28.16 -21.74
C TYR A 331 -0.78 26.69 -21.30
N TYR A 332 0.31 26.27 -20.65
CA TYR A 332 0.38 24.90 -20.19
C TYR A 332 -0.56 24.64 -19.03
N ALA A 333 -0.68 25.61 -18.10
CA ALA A 333 -1.64 25.47 -17.02
C ALA A 333 -3.07 25.49 -17.54
N ALA A 334 -3.33 26.30 -18.57
CA ALA A 334 -4.67 26.32 -19.17
C ALA A 334 -5.00 25.01 -19.85
N CYS A 335 -4.03 24.40 -20.53
CA CYS A 335 -4.30 23.10 -21.15
C CYS A 335 -4.37 21.98 -20.11
N ARG A 336 -3.69 22.14 -18.97
CA ARG A 336 -3.92 21.23 -17.85
C ARG A 336 -5.34 21.34 -17.33
N ALA A 337 -5.90 22.55 -17.34
CA ALA A 337 -7.29 22.71 -16.92
C ALA A 337 -8.26 22.20 -17.98
N MET A 338 -7.84 22.19 -19.25
CA MET A 338 -8.70 21.71 -20.32
C MET A 338 -8.65 20.19 -20.52
N THR A 339 -7.59 19.52 -20.07
CA THR A 339 -7.51 18.07 -20.25
C THR A 339 -7.92 17.27 -19.03
N ASN A 340 -7.89 17.84 -17.84
CA ASN A 340 -8.22 17.12 -16.62
C ASN A 340 -9.56 17.59 -16.09
N ASP A 341 -10.33 16.65 -15.55
CA ASP A 341 -11.69 16.91 -15.11
C ASP A 341 -11.77 17.25 -13.63
N GLY A 342 -10.79 16.85 -12.84
CA GLY A 342 -10.88 17.06 -11.41
C GLY A 342 -11.86 16.15 -10.72
N THR A 343 -12.26 15.06 -11.35
CA THR A 343 -13.11 14.07 -10.74
C THR A 343 -12.31 12.79 -10.53
N PHE A 344 -12.78 11.96 -9.61
CA PHE A 344 -12.16 10.66 -9.41
C PHE A 344 -12.80 9.66 -10.36
N LEU A 345 -11.97 8.93 -11.08
CA LEU A 345 -12.39 8.10 -12.20
C LEU A 345 -12.71 6.71 -11.68
N ALA A 346 -13.98 6.33 -11.72
CA ALA A 346 -14.40 5.07 -11.11
C ALA A 346 -15.55 4.42 -11.87
N THR A 347 -15.45 3.12 -12.07
CA THR A 347 -16.54 2.26 -12.50
C THR A 347 -16.46 0.96 -11.73
N LEU A 348 -17.20 -0.04 -12.22
CA LEU A 348 -17.14 -1.38 -11.69
C LEU A 348 -15.75 -1.96 -11.89
N THR A 349 -15.21 -2.59 -10.85
CA THR A 349 -13.86 -3.11 -10.96
C THR A 349 -13.79 -4.39 -11.78
N GLU A 350 -14.93 -5.02 -12.09
CA GLU A 350 -14.94 -6.10 -13.07
C GLU A 350 -14.61 -5.57 -14.45
N LEU A 351 -14.91 -4.30 -14.72
CA LEU A 351 -14.53 -3.69 -15.97
C LEU A 351 -13.05 -3.35 -16.01
N SER A 352 -12.58 -2.61 -15.01
CA SER A 352 -11.23 -2.06 -15.02
C SER A 352 -10.16 -3.02 -14.50
N LEU A 353 -10.56 -4.24 -14.10
CA LEU A 353 -9.60 -5.22 -13.61
C LEU A 353 -8.59 -5.61 -14.70
N ASP A 354 -9.09 -5.90 -15.89
CA ASP A 354 -8.26 -6.43 -16.98
C ASP A 354 -7.33 -5.38 -17.56
N ALA A 355 -7.51 -4.10 -17.22
CA ALA A 355 -6.60 -3.05 -17.64
C ALA A 355 -5.82 -2.43 -16.51
N ALA A 356 -6.14 -2.75 -15.25
CA ALA A 356 -5.37 -2.22 -14.13
C ALA A 356 -4.50 -3.24 -13.42
N VAL A 357 -4.79 -4.54 -13.51
CA VAL A 357 -4.05 -5.49 -12.69
C VAL A 357 -3.61 -6.70 -13.50
N PHE A 358 -3.99 -6.76 -14.78
CA PHE A 358 -3.65 -7.93 -15.58
C PHE A 358 -2.17 -7.88 -15.98
N PRO A 359 -1.43 -8.96 -15.82
CA PRO A 359 0.02 -8.92 -16.10
C PRO A 359 0.31 -8.89 -17.58
N ARG A 360 1.44 -8.29 -17.93
CA ARG A 360 1.79 -8.12 -19.33
C ARG A 360 3.28 -8.30 -19.55
N ILE A 361 3.61 -8.87 -20.70
CA ILE A 361 4.99 -9.00 -21.16
C ILE A 361 5.18 -8.05 -22.33
N GLU A 362 6.07 -7.08 -22.17
CA GLU A 362 6.24 -6.04 -23.17
C GLU A 362 7.52 -6.24 -23.99
N GLN A 363 8.64 -6.48 -23.34
CA GLN A 363 9.94 -6.57 -23.98
C GLN A 363 10.45 -7.99 -23.79
N ARG A 364 11.73 -8.18 -24.08
CA ARG A 364 12.36 -9.49 -24.07
C ARG A 364 12.36 -10.13 -22.67
N LEU A 365 12.49 -11.44 -22.66
CA LEU A 365 12.31 -12.24 -21.45
C LEU A 365 13.50 -12.10 -20.51
N VAL A 366 13.29 -12.52 -19.27
CA VAL A 366 14.32 -12.50 -18.23
C VAL A 366 14.63 -13.93 -17.84
N THR A 367 15.90 -14.28 -17.83
CA THR A 367 16.32 -15.65 -17.56
C THR A 367 16.64 -15.83 -16.09
N ARG A 368 17.06 -17.03 -15.72
CA ARG A 368 17.28 -17.39 -14.34
C ARG A 368 18.75 -17.39 -13.99
N PRO A 369 19.10 -17.25 -12.71
CA PRO A 369 20.49 -17.44 -12.30
C PRO A 369 20.78 -18.90 -11.98
N ALA A 370 22.06 -19.23 -12.03
CA ALA A 370 22.49 -20.58 -11.69
C ALA A 370 22.36 -20.82 -10.20
N VAL A 371 21.62 -21.86 -9.83
CA VAL A 371 21.44 -22.23 -8.43
C VAL A 371 22.72 -22.88 -7.94
N LEU A 372 23.31 -22.33 -6.88
CA LEU A 372 24.58 -22.81 -6.36
C LEU A 372 24.42 -23.60 -5.07
N MET A 373 23.28 -23.51 -4.40
CA MET A 373 23.09 -24.17 -3.12
C MET A 373 21.60 -24.35 -2.93
N SER A 374 21.15 -25.59 -2.82
CA SER A 374 19.75 -25.92 -3.02
C SER A 374 19.18 -26.65 -1.83
N ASN A 375 17.89 -26.44 -1.60
CA ASN A 375 17.15 -27.09 -0.53
C ASN A 375 16.95 -28.57 -0.87
N THR A 376 16.52 -29.36 0.12
CA THR A 376 16.24 -30.77 -0.15
C THR A 376 14.96 -30.98 -0.94
N ARG A 377 14.08 -29.98 -1.01
CA ARG A 377 12.99 -29.98 -1.98
C ARG A 377 13.34 -29.17 -3.21
N HIS A 378 14.64 -28.97 -3.46
CA HIS A 378 15.21 -28.34 -4.65
C HIS A 378 14.79 -26.89 -4.81
N GLU A 379 14.41 -26.24 -3.73
CA GLU A 379 14.27 -24.79 -3.69
C GLU A 379 15.65 -24.16 -3.58
N SER A 380 15.74 -22.88 -3.88
CA SER A 380 17.02 -22.19 -3.96
C SER A 380 17.37 -21.53 -2.64
N LEU A 381 18.62 -21.70 -2.21
CA LEU A 381 19.18 -20.99 -1.06
C LEU A 381 20.25 -19.99 -1.42
N LYS A 382 20.93 -20.19 -2.55
CA LYS A 382 22.02 -19.32 -2.96
C LYS A 382 22.16 -19.45 -4.46
N GLN A 383 22.30 -18.34 -5.15
CA GLN A 383 22.19 -18.34 -6.61
C GLN A 383 22.88 -17.11 -7.17
N LYS A 384 23.40 -17.24 -8.38
CA LYS A 384 24.27 -16.25 -8.98
C LYS A 384 24.05 -16.24 -10.48
N TYR A 385 24.07 -15.05 -11.08
CA TYR A 385 23.79 -14.90 -12.50
C TYR A 385 25.02 -15.16 -13.36
N ALA A 386 24.81 -15.81 -14.49
CA ALA A 386 25.89 -16.06 -15.44
C ALA A 386 26.18 -14.81 -16.27
N ASN A 387 25.21 -14.38 -17.07
CA ASN A 387 25.31 -13.13 -17.82
C ASN A 387 23.91 -12.71 -18.22
N GLY A 388 23.73 -11.41 -18.42
CA GLY A 388 22.46 -10.79 -18.68
C GLY A 388 22.32 -9.55 -17.84
N VAL A 389 21.07 -9.14 -17.58
CA VAL A 389 20.85 -8.00 -16.68
C VAL A 389 20.96 -8.37 -15.22
N GLY A 390 20.94 -9.66 -14.89
CA GLY A 390 21.10 -10.07 -13.51
C GLY A 390 22.51 -9.84 -13.02
N SER A 391 23.51 -10.19 -13.85
CA SER A 391 24.89 -9.90 -13.53
C SER A 391 25.15 -8.42 -13.45
N ILE A 392 24.46 -7.63 -14.28
CA ILE A 392 24.59 -6.19 -14.27
C ILE A 392 24.05 -5.60 -12.98
N ALA A 393 22.89 -6.08 -12.53
CA ALA A 393 22.35 -5.58 -11.27
C ALA A 393 23.17 -6.04 -10.07
N GLN A 394 23.66 -7.28 -10.11
CA GLN A 394 24.40 -7.80 -8.97
C GLN A 394 25.82 -7.24 -8.89
N SER A 395 26.39 -6.75 -9.98
CA SER A 395 27.70 -6.10 -9.91
C SER A 395 27.68 -4.80 -9.12
N TYR A 396 26.51 -4.20 -8.92
CA TYR A 396 26.35 -3.09 -8.01
C TYR A 396 25.74 -3.49 -6.68
N LEU A 397 24.80 -4.43 -6.68
CA LEU A 397 24.12 -4.78 -5.44
C LEU A 397 24.89 -5.78 -4.60
N SER A 398 26.00 -6.33 -5.07
CA SER A 398 26.77 -7.28 -4.28
C SER A 398 27.95 -6.62 -3.57
N SER A 399 27.96 -5.31 -3.47
CA SER A 399 28.95 -4.59 -2.68
C SER A 399 28.35 -3.94 -1.45
N PHE A 400 27.06 -4.17 -1.19
CA PHE A 400 26.38 -3.66 -0.01
C PHE A 400 25.88 -4.76 0.91
N THR A 401 25.97 -6.02 0.48
CA THR A 401 25.42 -7.13 1.25
C THR A 401 26.17 -7.32 2.55
N ASP A 402 27.48 -7.07 2.54
CA ASP A 402 28.32 -7.27 3.70
C ASP A 402 28.06 -6.23 4.79
N GLU A 403 27.44 -5.11 4.45
CA GLU A 403 27.06 -4.08 5.39
C GLU A 403 25.59 -4.20 5.82
N ILE A 404 24.71 -4.61 4.90
CA ILE A 404 23.33 -4.85 5.30
C ILE A 404 23.25 -6.08 6.21
N ALA A 405 24.17 -7.03 6.06
CA ALA A 405 24.21 -8.16 6.98
C ALA A 405 24.57 -7.73 8.39
N LYS A 406 25.42 -6.71 8.54
CA LYS A 406 25.70 -6.18 9.87
C LYS A 406 24.53 -5.36 10.40
N ARG A 407 23.83 -4.64 9.53
CA ARG A 407 22.73 -3.80 9.99
C ARG A 407 21.51 -4.63 10.41
N VAL A 408 21.29 -5.78 9.77
CA VAL A 408 20.11 -6.58 10.09
C VAL A 408 20.30 -7.35 11.40
N ASN A 409 21.55 -7.67 11.77
CA ASN A 409 21.81 -8.43 12.99
C ASN A 409 21.47 -7.65 14.25
N GLY A 410 21.51 -6.32 14.20
CA GLY A 410 21.21 -5.52 15.36
C GLY A 410 19.77 -5.05 15.42
N ILE A 411 18.85 -5.85 14.92
CA ILE A 411 17.43 -5.53 14.89
C ILE A 411 16.65 -6.68 15.52
N HIS A 412 15.84 -6.37 16.52
CA HIS A 412 14.97 -7.35 17.16
C HIS A 412 13.70 -7.43 16.33
N HIS A 413 13.49 -8.56 15.66
CA HIS A 413 12.52 -8.60 14.57
C HIS A 413 11.09 -8.76 15.04
N ASP A 414 10.87 -9.37 16.21
CA ASP A 414 9.51 -9.53 16.70
C ASP A 414 8.94 -8.20 17.19
N GLU A 415 9.78 -7.38 17.81
CA GLU A 415 9.35 -6.03 18.17
C GLU A 415 9.15 -5.17 16.91
N ALA A 416 9.95 -5.41 15.87
CA ALA A 416 9.72 -4.72 14.61
C ALA A 416 8.42 -5.16 13.96
N TRP A 417 8.03 -6.42 14.13
CA TRP A 417 6.77 -6.91 13.60
C TRP A 417 5.58 -6.38 14.40
N LEU A 418 5.73 -6.20 15.72
CA LEU A 418 4.64 -5.59 16.49
C LEU A 418 4.51 -4.10 16.18
N ASN A 419 5.63 -3.39 16.04
CA ASN A 419 5.56 -1.97 15.71
C ASN A 419 5.07 -1.75 14.30
N PHE A 420 5.38 -2.70 13.41
CA PHE A 420 4.91 -2.63 12.02
C PHE A 420 3.43 -2.94 11.90
N LEU A 421 2.83 -3.52 12.94
CA LEU A 421 1.53 -4.14 12.82
C LEU A 421 0.45 -3.06 12.99
N THR A 422 -0.32 -2.84 11.93
CA THR A 422 -1.19 -1.67 11.79
C THR A 422 -2.59 -2.02 12.31
N THR A 423 -3.46 -1.01 12.40
CA THR A 423 -4.86 -1.22 12.73
C THR A 423 -5.74 -1.35 11.49
N SER A 424 -5.15 -1.63 10.33
CA SER A 424 -5.88 -1.70 9.07
C SER A 424 -6.62 -3.04 8.98
N SER A 425 -7.17 -3.32 7.82
CA SER A 425 -8.00 -4.51 7.68
C SER A 425 -7.16 -5.69 7.26
N PRO A 426 -7.24 -6.82 7.96
CA PRO A 426 -6.51 -8.02 7.54
C PRO A 426 -7.23 -8.66 6.35
N GLY A 427 -6.59 -9.69 5.80
CA GLY A 427 -7.14 -10.33 4.63
C GLY A 427 -8.35 -11.19 4.93
N ARG A 428 -8.11 -12.30 5.60
CA ARG A 428 -9.15 -13.26 5.96
C ARG A 428 -10.07 -12.80 7.08
N LYS A 429 -11.29 -13.31 7.07
CA LYS A 429 -12.29 -12.99 8.08
C LYS A 429 -12.56 -14.27 8.87
N LEU A 430 -12.63 -14.14 10.19
CA LEU A 430 -12.85 -15.31 11.03
C LEU A 430 -14.19 -15.98 10.72
N THR A 431 -14.16 -17.31 10.67
CA THR A 431 -15.38 -18.07 10.41
C THR A 431 -16.06 -18.43 11.74
N GLU A 432 -17.14 -19.20 11.67
CA GLU A 432 -18.05 -19.35 12.80
C GLU A 432 -17.45 -20.16 13.95
N ILE A 433 -16.40 -20.95 13.70
CA ILE A 433 -15.81 -21.74 14.77
C ILE A 433 -15.01 -20.85 15.71
N GLU A 434 -14.15 -19.99 15.17
CA GLU A 434 -13.43 -19.04 16.02
C GLU A 434 -14.35 -17.98 16.59
N LYS A 435 -15.39 -17.60 15.85
CA LYS A 435 -16.37 -16.65 16.39
C LYS A 435 -17.13 -17.25 17.56
N LEU A 436 -17.35 -18.56 17.55
CA LEU A 436 -17.91 -19.23 18.72
C LEU A 436 -16.86 -19.38 19.81
N GLU A 437 -15.58 -19.44 19.43
CA GLU A 437 -14.53 -19.66 20.43
C GLU A 437 -14.28 -18.40 21.25
N VAL A 438 -13.97 -17.29 20.58
CA VAL A 438 -13.77 -16.02 21.28
C VAL A 438 -15.14 -15.39 21.52
N GLY A 439 -15.19 -14.32 22.30
CA GLY A 439 -16.43 -13.65 22.60
C GLY A 439 -16.98 -12.89 21.41
N GLY A 440 -18.16 -12.29 21.62
CA GLY A 440 -18.81 -11.54 20.56
C GLY A 440 -18.20 -10.19 20.32
N ASP A 441 -17.75 -9.51 21.39
CA ASP A 441 -17.10 -8.22 21.23
C ASP A 441 -15.75 -8.36 20.53
N VAL A 442 -15.01 -9.44 20.81
CA VAL A 442 -13.76 -9.71 20.11
C VAL A 442 -14.02 -10.00 18.64
N ALA A 443 -15.08 -10.75 18.35
CA ALA A 443 -15.44 -11.06 16.97
C ALA A 443 -15.90 -9.82 16.22
N ALA A 444 -16.48 -8.85 16.93
CA ALA A 444 -16.81 -7.58 16.28
C ALA A 444 -15.56 -6.74 16.03
N TRP A 445 -14.63 -6.74 17.00
CA TRP A 445 -13.42 -5.94 16.89
C TRP A 445 -12.40 -6.51 15.93
N SER A 446 -12.55 -7.77 15.51
CA SER A 446 -11.54 -8.47 14.74
C SER A 446 -11.47 -8.06 13.26
N ASN A 447 -12.06 -6.93 12.87
CA ASN A 447 -11.79 -6.35 11.55
C ASN A 447 -10.51 -5.53 11.54
N SER A 448 -9.81 -5.45 12.66
CA SER A 448 -8.50 -4.84 12.71
C SER A 448 -7.42 -5.89 12.50
N ARG A 449 -6.20 -5.42 12.29
CA ARG A 449 -5.06 -6.30 12.07
C ARG A 449 -4.31 -6.60 13.37
N ILE A 450 -4.25 -5.62 14.27
CA ILE A 450 -3.60 -5.82 15.57
C ILE A 450 -4.46 -6.67 16.50
N VAL A 451 -5.78 -6.53 16.44
CA VAL A 451 -6.68 -7.39 17.20
C VAL A 451 -6.63 -8.81 16.65
N MET A 452 -6.43 -8.92 15.34
CA MET A 452 -6.30 -10.22 14.67
C MET A 452 -5.05 -10.97 15.13
N GLN A 453 -3.91 -10.28 15.22
CA GLN A 453 -2.69 -10.90 15.73
C GLN A 453 -2.79 -11.18 17.22
N ALA A 454 -3.48 -10.33 17.98
CA ALA A 454 -3.69 -10.61 19.39
C ALA A 454 -4.60 -11.82 19.63
N VAL A 455 -5.55 -12.07 18.72
CA VAL A 455 -6.34 -13.29 18.80
C VAL A 455 -5.48 -14.50 18.51
N PHE A 456 -4.80 -14.50 17.37
CA PHE A 456 -4.03 -15.67 16.94
C PHE A 456 -2.57 -15.63 17.38
N ALA A 457 -2.27 -14.96 18.49
CA ALA A 457 -0.94 -14.98 19.08
C ALA A 457 -0.53 -16.34 19.65
N ARG A 458 -1.46 -17.29 19.81
CA ARG A 458 -1.08 -18.59 20.37
C ARG A 458 -0.25 -19.41 19.41
N GLU A 459 -0.29 -19.13 18.11
CA GLU A 459 0.37 -19.94 17.11
C GLU A 459 1.32 -19.11 16.25
N TYR A 460 1.83 -18.01 16.80
CA TYR A 460 2.82 -17.21 16.10
C TYR A 460 4.11 -17.99 15.86
N ARG A 461 4.46 -18.88 16.76
CA ARG A 461 5.67 -19.69 16.67
C ARG A 461 5.44 -21.03 15.99
N THR A 462 4.26 -21.26 15.44
CA THR A 462 3.95 -22.54 14.80
C THR A 462 4.23 -22.45 13.31
N PRO A 463 4.99 -23.38 12.71
CA PRO A 463 5.34 -23.26 11.29
C PRO A 463 4.19 -23.51 10.33
N GLU A 464 3.13 -24.18 10.77
CA GLU A 464 2.03 -24.50 9.88
C GLU A 464 1.09 -23.32 9.63
N ARG A 465 1.28 -22.22 10.35
CA ARG A 465 0.54 -20.99 10.12
C ARG A 465 0.80 -20.45 8.71
N ILE A 466 2.05 -20.56 8.26
CA ILE A 466 2.44 -20.10 6.93
C ILE A 466 1.77 -20.94 5.86
N PHE A 467 1.75 -22.26 6.03
CA PHE A 467 1.13 -23.12 5.03
C PHE A 467 -0.38 -23.02 5.09
N LYS A 468 -0.94 -22.68 6.25
CA LYS A 468 -2.36 -22.42 6.35
C LYS A 468 -2.75 -21.15 5.60
N SER A 469 -1.84 -20.19 5.49
CA SER A 469 -2.11 -19.00 4.68
C SER A 469 -2.18 -19.29 3.19
N LEU A 470 -1.49 -20.32 2.70
CA LEU A 470 -1.50 -20.61 1.28
C LEU A 470 -2.79 -21.25 0.80
N LYS A 471 -3.73 -21.55 1.71
CA LYS A 471 -5.03 -22.04 1.31
C LYS A 471 -6.04 -20.91 1.10
N ALA A 472 -5.80 -19.74 1.71
CA ALA A 472 -6.68 -18.59 1.59
C ALA A 472 -6.27 -17.73 0.40
N PRO A 473 -7.22 -17.18 -0.35
CA PRO A 473 -6.88 -16.33 -1.49
C PRO A 473 -6.64 -14.88 -1.07
N ILE A 474 -6.08 -14.12 -2.01
CA ILE A 474 -5.70 -12.73 -1.79
C ILE A 474 -6.82 -11.85 -2.28
N LYS A 475 -7.32 -10.96 -1.42
CA LYS A 475 -8.46 -10.14 -1.79
C LYS A 475 -8.04 -8.91 -2.59
N LEU A 476 -8.81 -8.61 -3.61
CA LEU A 476 -8.65 -7.40 -4.41
C LEU A 476 -9.46 -6.27 -3.78
N VAL A 477 -8.94 -5.05 -3.91
CA VAL A 477 -9.65 -3.87 -3.40
C VAL A 477 -9.38 -2.70 -4.34
N GLU A 478 -10.40 -1.86 -4.52
CA GLU A 478 -10.37 -0.78 -5.47
C GLU A 478 -9.63 0.43 -4.91
N ARG A 479 -9.20 1.31 -5.81
CA ARG A 479 -8.75 2.65 -5.46
C ARG A 479 -9.41 3.63 -6.41
N GLN A 480 -9.35 4.91 -6.06
CA GLN A 480 -9.75 5.96 -6.98
C GLN A 480 -8.71 7.07 -6.95
N GLN A 481 -8.42 7.62 -8.12
CA GLN A 481 -7.43 8.67 -8.21
C GLN A 481 -7.75 9.53 -9.42
N SER A 482 -7.58 10.84 -9.27
CA SER A 482 -7.83 11.75 -10.37
C SER A 482 -6.72 11.60 -11.41
N ASP A 483 -7.11 11.84 -12.68
CA ASP A 483 -6.28 11.87 -13.87
C ASP A 483 -5.75 10.49 -14.27
N ARG A 484 -6.04 9.43 -13.52
CA ARG A 484 -5.49 8.10 -13.79
C ARG A 484 -6.60 7.08 -13.71
N ARG A 485 -6.25 5.82 -13.94
CA ARG A 485 -7.23 4.72 -13.98
C ARG A 485 -7.60 4.30 -12.56
N GLN A 486 -8.23 3.14 -12.43
CA GLN A 486 -8.80 2.77 -11.15
C GLN A 486 -7.79 2.08 -10.23
N ARG A 487 -6.84 1.32 -10.78
CA ARG A 487 -5.72 0.69 -10.05
C ARG A 487 -6.23 -0.25 -8.95
N ALA A 488 -6.79 -1.36 -9.40
CA ALA A 488 -7.15 -2.44 -8.49
C ALA A 488 -5.92 -2.99 -7.79
N ILE A 489 -5.87 -2.84 -6.47
CA ILE A 489 -4.71 -3.13 -5.66
C ILE A 489 -5.07 -4.27 -4.71
N SER A 490 -4.05 -4.91 -4.14
CA SER A 490 -4.27 -6.13 -3.37
C SER A 490 -4.22 -5.86 -1.87
N GLY A 491 -4.94 -6.69 -1.12
CA GLY A 491 -4.87 -6.67 0.32
C GLY A 491 -4.77 -8.08 0.86
N LEU A 492 -3.67 -8.39 1.53
CA LEU A 492 -3.37 -9.75 1.94
C LEU A 492 -3.23 -9.84 3.46
N ASP A 493 -3.38 -11.05 3.97
CA ASP A 493 -3.59 -11.30 5.40
C ASP A 493 -2.26 -11.23 6.15
N ASN A 494 -2.29 -11.65 7.42
CA ASN A 494 -1.16 -11.44 8.32
C ASN A 494 0.03 -12.31 7.96
N ASP A 495 -0.20 -13.50 7.44
CA ASP A 495 0.92 -14.41 7.25
C ASP A 495 1.62 -14.16 5.93
N ARG A 496 0.87 -13.79 4.89
CA ARG A 496 1.49 -13.34 3.65
C ARG A 496 2.20 -12.01 3.83
N LEU A 497 1.70 -11.17 4.73
CA LEU A 497 2.42 -9.96 5.10
C LEU A 497 3.66 -10.30 5.92
N PHE A 498 3.60 -11.37 6.69
CA PHE A 498 4.73 -11.78 7.52
C PHE A 498 5.85 -12.40 6.70
N LEU A 499 5.51 -13.09 5.62
CA LEU A 499 6.55 -13.65 4.75
C LEU A 499 7.33 -12.55 4.05
N SER A 500 6.67 -11.46 3.68
CA SER A 500 7.30 -10.35 2.98
C SER A 500 7.85 -9.30 3.92
N PHE A 501 7.98 -9.60 5.21
CA PHE A 501 8.49 -8.62 6.15
C PHE A 501 10.01 -8.63 6.25
N MET A 502 10.62 -9.80 6.23
CA MET A 502 12.08 -9.86 6.27
C MET A 502 12.74 -9.38 4.98
N PRO A 503 12.25 -9.67 3.76
CA PRO A 503 12.79 -8.94 2.60
C PRO A 503 12.49 -7.45 2.61
N TYR A 504 11.40 -7.02 3.25
CA TYR A 504 11.20 -5.59 3.46
C TYR A 504 12.27 -5.00 4.36
N THR A 505 12.62 -5.70 5.44
CA THR A 505 13.66 -5.23 6.35
C THR A 505 15.01 -5.19 5.65
N ILE A 506 15.31 -6.21 4.84
CA ILE A 506 16.61 -6.28 4.17
C ILE A 506 16.73 -5.21 3.10
N GLY A 507 15.71 -5.05 2.26
CA GLY A 507 15.78 -4.06 1.21
C GLY A 507 15.65 -2.62 1.67
N LYS A 508 15.21 -2.40 2.91
CA LYS A 508 15.08 -1.03 3.42
C LYS A 508 16.41 -0.46 3.86
N GLN A 509 17.35 -1.31 4.26
CA GLN A 509 18.61 -0.85 4.81
C GLN A 509 19.55 -0.28 3.75
N ILE A 510 19.22 -0.42 2.46
CA ILE A 510 20.02 0.15 1.39
C ILE A 510 19.88 1.66 1.30
N TYR A 511 18.88 2.24 1.96
CA TYR A 511 18.61 3.67 1.84
C TYR A 511 19.60 4.52 2.59
N ASP A 512 20.34 3.93 3.53
CA ASP A 512 21.29 4.67 4.35
C ASP A 512 22.69 4.65 3.80
N LEU A 513 22.94 3.88 2.75
CA LEU A 513 24.29 3.64 2.26
C LEU A 513 24.61 4.36 0.96
N ASN A 514 23.65 5.07 0.38
CA ASN A 514 23.86 5.85 -0.84
C ASN A 514 22.82 6.96 -0.90
N ASP A 515 22.78 7.66 -2.04
CA ASP A 515 21.88 8.79 -2.23
C ASP A 515 20.98 8.62 -3.44
N ASN A 516 20.74 7.37 -3.85
CA ASN A 516 19.91 7.10 -5.02
C ASN A 516 18.42 7.15 -4.71
N ALA A 517 18.03 7.14 -3.44
CA ALA A 517 16.65 6.97 -3.04
C ALA A 517 16.02 8.30 -2.69
N ALA A 518 14.72 8.26 -2.37
CA ALA A 518 14.00 9.46 -2.01
C ALA A 518 13.02 9.24 -0.86
N GLN A 519 13.10 8.11 -0.15
CA GLN A 519 12.10 7.80 0.88
C GLN A 519 12.28 8.67 2.11
N GLY A 520 13.50 8.79 2.62
CA GLY A 520 13.67 9.58 3.81
C GLY A 520 13.80 11.07 3.61
N LYS A 521 13.66 11.57 2.39
CA LYS A 521 14.00 12.95 2.07
C LYS A 521 12.79 13.65 1.47
N GLN A 522 11.89 14.13 2.33
CA GLN A 522 10.81 15.02 1.97
C GLN A 522 10.53 15.94 3.14
N ALA A 523 10.01 17.14 2.83
CA ALA A 523 9.60 18.05 3.89
C ALA A 523 8.30 18.78 3.65
N GLY A 524 7.75 18.79 2.44
CA GLY A 524 6.55 19.54 2.16
C GLY A 524 6.77 20.93 1.60
N ASN A 525 8.02 21.36 1.47
CA ASN A 525 8.34 22.72 1.02
C ASN A 525 9.37 22.57 -0.10
N ALA A 526 10.06 23.67 -0.41
CA ALA A 526 11.04 23.69 -1.51
C ALA A 526 12.27 22.81 -1.28
N PHE A 527 12.43 22.14 -0.14
CA PHE A 527 13.46 21.12 -0.04
C PHE A 527 13.10 19.83 -0.76
N ASP A 528 11.85 19.68 -1.21
CA ASP A 528 11.51 18.55 -2.05
C ASP A 528 12.07 18.69 -3.44
N ILE A 529 12.34 19.92 -3.88
CA ILE A 529 12.74 20.24 -5.23
C ILE A 529 14.12 20.86 -5.25
N GLY A 530 14.97 20.48 -4.29
CA GLY A 530 16.30 21.05 -4.25
C GLY A 530 17.19 20.56 -5.38
N GLU A 531 17.14 19.26 -5.67
CA GLU A 531 17.96 18.68 -6.74
C GLU A 531 17.51 19.17 -8.11
N MET A 532 16.21 19.35 -8.30
CA MET A 532 15.71 19.79 -9.60
C MET A 532 15.94 21.27 -9.83
N LEU A 533 15.83 22.08 -8.78
CA LEU A 533 16.17 23.49 -8.88
C LEU A 533 17.66 23.71 -9.05
N TYR A 534 18.48 22.83 -8.49
CA TYR A 534 19.92 23.01 -8.69
C TYR A 534 20.38 22.51 -10.06
N TRP A 535 19.89 21.36 -10.50
CA TRP A 535 20.38 20.77 -11.73
C TRP A 535 19.60 21.20 -12.95
N THR A 536 18.90 22.33 -12.88
CA THR A 536 18.35 22.94 -14.07
C THR A 536 18.95 24.31 -14.31
N SER A 537 19.61 24.87 -13.30
CA SER A 537 20.35 26.12 -13.42
C SER A 537 21.74 25.92 -13.99
N GLN A 538 22.15 24.68 -14.26
CA GLN A 538 23.45 24.39 -14.81
C GLN A 538 23.39 24.38 -16.33
N ARG A 539 24.54 24.17 -16.96
CA ARG A 539 24.61 24.10 -18.41
C ARG A 539 25.29 22.80 -18.81
N ASN A 540 25.18 22.50 -20.11
CA ASN A 540 25.56 21.21 -20.70
C ASN A 540 24.90 20.04 -19.99
N VAL A 541 23.64 20.23 -19.60
CA VAL A 541 22.90 19.27 -18.80
C VAL A 541 21.86 18.60 -19.69
N LEU A 542 21.60 17.32 -19.41
CA LEU A 542 20.54 16.58 -20.07
C LEU A 542 19.65 15.99 -18.98
N LEU A 543 18.40 16.42 -18.96
CA LEU A 543 17.46 16.03 -17.92
C LEU A 543 16.56 14.93 -18.46
N SER A 544 16.22 13.97 -17.60
CA SER A 544 15.55 12.77 -18.06
C SER A 544 14.58 12.26 -17.00
N SER A 545 13.30 12.25 -17.33
CA SER A 545 12.26 11.60 -16.52
C SER A 545 11.77 10.40 -17.31
N ILE A 546 12.48 9.29 -17.18
CA ILE A 546 12.13 8.08 -17.92
C ILE A 546 10.86 7.47 -17.33
N ASP A 547 9.96 7.02 -18.20
CA ASP A 547 8.62 6.61 -17.80
C ASP A 547 8.48 5.12 -18.01
N VAL A 548 8.52 4.35 -16.93
CA VAL A 548 8.27 2.92 -16.98
C VAL A 548 6.76 2.70 -16.89
N ALA A 549 6.17 2.26 -17.99
CA ALA A 549 4.72 2.06 -18.05
C ALA A 549 4.36 0.77 -17.35
N GLY A 550 3.56 0.86 -16.29
CA GLY A 550 3.04 -0.31 -15.59
C GLY A 550 4.11 -1.10 -14.87
N MET A 551 4.69 -0.50 -13.83
CA MET A 551 5.79 -1.15 -13.11
C MET A 551 5.29 -2.33 -12.29
N ASP A 552 4.09 -2.23 -11.73
CA ASP A 552 3.56 -3.32 -10.92
C ASP A 552 3.17 -4.52 -11.78
N ALA A 553 2.79 -4.30 -13.04
CA ALA A 553 2.30 -5.38 -13.88
C ALA A 553 3.39 -6.01 -14.74
N SER A 554 4.35 -5.21 -15.21
CA SER A 554 5.38 -5.74 -16.10
C SER A 554 6.40 -6.61 -15.39
N VAL A 555 6.46 -6.58 -14.07
CA VAL A 555 7.41 -7.40 -13.32
C VAL A 555 6.88 -8.83 -13.28
N THR A 556 7.57 -9.72 -13.99
CA THR A 556 7.24 -11.14 -13.99
C THR A 556 7.80 -11.79 -12.74
N THR A 557 7.83 -13.13 -12.73
CA THR A 557 8.44 -13.83 -11.61
C THR A 557 9.96 -13.79 -11.72
N ASN A 558 10.48 -13.95 -12.94
CA ASN A 558 11.91 -13.93 -13.17
C ASN A 558 12.51 -12.54 -13.01
N THR A 559 11.68 -11.49 -13.03
CA THR A 559 12.16 -10.16 -12.70
C THR A 559 12.26 -9.98 -11.19
N LYS A 560 11.35 -10.61 -10.45
CA LYS A 560 11.46 -10.64 -9.00
C LYS A 560 12.68 -11.43 -8.54
N ASP A 561 13.14 -12.38 -9.36
CA ASP A 561 14.31 -13.17 -8.98
C ASP A 561 15.59 -12.33 -8.88
N ILE A 562 15.66 -11.19 -9.58
CA ILE A 562 16.81 -10.28 -9.46
C ILE A 562 16.88 -9.68 -8.05
N TYR A 563 15.74 -9.39 -7.45
CA TYR A 563 15.71 -8.95 -6.07
C TYR A 563 15.91 -10.11 -5.10
N ASN A 564 15.45 -11.30 -5.50
CA ASN A 564 15.58 -12.47 -4.64
C ASN A 564 17.03 -12.87 -4.43
N THR A 565 17.88 -12.73 -5.46
CA THR A 565 19.29 -13.08 -5.28
C THR A 565 19.99 -12.15 -4.30
N PHE A 566 19.65 -10.86 -4.36
CA PHE A 566 20.19 -9.87 -3.42
C PHE A 566 19.76 -10.18 -2.00
N VAL A 567 18.47 -10.50 -1.81
CA VAL A 567 17.96 -10.83 -0.48
C VAL A 567 18.60 -12.11 0.04
N LEU A 568 18.83 -13.10 -0.83
CA LEU A 568 19.42 -14.35 -0.37
C LEU A 568 20.91 -14.20 -0.07
N ASP A 569 21.61 -13.30 -0.77
CA ASP A 569 23.00 -13.03 -0.40
C ASP A 569 23.10 -12.34 0.96
N VAL A 570 22.25 -11.34 1.20
CA VAL A 570 22.26 -10.67 2.51
C VAL A 570 21.83 -11.64 3.61
N ALA A 571 20.88 -12.51 3.32
CA ALA A 571 20.42 -13.47 4.33
C ALA A 571 21.43 -14.56 4.59
N SER A 572 22.25 -14.92 3.59
CA SER A 572 23.28 -15.91 3.82
C SER A 572 24.47 -15.34 4.57
N LYS A 573 24.75 -14.05 4.41
CA LYS A 573 25.88 -13.48 5.13
C LYS A 573 25.55 -13.17 6.58
N CYS A 574 24.29 -12.89 6.91
CA CYS A 574 23.95 -12.45 8.25
C CYS A 574 23.83 -13.64 9.20
N THR A 575 23.45 -13.35 10.45
CA THR A 575 23.23 -14.41 11.44
C THR A 575 22.06 -13.96 12.32
N VAL A 576 20.86 -14.39 11.97
CA VAL A 576 19.63 -14.00 12.67
C VAL A 576 18.91 -15.27 13.10
N PRO A 577 18.94 -15.62 14.38
CA PRO A 577 18.09 -16.70 14.85
C PRO A 577 16.75 -16.18 15.34
N ARG A 578 15.75 -17.05 15.29
CA ARG A 578 14.42 -16.86 15.87
C ARG A 578 13.71 -15.65 15.27
N PHE A 579 13.42 -15.74 13.98
CA PHE A 579 12.62 -14.71 13.36
C PHE A 579 11.15 -14.87 13.68
N GLY A 580 10.54 -15.95 13.22
CA GLY A 580 9.16 -16.22 13.52
C GLY A 580 9.01 -17.59 14.12
N PRO A 581 8.31 -18.47 13.42
CA PRO A 581 8.36 -19.90 13.75
C PRO A 581 9.64 -20.59 13.30
N TYR A 582 10.62 -19.87 12.79
CA TYR A 582 11.84 -20.44 12.25
C TYR A 582 13.00 -20.21 13.20
N TYR A 583 13.96 -21.13 13.16
CA TYR A 583 15.11 -21.05 14.04
C TYR A 583 16.31 -21.64 13.32
N ALA A 584 17.49 -21.26 13.80
CA ALA A 584 18.74 -21.69 13.18
C ALA A 584 19.04 -23.14 13.52
N LYS A 585 19.42 -23.92 12.52
CA LYS A 585 19.72 -25.32 12.70
C LYS A 585 20.57 -25.82 11.56
N ASN A 586 21.30 -26.91 11.82
CA ASN A 586 22.08 -27.56 10.78
C ASN A 586 21.14 -28.22 9.78
N MET A 587 21.08 -27.66 8.58
CA MET A 587 20.06 -28.01 7.60
C MET A 587 20.72 -28.79 6.46
N GLU A 588 20.11 -29.91 6.09
CA GLU A 588 20.62 -30.71 4.98
C GLU A 588 20.40 -29.96 3.67
N VAL A 589 21.38 -30.05 2.77
CA VAL A 589 21.47 -29.13 1.65
C VAL A 589 22.10 -29.83 0.45
N PHE A 590 21.74 -29.37 -0.74
CA PHE A 590 22.41 -29.79 -1.98
C PHE A 590 23.28 -28.65 -2.49
N GLU A 591 24.43 -28.99 -3.05
CA GLU A 591 25.32 -28.01 -3.65
C GLU A 591 25.58 -28.38 -5.10
N VAL A 592 26.53 -27.66 -5.71
CA VAL A 592 26.93 -27.89 -7.09
C VAL A 592 28.29 -28.55 -7.10
N GLY A 593 28.40 -29.67 -7.81
CA GLY A 593 29.63 -30.44 -7.83
C GLY A 593 29.56 -31.56 -6.84
N LYS A 594 29.00 -31.28 -5.67
CA LYS A 594 28.80 -32.31 -4.67
C LYS A 594 27.66 -33.23 -5.11
N ARG A 595 28.02 -34.48 -5.38
CA ARG A 595 27.05 -35.47 -5.83
C ARG A 595 26.04 -35.83 -4.75
N GLN A 596 26.49 -35.88 -3.49
CA GLN A 596 25.62 -36.25 -2.38
C GLN A 596 24.99 -34.99 -1.78
N SER A 597 24.37 -35.14 -0.61
CA SER A 597 23.69 -34.04 0.06
C SER A 597 24.52 -33.60 1.25
N GLN A 598 24.88 -32.32 1.28
CA GLN A 598 25.74 -31.78 2.32
C GLN A 598 24.90 -31.35 3.51
N VAL A 599 25.56 -30.77 4.52
CA VAL A 599 24.88 -30.24 5.70
C VAL A 599 25.50 -28.89 6.03
N LYS A 600 24.67 -27.85 6.09
CA LYS A 600 25.14 -26.51 6.46
C LYS A 600 24.21 -25.91 7.50
N TYR A 601 24.70 -24.85 8.13
CA TYR A 601 24.00 -24.16 9.20
C TYR A 601 23.22 -23.00 8.60
N VAL A 602 21.90 -23.07 8.68
CA VAL A 602 21.03 -22.08 8.05
C VAL A 602 20.24 -21.37 9.15
N ASN A 603 20.38 -20.05 9.23
CA ASN A 603 19.70 -19.27 10.25
C ASN A 603 18.22 -19.08 9.92
N ALA A 604 17.52 -18.29 10.75
CA ALA A 604 16.08 -18.21 10.63
C ALA A 604 15.64 -17.29 9.51
N ALA A 605 16.35 -16.17 9.34
CA ALA A 605 15.99 -15.19 8.32
C ALA A 605 16.17 -15.74 6.92
N TRP A 606 17.18 -16.57 6.70
CA TRP A 606 17.41 -17.14 5.38
C TRP A 606 16.44 -18.27 5.08
N GLN A 607 15.95 -18.96 6.11
CA GLN A 607 14.84 -19.89 5.92
C GLN A 607 13.56 -19.16 5.53
N ALA A 608 13.26 -18.05 6.22
CA ALA A 608 12.07 -17.27 5.90
C ALA A 608 12.15 -16.69 4.50
N CYS A 609 13.32 -16.20 4.10
CA CYS A 609 13.50 -15.64 2.77
C CYS A 609 13.41 -16.71 1.68
N ALA A 610 13.96 -17.90 1.94
CA ALA A 610 13.90 -18.96 0.93
C ALA A 610 12.49 -19.51 0.78
N LEU A 611 11.76 -19.63 1.89
CA LEU A 611 10.39 -20.12 1.80
C LEU A 611 9.46 -19.07 1.20
N GLU A 612 9.76 -17.78 1.41
CA GLU A 612 8.97 -16.75 0.75
C GLU A 612 9.28 -16.70 -0.74
N ALA A 613 10.54 -16.94 -1.12
CA ALA A 613 10.91 -16.84 -2.52
C ALA A 613 10.40 -18.01 -3.33
N ALA A 614 10.38 -19.21 -2.74
CA ALA A 614 10.06 -20.40 -3.50
C ALA A 614 8.60 -20.82 -3.39
N ASN A 615 7.75 -20.03 -2.74
CA ASN A 615 6.30 -20.26 -2.70
C ASN A 615 5.66 -18.92 -3.03
N SER A 616 5.48 -18.64 -4.32
CA SER A 616 4.99 -17.34 -4.76
C SER A 616 3.65 -17.52 -5.47
N GLN A 617 2.62 -16.85 -4.96
CA GLN A 617 1.31 -16.87 -5.59
C GLN A 617 0.73 -15.47 -5.48
N THR A 618 0.66 -14.76 -6.60
CA THR A 618 0.26 -13.35 -6.62
C THR A 618 -1.24 -13.17 -6.75
N SER A 619 -1.90 -14.01 -7.55
CA SER A 619 -3.20 -13.76 -8.16
C SER A 619 -4.33 -13.40 -7.21
N THR A 620 -4.78 -12.15 -7.30
CA THR A 620 -5.83 -11.63 -6.45
C THR A 620 -7.18 -12.20 -6.89
N SER A 621 -8.05 -12.42 -5.91
CA SER A 621 -9.31 -13.12 -6.14
C SER A 621 -10.45 -12.22 -5.71
N TYR A 622 -11.03 -11.50 -6.66
CA TYR A 622 -12.15 -10.62 -6.40
C TYR A 622 -13.45 -11.40 -6.54
N GLU A 623 -14.32 -11.29 -5.53
CA GLU A 623 -15.65 -11.89 -5.58
C GLU A 623 -16.63 -10.86 -6.13
N SER A 624 -17.06 -11.06 -7.37
CA SER A 624 -17.97 -10.14 -8.02
C SER A 624 -19.40 -10.44 -7.65
N GLU A 625 -20.30 -9.55 -8.04
CA GLU A 625 -21.72 -9.77 -7.92
C GLU A 625 -22.35 -10.29 -9.21
N ILE A 626 -21.57 -10.37 -10.28
CA ILE A 626 -22.05 -10.86 -11.56
C ILE A 626 -21.63 -12.28 -11.82
N PHE A 627 -20.33 -12.56 -11.70
CA PHE A 627 -19.74 -13.82 -12.13
C PHE A 627 -19.34 -14.70 -10.97
N GLY A 628 -19.59 -14.28 -9.74
CA GLY A 628 -19.09 -15.01 -8.60
C GLY A 628 -17.68 -14.61 -8.26
N GLN A 629 -16.76 -15.56 -8.26
CA GLN A 629 -15.38 -15.32 -7.85
C GLN A 629 -14.50 -15.21 -9.09
N VAL A 630 -13.91 -14.03 -9.29
CA VAL A 630 -13.07 -13.73 -10.44
C VAL A 630 -11.62 -13.71 -9.97
N LYS A 631 -10.75 -14.44 -10.66
CA LYS A 631 -9.34 -14.48 -10.36
C LYS A 631 -8.56 -13.72 -11.42
N ASN A 632 -7.25 -13.61 -11.21
CA ASN A 632 -6.34 -12.92 -12.12
C ASN A 632 -5.27 -13.89 -12.59
N ALA A 633 -4.65 -13.57 -13.72
CA ALA A 633 -3.52 -14.34 -14.19
C ALA A 633 -2.30 -14.07 -13.31
N GLU A 634 -1.46 -15.10 -13.15
CA GLU A 634 -0.28 -14.99 -12.31
C GLU A 634 0.79 -14.17 -13.01
N GLY A 635 1.61 -13.48 -12.23
CA GLY A 635 2.78 -12.84 -12.80
C GLY A 635 2.80 -11.34 -12.66
N THR A 636 1.97 -10.80 -11.79
CA THR A 636 1.97 -9.39 -11.46
C THR A 636 2.84 -9.23 -10.21
N TYR A 637 3.29 -8.00 -9.94
CA TYR A 637 3.81 -7.85 -8.59
C TYR A 637 2.63 -7.74 -7.62
N PRO A 638 2.69 -8.42 -6.46
CA PRO A 638 1.51 -8.48 -5.59
C PRO A 638 1.08 -7.15 -5.00
N SER A 639 1.97 -6.17 -4.88
CA SER A 639 1.67 -4.74 -4.77
C SER A 639 0.86 -4.36 -3.52
N GLY A 640 0.70 -5.26 -2.56
CA GLY A 640 0.07 -4.91 -1.30
C GLY A 640 0.92 -5.40 -0.15
N ARG A 641 2.13 -5.84 -0.50
CA ARG A 641 3.06 -6.45 0.45
C ARG A 641 3.77 -5.37 1.26
N ALA A 642 4.67 -5.80 2.13
CA ALA A 642 5.47 -4.84 2.89
C ALA A 642 6.58 -4.25 2.04
N ASP A 643 7.19 -5.05 1.17
CA ASP A 643 8.27 -4.60 0.31
C ASP A 643 7.79 -4.13 -1.06
N THR A 644 6.60 -3.53 -1.12
CA THR A 644 5.98 -3.17 -2.39
C THR A 644 6.63 -1.98 -3.06
N SER A 645 7.54 -1.27 -2.40
CA SER A 645 8.24 -0.14 -3.00
C SER A 645 9.75 -0.25 -2.91
N THR A 646 10.25 -0.88 -1.84
CA THR A 646 11.68 -1.13 -1.71
C THR A 646 12.19 -2.05 -2.80
N HIS A 647 11.35 -3.01 -3.23
CA HIS A 647 11.66 -3.87 -4.36
C HIS A 647 11.96 -3.06 -5.62
N HIS A 648 11.06 -2.13 -5.96
CA HIS A 648 11.23 -1.35 -7.18
C HIS A 648 12.40 -0.40 -7.06
N THR A 649 12.61 0.18 -5.87
CA THR A 649 13.72 1.10 -5.67
C THR A 649 15.07 0.40 -5.81
N VAL A 650 15.24 -0.74 -5.12
CA VAL A 650 16.48 -1.51 -5.20
C VAL A 650 16.72 -2.01 -6.61
N LEU A 651 15.67 -2.51 -7.28
CA LEU A 651 15.83 -3.06 -8.62
C LEU A 651 16.22 -1.99 -9.64
N LEU A 652 15.59 -0.82 -9.57
CA LEU A 652 15.91 0.22 -10.55
C LEU A 652 17.27 0.86 -10.29
N GLN A 653 17.64 1.07 -9.02
CA GLN A 653 18.96 1.62 -8.76
C GLN A 653 20.05 0.60 -9.08
N GLY A 654 19.76 -0.69 -8.93
CA GLY A 654 20.70 -1.71 -9.32
C GLY A 654 20.91 -1.75 -10.82
N LEU A 655 19.83 -1.66 -11.60
CA LEU A 655 19.96 -1.65 -13.06
C LEU A 655 20.71 -0.42 -13.56
N VAL A 656 20.40 0.76 -13.02
CA VAL A 656 21.04 1.99 -13.50
C VAL A 656 22.52 2.03 -13.12
N ARG A 657 22.84 1.74 -11.85
CA ARG A 657 24.24 1.80 -11.45
C ARG A 657 25.06 0.64 -12.01
N GLY A 658 24.43 -0.50 -12.26
CA GLY A 658 25.12 -1.58 -12.93
C GLY A 658 25.39 -1.28 -14.38
N ASN A 659 24.49 -0.55 -15.05
CA ASN A 659 24.79 -0.07 -16.40
C ASN A 659 25.95 0.90 -16.37
N GLU A 660 26.03 1.71 -15.32
CA GLU A 660 27.16 2.63 -15.18
C GLU A 660 28.48 1.89 -15.03
N LEU A 661 28.51 0.85 -14.20
CA LEU A 661 29.74 0.06 -14.04
C LEU A 661 30.04 -0.79 -15.27
N LYS A 662 29.02 -1.25 -15.99
CA LYS A 662 29.25 -2.02 -17.21
C LYS A 662 29.80 -1.15 -18.33
N ARG A 663 29.31 0.08 -18.45
CA ARG A 663 29.86 1.02 -19.41
C ARG A 663 31.27 1.44 -19.05
N ALA A 664 31.55 1.57 -17.75
CA ALA A 664 32.94 1.84 -17.34
C ALA A 664 33.85 0.65 -17.63
N SER A 665 33.31 -0.57 -17.60
CA SER A 665 34.13 -1.74 -17.94
C SER A 665 34.27 -1.95 -19.43
N ASP A 666 33.35 -1.44 -20.25
CA ASP A 666 33.44 -1.59 -21.69
C ASP A 666 34.26 -0.49 -22.36
N GLY A 667 34.93 0.35 -21.59
CA GLY A 667 35.76 1.40 -22.15
C GLY A 667 35.04 2.68 -22.47
N LYS A 668 33.87 2.92 -21.87
CA LYS A 668 33.05 4.09 -22.13
C LYS A 668 32.97 4.94 -20.86
N ASN A 669 32.89 6.25 -21.05
CA ASN A 669 32.67 7.08 -19.87
C ASN A 669 31.22 7.05 -19.44
N SER A 670 30.98 7.40 -18.18
CA SER A 670 29.64 7.57 -17.65
C SER A 670 29.48 9.00 -17.19
N CYS A 671 28.48 9.68 -17.71
CA CYS A 671 28.24 11.09 -17.38
C CYS A 671 26.98 11.27 -16.56
N LEU A 672 26.56 10.23 -15.85
CA LEU A 672 25.39 10.31 -14.99
C LEU A 672 25.78 10.88 -13.63
N THR A 673 25.08 11.91 -13.19
CA THR A 673 25.39 12.55 -11.92
C THR A 673 24.51 12.03 -10.79
N THR A 674 23.19 12.22 -10.88
CA THR A 674 22.27 11.80 -9.84
C THR A 674 21.14 10.98 -10.44
N ILE A 675 20.62 10.05 -9.64
CA ILE A 675 19.31 9.44 -9.87
C ILE A 675 18.54 9.49 -8.57
N LYS A 676 17.23 9.69 -8.67
CA LYS A 676 16.34 9.68 -7.52
C LYS A 676 15.15 8.78 -7.84
N ILE A 677 14.94 7.77 -7.01
CA ILE A 677 13.94 6.74 -7.24
C ILE A 677 13.07 6.62 -5.99
N LEU A 678 11.76 6.56 -6.18
CA LEU A 678 10.83 6.20 -5.11
C LEU A 678 10.05 4.93 -5.47
N GLY A 679 10.50 4.22 -6.49
CA GLY A 679 9.71 3.15 -7.07
C GLY A 679 8.84 3.73 -8.15
N ASP A 680 9.00 3.22 -9.39
CA ASP A 680 8.26 3.55 -10.61
C ASP A 680 8.57 4.97 -11.11
N ASP A 681 9.37 5.75 -10.39
CA ASP A 681 9.79 7.08 -10.82
C ASP A 681 11.30 7.20 -10.72
N ILE A 682 11.98 7.02 -11.83
CA ILE A 682 13.39 7.32 -11.92
C ILE A 682 13.49 8.78 -12.34
N MET A 683 14.58 9.45 -11.97
CA MET A 683 14.88 10.79 -12.47
C MET A 683 16.37 10.86 -12.74
N GLU A 684 16.76 10.87 -14.00
CA GLU A 684 18.16 10.81 -14.40
C GLU A 684 18.64 12.18 -14.84
N ILE A 685 19.82 12.58 -14.37
CA ILE A 685 20.42 13.87 -14.70
C ILE A 685 21.85 13.62 -15.16
N PHE A 686 22.13 13.97 -16.41
CA PHE A 686 23.44 13.80 -17.02
C PHE A 686 24.11 15.15 -17.18
N GLN A 687 25.42 15.13 -17.43
CA GLN A 687 26.11 16.36 -17.79
C GLN A 687 27.31 16.05 -18.66
N GLY A 688 27.39 16.71 -19.81
CA GLY A 688 28.46 16.48 -20.76
C GLY A 688 28.05 16.99 -22.13
N ASN A 689 28.82 16.58 -23.14
CA ASN A 689 28.46 16.91 -24.51
C ASN A 689 27.26 16.06 -24.94
N GLU A 690 26.69 16.43 -26.10
CA GLU A 690 25.44 15.83 -26.53
C GLU A 690 25.59 14.36 -26.91
N ASN A 691 26.74 13.99 -27.49
CA ASN A 691 26.98 12.60 -27.85
C ASN A 691 27.05 11.71 -26.62
N ASP A 692 27.79 12.15 -25.60
CA ASP A 692 27.98 11.34 -24.39
C ASP A 692 26.68 11.19 -23.63
N THR A 693 25.95 12.29 -23.45
CA THR A 693 24.70 12.24 -22.71
C THR A 693 23.64 11.44 -23.45
N HIS A 694 23.55 11.60 -24.78
CA HIS A 694 22.57 10.83 -25.53
C HIS A 694 22.93 9.35 -25.56
N ASP A 695 24.22 9.02 -25.63
CA ASP A 695 24.65 7.63 -25.62
C ASP A 695 24.33 6.98 -24.28
N HIS A 696 24.57 7.69 -23.18
CA HIS A 696 24.28 7.11 -21.88
C HIS A 696 22.79 6.99 -21.63
N ALA A 697 21.99 7.92 -22.15
CA ALA A 697 20.55 7.84 -22.01
C ALA A 697 19.97 6.69 -22.83
N VAL A 698 20.47 6.50 -24.06
CA VAL A 698 20.01 5.39 -24.89
C VAL A 698 20.43 4.05 -24.28
N SER A 699 21.62 3.99 -23.68
CA SER A 699 22.04 2.75 -23.02
C SER A 699 21.20 2.45 -21.78
N ASN A 700 20.81 3.47 -21.02
CA ASN A 700 19.96 3.24 -19.85
C ASN A 700 18.56 2.79 -20.26
N ALA A 701 18.00 3.41 -21.30
CA ALA A 701 16.68 2.98 -21.78
C ALA A 701 16.73 1.58 -22.36
N SER A 702 17.81 1.23 -23.06
CA SER A 702 17.91 -0.10 -23.63
C SER A 702 18.15 -1.15 -22.56
N ILE A 703 18.85 -0.82 -21.48
CA ILE A 703 19.05 -1.81 -20.44
C ILE A 703 17.80 -1.94 -19.56
N LEU A 704 16.93 -0.93 -19.53
CA LEU A 704 15.63 -1.16 -18.93
C LEU A 704 14.74 -1.99 -19.85
N ASN A 705 14.91 -1.85 -21.17
CA ASN A 705 14.20 -2.72 -22.11
C ASN A 705 14.69 -4.16 -22.04
N GLU A 706 15.96 -4.37 -21.72
CA GLU A 706 16.52 -5.72 -21.59
C GLU A 706 15.92 -6.47 -20.41
N SER A 707 15.46 -5.75 -19.39
CA SER A 707 14.91 -6.35 -18.18
C SER A 707 13.41 -6.57 -18.27
N GLY A 708 12.80 -6.31 -19.42
CA GLY A 708 11.38 -6.50 -19.58
C GLY A 708 10.55 -5.34 -19.08
N PHE A 709 10.81 -4.14 -19.60
CA PHE A 709 10.01 -2.97 -19.27
C PHE A 709 9.81 -2.14 -20.51
N ALA A 710 8.56 -1.80 -20.81
CA ALA A 710 8.26 -0.85 -21.86
C ALA A 710 8.47 0.55 -21.31
N THR A 711 9.50 1.24 -21.78
CA THR A 711 9.82 2.57 -21.33
C THR A 711 9.27 3.60 -22.32
N THR A 712 9.17 4.85 -21.84
CA THR A 712 8.80 5.99 -22.66
C THR A 712 9.84 7.07 -22.43
N ALA A 713 10.71 7.30 -23.41
CA ALA A 713 11.84 8.20 -23.26
C ALA A 713 11.36 9.64 -23.23
N GLU A 714 11.39 10.25 -22.06
CA GLU A 714 10.95 11.62 -21.85
C GLU A 714 12.18 12.37 -21.34
N LEU A 715 13.01 12.84 -22.26
CA LEU A 715 14.26 13.49 -21.90
C LEU A 715 14.39 14.80 -22.66
N SER A 716 15.01 15.78 -22.01
CA SER A 716 15.06 17.12 -22.55
C SER A 716 16.25 17.84 -21.92
N GLN A 717 16.28 19.16 -22.09
CA GLN A 717 17.36 20.00 -21.63
C GLN A 717 16.96 20.91 -20.49
N ASN A 718 15.67 21.22 -20.36
CA ASN A 718 15.22 22.24 -19.43
C ASN A 718 14.06 21.86 -18.53
N SER A 719 13.38 20.74 -18.77
CA SER A 719 12.28 20.31 -17.92
C SER A 719 12.63 18.99 -17.25
N ILE A 720 12.00 18.75 -16.09
CA ILE A 720 12.22 17.53 -15.32
C ILE A 720 10.98 17.29 -14.49
N VAL A 721 10.61 16.02 -14.34
CA VAL A 721 9.43 15.60 -13.58
C VAL A 721 9.85 14.53 -12.59
N LEU A 722 9.55 14.73 -11.31
CA LEU A 722 9.70 13.67 -10.33
C LEU A 722 8.66 13.89 -9.24
N LEU A 723 7.82 12.86 -9.03
CA LEU A 723 6.76 12.84 -8.02
C LEU A 723 5.75 13.96 -8.23
N GLN A 724 5.38 14.17 -9.50
CA GLN A 724 4.34 15.10 -9.93
C GLN A 724 4.66 16.54 -9.55
N GLN A 725 5.94 16.90 -9.61
CA GLN A 725 6.39 18.26 -9.35
C GLN A 725 7.31 18.67 -10.50
N LEU A 726 6.80 19.54 -11.37
CA LEU A 726 7.50 19.95 -12.57
C LEU A 726 8.38 21.16 -12.28
N VAL A 727 9.66 21.04 -12.61
CA VAL A 727 10.62 22.13 -12.47
C VAL A 727 11.22 22.42 -13.83
N VAL A 728 10.97 23.61 -14.36
CA VAL A 728 11.43 23.99 -15.69
C VAL A 728 12.25 25.26 -15.52
N ASN A 729 13.58 25.12 -15.61
CA ASN A 729 14.55 26.22 -15.57
C ASN A 729 14.49 26.98 -14.24
N GLY A 730 14.74 26.25 -13.16
CA GLY A 730 14.76 26.83 -11.82
C GLY A 730 13.41 27.35 -11.36
N THR A 731 12.33 26.78 -11.87
CA THR A 731 11.00 27.34 -11.72
C THR A 731 9.98 26.22 -11.54
N PHE A 732 9.23 26.27 -10.45
CA PHE A 732 8.20 25.28 -10.17
C PHE A 732 6.94 25.57 -10.98
N TRP A 733 6.45 24.55 -11.69
CA TRP A 733 5.18 24.62 -12.41
C TRP A 733 4.22 23.67 -11.73
N GLY A 734 3.37 24.22 -10.88
CA GLY A 734 2.47 23.38 -10.11
C GLY A 734 1.33 22.83 -10.93
N PHE A 735 0.72 21.76 -10.41
CA PHE A 735 -0.35 21.04 -11.08
C PHE A 735 -1.62 21.35 -10.29
N ALA A 736 -2.29 22.45 -10.65
CA ALA A 736 -3.42 22.92 -9.87
C ALA A 736 -4.67 22.09 -10.04
N ASP A 737 -4.77 21.32 -11.13
CA ASP A 737 -5.99 20.57 -11.39
C ASP A 737 -5.93 19.17 -10.78
N ARG A 738 -4.80 18.80 -10.17
CA ARG A 738 -4.71 17.53 -9.47
C ARG A 738 -5.46 17.52 -8.15
N ILE A 739 -5.81 18.69 -7.62
CA ILE A 739 -6.49 18.81 -6.33
C ILE A 739 -7.97 19.03 -6.59
N SER A 740 -8.79 18.12 -6.09
CA SER A 740 -10.22 18.08 -6.37
C SER A 740 -10.98 18.54 -5.14
N LEU A 741 -11.41 19.81 -5.14
CA LEU A 741 -12.16 20.35 -4.02
C LEU A 741 -13.58 19.79 -3.92
N TRP A 742 -14.09 19.14 -4.95
CA TRP A 742 -15.51 18.83 -5.00
C TRP A 742 -15.82 17.35 -5.02
N THR A 743 -14.94 16.51 -5.56
CA THR A 743 -15.13 15.07 -5.57
C THR A 743 -14.30 14.42 -4.46
N ARG A 744 -14.70 13.20 -4.08
CA ARG A 744 -14.11 12.52 -2.94
C ARG A 744 -14.08 11.02 -3.21
N GLU A 745 -13.02 10.36 -2.75
CA GLU A 745 -12.77 8.96 -3.05
C GLU A 745 -13.59 8.01 -2.19
N ASP A 746 -13.38 8.06 -0.87
CA ASP A 746 -14.04 7.12 0.03
C ASP A 746 -15.53 7.40 0.15
N THR A 747 -15.93 8.66 -0.04
CA THR A 747 -17.30 9.16 0.12
C THR A 747 -17.85 8.78 1.50
N LYS A 748 -17.04 9.02 2.54
CA LYS A 748 -17.56 8.92 3.89
C LYS A 748 -18.58 10.02 4.16
N ASP A 749 -18.29 11.23 3.64
CA ASP A 749 -19.00 12.47 3.96
C ASP A 749 -19.13 12.66 5.46
N ILE A 750 -17.99 12.88 6.12
CA ILE A 750 -17.78 12.88 7.56
C ILE A 750 -18.83 13.66 8.33
N GLY A 751 -19.40 13.05 9.36
CA GLY A 751 -20.40 13.68 10.22
C GLY A 751 -19.88 14.75 11.17
N ARG A 752 -18.66 15.20 10.95
CA ARG A 752 -17.99 16.20 11.78
C ARG A 752 -17.84 17.46 10.95
N LEU A 753 -18.01 18.61 11.59
CA LEU A 753 -18.07 19.88 10.86
C LEU A 753 -16.80 20.70 10.99
N ASN A 754 -16.21 20.74 12.19
CA ASN A 754 -14.88 21.34 12.37
C ASN A 754 -13.84 20.57 11.58
N LEU A 755 -13.96 19.25 11.54
CA LEU A 755 -13.05 18.41 10.75
C LEU A 755 -13.26 18.65 9.26
N ALA A 756 -14.50 18.93 8.84
CA ALA A 756 -14.75 19.21 7.43
C ALA A 756 -14.15 20.55 7.04
N MET A 757 -14.26 21.56 7.89
CA MET A 757 -13.66 22.84 7.57
C MET A 757 -12.13 22.78 7.63
N MET A 758 -11.58 21.90 8.48
CA MET A 758 -10.14 21.68 8.48
C MET A 758 -9.68 20.99 7.20
N GLU A 759 -10.48 20.03 6.70
CA GLU A 759 -10.19 19.39 5.42
C GLU A 759 -10.19 20.39 4.27
N LEU A 760 -11.17 21.30 4.28
CA LEU A 760 -11.23 22.35 3.26
C LEU A 760 -10.03 23.29 3.38
N ASN A 761 -9.63 23.63 4.61
CA ASN A 761 -8.45 24.47 4.80
C ASN A 761 -7.18 23.79 4.30
N ALA A 762 -7.08 22.47 4.50
CA ALA A 762 -5.90 21.74 4.02
C ALA A 762 -5.82 21.72 2.51
N LEU A 763 -6.95 21.48 1.83
CA LEU A 763 -6.96 21.51 0.37
C LEU A 763 -6.67 22.91 -0.19
N ILE A 764 -7.27 23.94 0.42
CA ILE A 764 -7.04 25.32 -0.01
C ILE A 764 -5.59 25.75 0.22
N ASP A 765 -4.97 25.29 1.31
CA ASP A 765 -3.54 25.57 1.52
C ASP A 765 -2.66 24.80 0.55
N ASP A 766 -3.06 23.58 0.17
CA ASP A 766 -2.29 22.84 -0.82
C ASP A 766 -2.42 23.43 -2.22
N LEU A 767 -3.48 24.19 -2.48
CA LEU A 767 -3.65 24.88 -3.76
C LEU A 767 -3.05 26.27 -3.76
N LEU A 768 -1.95 26.54 -3.07
CA LEU A 768 -1.54 27.93 -2.90
C LEU A 768 -0.44 28.34 -3.86
N PHE A 769 0.70 27.65 -3.90
CA PHE A 769 1.75 27.95 -4.88
C PHE A 769 1.67 27.06 -6.11
N ARG A 770 0.46 26.66 -6.50
CA ARG A 770 0.22 26.11 -7.82
C ARG A 770 -0.97 26.80 -8.49
N VAL A 771 -1.58 27.76 -7.82
CA VAL A 771 -2.67 28.54 -8.36
C VAL A 771 -2.07 29.84 -8.87
N ARG A 772 -2.82 30.57 -9.70
CA ARG A 772 -2.31 31.80 -10.29
C ARG A 772 -2.87 33.05 -9.61
N ARG A 773 -4.08 32.99 -9.08
CA ARG A 773 -4.67 34.09 -8.32
C ARG A 773 -5.29 33.53 -7.04
N PRO A 774 -4.60 33.65 -5.90
CA PRO A 774 -5.12 33.05 -4.66
C PRO A 774 -6.29 33.82 -4.03
N GLU A 775 -6.56 35.06 -4.44
CA GLU A 775 -7.69 35.78 -3.86
C GLU A 775 -9.03 35.21 -4.33
N GLY A 776 -9.12 34.86 -5.61
CA GLY A 776 -10.33 34.22 -6.11
C GLY A 776 -10.57 32.87 -5.49
N LEU A 777 -9.50 32.13 -5.21
CA LEU A 777 -9.64 30.84 -4.53
C LEU A 777 -10.01 31.01 -3.06
N LYS A 778 -9.54 32.10 -2.43
CA LYS A 778 -10.02 32.47 -1.10
C LYS A 778 -11.53 32.70 -1.11
N MET A 779 -12.01 33.42 -2.11
CA MET A 779 -13.43 33.74 -2.17
C MET A 779 -14.27 32.52 -2.49
N LEU A 780 -13.75 31.63 -3.33
CA LEU A 780 -14.40 30.35 -3.61
C LEU A 780 -14.51 29.49 -2.36
N GLY A 781 -13.44 29.43 -1.56
CA GLY A 781 -13.50 28.70 -0.32
C GLY A 781 -14.44 29.32 0.69
N PHE A 782 -14.54 30.64 0.71
CA PHE A 782 -15.51 31.32 1.57
C PHE A 782 -16.94 30.95 1.20
N PHE A 783 -17.28 30.99 -0.09
CA PHE A 783 -18.65 30.67 -0.46
C PHE A 783 -18.97 29.19 -0.34
N CYS A 784 -17.98 28.31 -0.50
CA CYS A 784 -18.30 26.89 -0.29
C CYS A 784 -18.47 26.59 1.20
N GLY A 785 -17.68 27.25 2.06
CA GLY A 785 -17.92 27.11 3.49
C GLY A 785 -19.16 27.81 3.98
N ALA A 786 -19.68 28.79 3.23
CA ALA A 786 -20.85 29.55 3.61
C ALA A 786 -22.14 29.05 2.98
N ILE A 787 -22.07 28.13 2.03
CA ILE A 787 -23.25 27.51 1.44
C ILE A 787 -23.32 26.01 1.75
N CYS A 788 -22.20 25.31 1.57
CA CYS A 788 -22.20 23.86 1.71
C CYS A 788 -22.26 23.43 3.16
N LEU A 789 -21.41 24.01 4.00
CA LEU A 789 -21.16 23.49 5.35
C LEU A 789 -21.83 24.31 6.43
N ARG A 790 -23.06 24.80 6.20
CA ARG A 790 -23.80 25.52 7.23
C ARG A 790 -24.60 24.60 8.13
N ARG A 791 -25.56 23.89 7.54
CA ARG A 791 -26.51 23.12 8.33
C ARG A 791 -25.90 21.80 8.77
N PHE A 792 -26.33 21.33 9.94
CA PHE A 792 -25.74 20.16 10.61
C PHE A 792 -26.84 19.42 11.36
N THR A 793 -27.31 18.30 10.79
CA THR A 793 -28.43 17.57 11.35
C THR A 793 -27.96 16.49 12.31
N LEU A 794 -28.55 16.47 13.50
CA LEU A 794 -28.32 15.44 14.49
C LEU A 794 -29.67 14.98 15.04
N SER A 795 -29.70 13.74 15.53
CA SER A 795 -30.93 13.12 16.03
C SER A 795 -31.08 13.48 17.50
N VAL A 796 -32.22 14.09 17.85
CA VAL A 796 -32.50 14.54 19.21
C VAL A 796 -33.73 13.81 19.73
N ASP A 797 -33.68 13.39 20.99
CA ASP A 797 -34.75 12.64 21.65
C ASP A 797 -36.05 13.44 21.68
N ASN A 798 -37.18 12.72 21.68
CA ASN A 798 -38.49 13.34 21.57
C ASN A 798 -38.84 14.17 22.81
N LYS A 799 -38.35 13.76 23.98
CA LYS A 799 -38.62 14.49 25.21
C LYS A 799 -37.78 15.75 25.36
N LEU A 800 -36.80 15.96 24.50
CA LEU A 800 -35.84 17.05 24.64
C LEU A 800 -35.81 17.98 23.43
N TYR A 801 -36.67 17.75 22.44
CA TYR A 801 -36.57 18.41 21.14
C TYR A 801 -36.86 19.90 21.23
N ASP A 802 -38.05 20.26 21.72
CA ASP A 802 -38.42 21.66 21.85
C ASP A 802 -37.63 22.36 22.95
N SER A 803 -37.16 21.61 23.94
CA SER A 803 -36.31 22.19 24.99
C SER A 803 -34.97 22.64 24.43
N THR A 804 -34.32 21.78 23.63
CA THR A 804 -33.08 22.16 22.98
C THR A 804 -33.28 23.26 21.95
N TYR A 805 -34.43 23.26 21.24
CA TYR A 805 -34.69 24.36 20.30
C TYR A 805 -34.87 25.69 21.03
N ASN A 806 -35.57 25.68 22.17
CA ASN A 806 -35.78 26.90 22.93
C ASN A 806 -34.49 27.40 23.57
N ASN A 807 -33.59 26.49 23.95
CA ASN A 807 -32.31 26.95 24.48
C ASN A 807 -31.37 27.45 23.38
N LEU A 808 -31.43 26.88 22.18
CA LEU A 808 -30.46 27.21 21.16
C LEU A 808 -30.87 28.32 20.21
N SER A 809 -32.17 28.63 20.09
CA SER A 809 -32.61 29.56 19.07
C SER A 809 -32.40 31.03 19.43
N LYS A 810 -31.69 31.34 20.51
CA LYS A 810 -31.56 32.71 20.96
C LYS A 810 -30.48 33.49 20.22
N TYR A 811 -29.52 32.82 19.61
CA TYR A 811 -28.43 33.52 18.92
C TYR A 811 -28.34 33.17 17.45
N MET A 812 -28.46 31.89 17.08
CA MET A 812 -28.47 31.50 15.68
C MET A 812 -29.76 30.76 15.37
N THR A 813 -30.08 30.72 14.08
CA THR A 813 -31.27 30.04 13.61
C THR A 813 -31.10 28.53 13.71
N LEU A 814 -32.22 27.82 13.73
CA LEU A 814 -32.21 26.36 13.69
C LEU A 814 -33.34 25.90 12.77
N VAL A 815 -33.26 24.63 12.36
CA VAL A 815 -34.23 24.05 11.44
C VAL A 815 -34.93 22.89 12.15
N LYS A 816 -36.24 22.82 12.01
CA LYS A 816 -37.08 21.79 12.58
C LYS A 816 -37.48 20.77 11.51
N TYR A 817 -37.94 19.61 11.96
CA TYR A 817 -38.40 18.56 11.06
C TYR A 817 -39.71 17.99 11.61
N ASP A 818 -40.24 16.98 10.92
CA ASP A 818 -41.49 16.36 11.30
C ASP A 818 -41.29 15.45 12.52
N LYS A 819 -42.40 15.16 13.21
CA LYS A 819 -42.35 14.51 14.50
C LYS A 819 -42.28 12.99 14.41
N ASN A 820 -42.49 12.40 13.22
CA ASN A 820 -42.22 11.01 12.85
C ASN A 820 -42.80 9.97 13.80
N PRO A 821 -44.11 9.68 13.72
CA PRO A 821 -44.70 8.65 14.58
C PRO A 821 -44.14 7.26 14.30
N ASP A 822 -44.45 6.34 15.22
CA ASP A 822 -43.98 4.94 15.26
C ASP A 822 -42.46 4.86 15.41
N PHE A 823 -41.82 5.93 15.87
CA PHE A 823 -40.40 5.97 16.21
C PHE A 823 -40.22 6.96 17.35
N ASP A 824 -39.04 6.94 17.95
CA ASP A 824 -38.80 7.78 19.12
C ASP A 824 -38.15 9.12 18.76
N SER A 825 -36.95 9.07 18.19
CA SER A 825 -36.12 10.25 18.04
C SER A 825 -36.22 10.80 16.63
N THR A 826 -36.32 12.12 16.50
CA THR A 826 -36.31 12.80 15.21
C THR A 826 -35.10 13.71 15.13
N LEU A 827 -34.68 14.00 13.90
CA LEU A 827 -33.47 14.78 13.68
C LEU A 827 -33.79 16.26 13.57
N MET A 828 -32.78 17.08 13.86
CA MET A 828 -32.89 18.53 13.76
C MET A 828 -31.54 19.10 13.35
N SER A 829 -31.57 20.20 12.62
CA SER A 829 -30.36 20.77 12.04
C SER A 829 -29.79 21.86 12.93
N LEU A 830 -28.57 22.27 12.61
CA LEU A 830 -27.80 23.26 13.37
C LEU A 830 -27.15 24.28 12.44
N ILE A 831 -27.95 24.91 11.59
CA ILE A 831 -27.53 26.03 10.73
C ILE A 831 -26.89 27.13 11.58
N LEU A 832 -25.74 27.63 11.14
CA LEU A 832 -24.82 28.40 11.95
C LEU A 832 -24.50 29.76 11.32
N PRO A 833 -24.06 30.74 12.11
CA PRO A 833 -23.69 32.04 11.54
C PRO A 833 -22.35 31.98 10.83
N LEU A 834 -22.08 33.02 10.04
CA LEU A 834 -20.84 33.06 9.27
C LEU A 834 -19.62 33.32 10.13
N ALA A 835 -19.80 33.81 11.36
CA ALA A 835 -18.68 34.05 12.25
C ALA A 835 -18.11 32.77 12.84
N TRP A 836 -18.75 31.62 12.62
CA TRP A 836 -18.14 30.36 12.99
C TRP A 836 -16.95 30.02 12.11
N LEU A 837 -16.93 30.55 10.87
CA LEU A 837 -15.86 30.25 9.94
C LEU A 837 -14.53 30.86 10.33
N PHE A 838 -14.53 31.83 11.24
CA PHE A 838 -13.36 32.68 11.45
C PHE A 838 -12.73 32.51 12.82
N MET A 839 -13.22 31.60 13.63
CA MET A 839 -12.87 31.49 15.04
C MET A 839 -12.02 30.25 15.31
N PRO A 840 -11.18 30.28 16.36
CA PRO A 840 -10.42 29.08 16.72
C PRO A 840 -11.34 27.97 17.20
N ARG A 841 -11.00 26.74 16.79
CA ARG A 841 -11.73 25.48 17.00
C ARG A 841 -13.08 25.53 16.27
N GLY A 842 -13.25 26.51 15.39
CA GLY A 842 -14.44 26.64 14.58
C GLY A 842 -14.13 26.45 13.11
N GLY A 843 -14.03 27.55 12.37
CA GLY A 843 -13.71 27.43 10.97
C GLY A 843 -12.25 27.64 10.66
N GLU A 844 -11.68 28.70 11.25
CA GLU A 844 -10.30 29.12 11.07
C GLU A 844 -10.00 29.39 9.59
N TYR A 845 -10.77 30.29 9.02
CA TYR A 845 -10.62 30.66 7.63
C TYR A 845 -10.12 32.10 7.54
N PRO A 846 -9.31 32.44 6.53
CA PRO A 846 -8.85 33.83 6.38
C PRO A 846 -10.01 34.77 6.08
N ALA A 847 -10.11 35.83 6.88
CA ALA A 847 -11.30 36.66 6.88
C ALA A 847 -11.19 37.81 5.89
N TYR A 848 -12.21 38.63 5.89
CA TYR A 848 -12.37 39.82 5.07
C TYR A 848 -12.28 41.06 5.94
N PRO A 849 -12.17 42.26 5.35
CA PRO A 849 -12.22 43.48 6.18
C PRO A 849 -13.54 43.68 6.90
N PHE A 850 -13.50 43.54 8.22
CA PHE A 850 -14.63 43.88 9.09
C PHE A 850 -14.55 45.34 9.46
N GLU A 851 -15.69 46.03 9.36
CA GLU A 851 -15.75 47.42 9.80
C GLU A 851 -15.78 47.45 11.33
N ARG A 852 -14.98 48.33 11.91
CA ARG A 852 -14.95 48.49 13.35
C ARG A 852 -16.08 49.43 13.78
N ARG A 853 -16.07 49.83 15.05
CA ARG A 853 -17.03 50.82 15.53
C ARG A 853 -16.76 52.20 14.92
N ASP A 854 -15.50 52.53 14.69
CA ASP A 854 -15.09 53.86 14.28
C ASP A 854 -15.03 54.04 12.77
N GLY A 855 -15.49 53.06 12.01
CA GLY A 855 -15.53 53.16 10.56
C GLY A 855 -14.31 52.62 9.84
N THR A 856 -13.17 52.52 10.52
CA THR A 856 -11.97 51.99 9.89
C THR A 856 -12.05 50.48 9.84
N PHE A 857 -11.75 49.90 8.69
CA PHE A 857 -11.92 48.47 8.49
C PHE A 857 -10.78 47.68 9.11
N THR A 858 -11.03 46.39 9.31
CA THR A 858 -9.99 45.45 9.66
C THR A 858 -9.15 45.17 8.41
N GLU A 859 -7.90 44.74 8.60
CA GLU A 859 -7.06 44.46 7.46
C GLU A 859 -7.44 43.15 6.80
N ASP A 860 -7.25 43.10 5.48
CA ASP A 860 -7.61 41.94 4.68
C ASP A 860 -6.62 40.81 4.97
N GLU A 861 -7.12 39.73 5.55
CA GLU A 861 -6.28 38.59 5.86
C GLU A 861 -5.89 37.86 4.58
N SER A 862 -4.60 37.65 4.39
CA SER A 862 -4.09 37.01 3.20
C SER A 862 -4.21 35.50 3.30
N MET A 863 -3.67 34.81 2.30
CA MET A 863 -3.66 33.36 2.30
C MET A 863 -2.53 32.78 3.10
N PHE A 864 -1.59 33.61 3.56
CA PHE A 864 -0.46 33.16 4.34
C PHE A 864 -0.68 33.34 5.83
N THR A 865 -1.88 33.74 6.24
CA THR A 865 -2.13 34.05 7.64
C THR A 865 -2.13 32.77 8.48
N ALA A 866 -1.93 32.95 9.78
CA ALA A 866 -1.79 31.82 10.68
C ALA A 866 -3.16 31.23 11.02
N ARG A 867 -3.14 30.08 11.68
CA ARG A 867 -4.33 29.45 12.22
C ARG A 867 -4.04 28.99 13.64
N GLY A 868 -5.07 28.51 14.32
CA GLY A 868 -4.92 28.07 15.69
C GLY A 868 -5.45 29.08 16.68
N ALA A 869 -4.77 29.24 17.81
CA ALA A 869 -5.20 30.21 18.81
C ALA A 869 -4.90 31.64 18.42
N TYR A 870 -4.13 31.85 17.33
CA TYR A 870 -3.89 33.19 16.83
C TYR A 870 -5.17 33.83 16.28
N LYS A 871 -6.13 33.01 15.83
CA LYS A 871 -7.36 33.52 15.25
C LYS A 871 -8.30 34.16 16.26
N ARG A 872 -8.00 34.07 17.56
CA ARG A 872 -8.76 34.77 18.58
C ARG A 872 -8.49 36.28 18.53
N ARG A 873 -7.38 36.68 17.91
CA ARG A 873 -6.99 38.09 17.81
C ARG A 873 -7.95 38.90 16.93
N LEU A 874 -8.76 38.25 16.10
CA LEU A 874 -9.73 38.98 15.28
C LEU A 874 -10.81 39.63 16.13
N LEU A 875 -11.10 39.07 17.31
CA LEU A 875 -12.03 39.68 18.26
C LEU A 875 -11.51 41.04 18.73
N TYR A 876 -10.26 41.09 19.15
CA TYR A 876 -9.66 42.34 19.59
C TYR A 876 -9.34 43.26 18.42
N ASP A 877 -9.13 42.70 17.24
CA ASP A 877 -8.83 43.52 16.07
C ASP A 877 -10.08 44.24 15.58
N VAL A 878 -11.24 43.59 15.69
CA VAL A 878 -12.49 44.29 15.39
C VAL A 878 -12.97 45.11 16.58
N SER A 879 -12.40 44.85 17.77
CA SER A 879 -12.70 45.65 18.95
C SER A 879 -11.84 46.90 19.07
N ASN A 880 -11.09 47.26 18.03
CA ASN A 880 -10.31 48.49 17.91
C ASN A 880 -9.23 48.60 19.00
N ILE A 881 -8.24 47.71 18.87
CA ILE A 881 -7.01 47.72 19.67
C ILE A 881 -6.31 49.09 19.64
N ARG A 882 -6.35 49.79 18.49
CA ARG A 882 -5.81 51.14 18.37
C ARG A 882 -6.40 52.11 19.41
N GLU A 883 -7.67 51.90 19.77
CA GLU A 883 -8.27 52.63 20.89
C GLU A 883 -7.89 52.03 22.23
N MET A 884 -7.68 50.70 22.29
CA MET A 884 -7.39 50.04 23.56
C MET A 884 -6.05 50.47 24.14
N ILE A 885 -5.05 50.72 23.29
CA ILE A 885 -3.75 51.10 23.83
C ILE A 885 -3.74 52.51 24.37
N GLN A 886 -4.70 53.35 23.98
CA GLN A 886 -4.76 54.71 24.49
C GLN A 886 -5.86 54.91 25.52
N GLN A 887 -6.76 53.95 25.68
CA GLN A 887 -7.73 53.98 26.77
C GLN A 887 -7.30 53.14 27.96
N ASN A 888 -6.24 52.33 27.81
CA ASN A 888 -5.66 51.47 28.85
C ASN A 888 -6.71 50.50 29.40
N SER A 889 -7.50 49.92 28.50
CA SER A 889 -8.54 48.98 28.88
C SER A 889 -8.42 47.71 28.06
N MET A 890 -9.12 46.68 28.48
CA MET A 890 -9.22 45.42 27.76
C MET A 890 -10.68 45.08 27.47
N VAL A 891 -11.49 46.11 27.23
CA VAL A 891 -12.92 45.93 26.99
C VAL A 891 -13.12 45.39 25.58
N LEU A 892 -13.64 44.17 25.48
CA LEU A 892 -13.73 43.46 24.21
C LEU A 892 -14.83 43.99 23.29
N ASP A 893 -15.69 44.90 23.79
CA ASP A 893 -16.80 45.50 23.04
C ASP A 893 -17.74 44.41 22.51
N ASP A 894 -18.41 43.76 23.47
CA ASP A 894 -19.29 42.64 23.17
C ASP A 894 -20.52 43.04 22.38
N ASP A 895 -20.87 44.33 22.36
CA ASP A 895 -22.00 44.79 21.56
C ASP A 895 -21.71 44.67 20.06
N LEU A 896 -20.50 45.04 19.64
CA LEU A 896 -20.16 44.93 18.23
C LEU A 896 -19.99 43.48 17.82
N LEU A 897 -19.44 42.65 18.71
CA LEU A 897 -19.31 41.23 18.49
C LEU A 897 -20.64 40.50 18.52
N HIS A 898 -21.68 41.13 19.08
CA HIS A 898 -23.04 40.63 18.93
C HIS A 898 -23.70 41.15 17.65
N GLU A 899 -23.33 42.35 17.20
CA GLU A 899 -23.82 42.84 15.92
C GLU A 899 -23.31 42.00 14.77
N TYR A 900 -22.07 41.53 14.85
CA TYR A 900 -21.54 40.62 13.85
C TYR A 900 -21.81 39.15 14.16
N GLY A 901 -22.36 38.84 15.33
CA GLY A 901 -22.70 37.46 15.64
C GLY A 901 -21.54 36.57 15.98
N PHE A 902 -20.46 37.10 16.55
CA PHE A 902 -19.36 36.27 17.02
C PHE A 902 -19.73 35.49 18.27
N THR A 903 -20.69 35.98 19.06
CA THR A 903 -20.96 35.39 20.36
C THR A 903 -21.70 34.06 20.24
N GLY A 904 -22.62 33.93 19.28
CA GLY A 904 -23.26 32.65 19.06
C GLY A 904 -22.31 31.63 18.45
N ALA A 905 -21.36 32.10 17.65
CA ALA A 905 -20.33 31.22 17.10
C ALA A 905 -19.44 30.66 18.19
N LEU A 906 -18.99 31.52 19.11
CA LEU A 906 -18.20 31.04 20.24
C LEU A 906 -19.02 30.21 21.21
N LEU A 907 -20.35 30.44 21.27
CA LEU A 907 -21.22 29.56 22.05
C LEU A 907 -21.24 28.15 21.47
N LEU A 908 -21.43 28.04 20.15
CA LEU A 908 -21.45 26.73 19.50
C LEU A 908 -20.10 26.05 19.57
N ILE A 909 -19.01 26.82 19.58
CA ILE A 909 -17.70 26.23 19.81
C ILE A 909 -17.58 25.73 21.25
N ASP A 910 -18.12 26.48 22.21
CA ASP A 910 -18.07 26.04 23.59
C ASP A 910 -19.00 24.89 23.92
N LEU A 911 -19.93 24.54 23.01
CA LEU A 911 -20.76 23.36 23.27
C LEU A 911 -19.97 22.06 23.17
N ASN A 912 -18.99 22.01 22.24
CA ASN A 912 -18.02 20.92 22.09
C ASN A 912 -18.72 19.58 21.81
N ILE A 913 -19.33 19.51 20.62
CA ILE A 913 -20.22 18.39 20.27
C ILE A 913 -19.42 17.12 20.01
N LEU A 914 -18.32 17.22 19.25
CA LEU A 914 -17.63 16.04 18.74
C LEU A 914 -16.91 15.28 19.85
N ASP A 915 -16.46 16.00 20.89
CA ASP A 915 -15.84 15.33 22.03
C ASP A 915 -16.86 14.50 22.80
N LEU A 916 -18.09 15.00 22.93
CA LEU A 916 -19.16 14.23 23.58
C LEU A 916 -19.55 13.02 22.75
N ILE A 917 -19.60 13.17 21.43
CA ILE A 917 -19.91 12.04 20.54
C ILE A 917 -18.84 10.97 20.65
N ASP A 918 -17.56 11.37 20.78
CA ASP A 918 -16.50 10.39 20.90
C ASP A 918 -16.50 9.73 22.27
N GLU A 919 -16.79 10.49 23.33
CA GLU A 919 -16.73 9.95 24.68
C GLU A 919 -17.86 8.96 24.95
N VAL A 920 -19.04 9.20 24.38
CA VAL A 920 -20.11 8.23 24.57
C VAL A 920 -19.91 6.96 23.75
N LYS A 921 -19.03 6.98 22.75
CA LYS A 921 -18.58 5.75 22.13
C LYS A 921 -17.50 5.08 22.97
N LYS A 922 -16.64 5.87 23.61
CA LYS A 922 -15.61 5.35 24.50
C LYS A 922 -16.19 4.69 25.75
N GLU A 923 -17.40 5.06 26.16
CA GLU A 923 -17.99 4.54 27.39
C GLU A 923 -18.58 3.13 27.25
N ASP A 924 -18.18 2.33 26.27
CA ASP A 924 -18.79 1.02 26.03
C ASP A 924 -17.79 -0.12 26.01
N ILE A 925 -16.53 0.13 25.64
CA ILE A 925 -15.56 -0.93 25.39
C ILE A 925 -15.12 -1.55 26.71
N SER A 926 -15.26 -2.88 26.82
CA SER A 926 -14.94 -3.59 28.06
C SER A 926 -13.44 -3.74 28.21
N PRO A 927 -12.82 -3.22 29.27
CA PRO A 927 -11.36 -3.29 29.40
C PRO A 927 -10.82 -4.66 29.76
N VAL A 928 -11.68 -5.60 30.18
CA VAL A 928 -11.22 -6.93 30.56
C VAL A 928 -10.75 -7.70 29.33
N LYS A 929 -11.56 -7.70 28.27
CA LYS A 929 -11.18 -8.38 27.05
C LYS A 929 -10.02 -7.70 26.34
N VAL A 930 -9.96 -6.37 26.41
CA VAL A 930 -8.84 -5.63 25.82
C VAL A 930 -7.54 -5.95 26.55
N ASN A 931 -7.61 -6.03 27.88
CA ASN A 931 -6.45 -6.42 28.68
C ASN A 931 -6.01 -7.84 28.37
N GLU A 932 -6.97 -8.77 28.21
CA GLU A 932 -6.64 -10.16 27.91
C GLU A 932 -5.97 -10.28 26.53
N LEU A 933 -6.52 -9.59 25.53
CA LEU A 933 -5.96 -9.64 24.18
C LEU A 933 -4.56 -9.01 24.13
N ALA A 934 -4.36 -7.88 24.79
CA ALA A 934 -3.04 -7.26 24.71
C ALA A 934 -2.02 -7.96 25.59
N THR A 935 -2.44 -8.64 26.66
CA THR A 935 -1.52 -9.49 27.40
C THR A 935 -1.13 -10.71 26.59
N SER A 936 -2.06 -11.24 25.78
CA SER A 936 -1.68 -12.28 24.83
C SER A 936 -0.77 -11.75 23.73
N LEU A 937 -0.85 -10.45 23.44
CA LEU A 937 -0.08 -9.89 22.33
C LEU A 937 1.31 -9.43 22.75
N GLU A 938 1.52 -9.12 24.04
CA GLU A 938 2.84 -8.70 24.52
C GLU A 938 3.89 -9.79 24.45
N GLN A 939 3.50 -11.05 24.28
CA GLN A 939 4.40 -12.18 24.48
C GLN A 939 5.28 -12.48 23.28
N LEU A 940 5.27 -11.64 22.25
CA LEU A 940 5.94 -12.02 21.01
C LEU A 940 7.37 -11.49 20.94
N GLY A 941 7.62 -10.31 21.48
CA GLY A 941 8.97 -9.75 21.43
C GLY A 941 9.19 -8.77 22.56
N LYS A 942 10.44 -8.69 23.02
CA LYS A 942 10.93 -7.76 24.05
C LYS A 942 10.17 -7.92 25.37
N LEU A 943 10.39 -9.08 25.99
CA LEU A 943 9.79 -9.34 27.28
C LEU A 943 10.47 -8.51 28.38
N GLY A 944 9.78 -8.39 29.51
CA GLY A 944 10.31 -7.79 30.70
C GLY A 944 10.17 -6.28 30.78
N GLU A 945 10.08 -5.60 29.64
CA GLU A 945 10.03 -4.14 29.65
C GLU A 945 8.63 -3.64 30.02
N ARG A 946 7.60 -4.29 29.48
CA ARG A 946 6.23 -3.92 29.78
C ARG A 946 5.89 -4.16 31.25
N GLU A 947 6.37 -5.29 31.79
CA GLU A 947 6.08 -5.63 33.17
C GLU A 947 6.83 -4.70 34.13
N LYS A 948 8.07 -4.34 33.80
CA LYS A 948 8.83 -3.40 34.62
C LYS A 948 8.19 -2.02 34.59
N SER A 949 7.69 -1.59 33.42
CA SER A 949 7.01 -0.30 33.32
C SER A 949 5.70 -0.30 34.10
N ARG A 950 4.92 -1.38 34.03
CA ARG A 950 3.68 -1.44 34.78
C ARG A 950 3.92 -1.58 36.28
N ARG A 951 5.01 -2.23 36.68
CA ARG A 951 5.38 -2.29 38.09
C ARG A 951 5.75 -0.92 38.62
N ALA A 952 6.50 -0.14 37.83
CA ALA A 952 6.80 1.23 38.23
C ALA A 952 5.56 2.11 38.24
N ALA A 953 4.61 1.86 37.33
CA ALA A 953 3.38 2.63 37.32
C ALA A 953 2.50 2.33 38.53
N SER A 954 2.40 1.05 38.92
CA SER A 954 1.65 0.70 40.11
C SER A 954 2.34 1.19 41.38
N ASP A 955 3.68 1.21 41.37
CA ASP A 955 4.40 1.77 42.51
C ASP A 955 4.17 3.28 42.65
N LEU A 956 4.19 4.00 41.53
CA LEU A 956 3.93 5.43 41.57
C LEU A 956 2.46 5.71 41.86
N LYS A 957 1.57 4.77 41.54
CA LYS A 957 0.18 4.94 41.94
C LYS A 957 0.00 4.70 43.43
N ILE A 958 0.77 3.78 44.01
CA ILE A 958 0.53 3.48 45.42
C ILE A 958 1.25 4.47 46.34
N ARG A 959 2.36 5.07 45.90
CA ARG A 959 3.00 6.09 46.72
C ARG A 959 2.88 7.49 46.11
N GLY A 960 1.90 7.69 45.25
CA GLY A 960 1.61 9.00 44.69
C GLY A 960 0.14 9.09 44.31
N HIS A 961 -0.20 9.96 43.36
CA HIS A 961 -1.60 10.15 43.02
C HIS A 961 -2.09 9.08 42.05
N ALA A 962 -1.56 9.10 40.82
CA ALA A 962 -1.99 8.24 39.71
C ALA A 962 -1.13 8.54 38.50
N LEU A 963 -1.22 7.68 37.50
CA LEU A 963 -0.80 7.94 36.13
C LEU A 963 -1.92 7.54 35.19
N SER A 964 -2.00 8.22 34.06
CA SER A 964 -3.07 7.95 33.11
C SER A 964 -2.75 6.71 32.29
N ASN A 965 -3.71 6.32 31.45
CA ASN A 965 -3.66 4.97 30.86
C ASN A 965 -2.72 4.91 29.67
N ASP A 966 -2.86 5.86 28.72
CA ASP A 966 -2.08 5.82 27.48
C ASP A 966 -0.60 6.08 27.73
N ILE A 967 -0.29 6.95 28.68
CA ILE A 967 1.04 7.52 28.81
C ILE A 967 2.02 6.46 29.36
N VAL A 968 1.50 5.54 30.18
CA VAL A 968 2.31 4.43 30.65
C VAL A 968 2.62 3.50 29.49
N TYR A 969 3.88 3.07 29.39
CA TYR A 969 4.33 2.29 28.25
C TYR A 969 3.75 0.88 28.25
N GLY A 970 3.51 0.33 29.45
CA GLY A 970 3.01 -1.04 29.54
C GLY A 970 1.56 -1.16 29.08
N TYR A 971 0.84 -0.05 29.10
CA TYR A 971 -0.56 -0.02 28.70
C TYR A 971 -0.77 0.57 27.31
N GLY A 972 0.31 0.83 26.57
CA GLY A 972 0.16 1.44 25.26
C GLY A 972 -0.42 0.50 24.23
N LEU A 973 -0.11 -0.80 24.36
CA LEU A 973 -0.67 -1.79 23.46
C LEU A 973 -2.15 -2.01 23.74
N GLN A 974 -2.51 -2.06 25.03
CA GLN A 974 -3.93 -2.08 25.43
C GLN A 974 -4.65 -0.85 24.92
N GLU A 975 -3.98 0.30 24.96
CA GLU A 975 -4.61 1.54 24.51
C GLU A 975 -4.83 1.52 23.01
N LYS A 976 -3.87 1.00 22.24
CA LYS A 976 -4.02 0.97 20.79
C LYS A 976 -5.10 -0.01 20.36
N ILE A 977 -5.20 -1.16 21.06
CA ILE A 977 -6.29 -2.10 20.78
C ILE A 977 -7.63 -1.50 21.15
N GLN A 978 -7.71 -0.79 22.27
CA GLN A 978 -8.97 -0.22 22.71
C GLN A 978 -9.40 0.95 21.82
N LYS A 979 -8.44 1.68 21.25
CA LYS A 979 -8.81 2.76 20.34
C LYS A 979 -9.14 2.23 18.96
N SER A 980 -8.57 1.09 18.58
CA SER A 980 -8.97 0.45 17.34
C SER A 980 -10.35 -0.17 17.46
N ALA A 981 -10.74 -0.56 18.68
CA ALA A 981 -12.04 -1.20 18.87
C ALA A 981 -13.17 -0.19 18.83
N MET A 982 -12.97 1.00 19.40
CA MET A 982 -14.05 1.97 19.54
C MET A 982 -14.40 2.67 18.25
N ALA A 983 -13.60 2.50 17.19
CA ALA A 983 -13.90 3.15 15.92
C ALA A 983 -14.81 2.31 15.03
N THR A 984 -15.65 1.45 15.62
CA THR A 984 -16.39 0.48 14.81
C THR A 984 -17.78 0.98 14.43
N LYS A 985 -18.58 1.41 15.41
CA LYS A 985 -20.00 1.60 15.17
C LYS A 985 -20.56 2.76 15.99
N GLU A 986 -21.69 3.30 15.51
CA GLU A 986 -22.46 4.33 16.20
C GLU A 986 -23.97 4.16 16.05
N THR A 987 -24.44 2.95 15.75
CA THR A 987 -25.73 2.68 15.08
C THR A 987 -26.91 2.92 16.02
N THR A 988 -26.75 2.88 17.34
CA THR A 988 -27.86 2.60 18.25
C THR A 988 -27.91 3.67 19.33
N VAL A 989 -28.58 3.32 20.44
CA VAL A 989 -28.95 4.18 21.58
C VAL A 989 -27.82 5.03 22.18
N GLN A 990 -26.57 4.75 21.80
CA GLN A 990 -25.50 5.73 21.84
C GLN A 990 -25.91 7.07 21.21
N SER A 991 -26.73 7.06 20.16
CA SER A 991 -27.27 8.31 19.63
C SER A 991 -28.27 8.96 20.60
N LYS A 992 -29.05 8.14 21.32
CA LYS A 992 -29.94 8.69 22.35
C LYS A 992 -29.15 9.33 23.47
N ARG A 993 -28.02 8.72 23.85
CA ARG A 993 -27.22 9.35 24.90
C ARG A 993 -26.38 10.50 24.35
N VAL A 994 -26.14 10.54 23.03
CA VAL A 994 -25.63 11.77 22.40
C VAL A 994 -26.63 12.90 22.61
N SER A 995 -27.91 12.63 22.32
CA SER A 995 -28.95 13.63 22.53
C SER A 995 -29.12 14.00 24.01
N SER A 996 -28.80 13.06 24.90
CA SER A 996 -28.94 13.34 26.33
C SER A 996 -27.76 14.17 26.86
N ARG A 997 -26.53 13.81 26.49
CA ARG A 997 -25.37 14.53 26.99
C ARG A 997 -25.27 15.93 26.37
N LEU A 998 -25.76 16.08 25.14
CA LEU A 998 -25.78 17.40 24.52
C LEU A 998 -26.95 18.23 25.02
N HIS A 999 -27.89 17.61 25.74
CA HIS A 999 -28.98 18.37 26.34
C HIS A 999 -28.56 19.04 27.63
N GLU A 1000 -27.67 18.41 28.39
CA GLU A 1000 -27.36 18.95 29.71
C GLU A 1000 -26.30 20.05 29.63
N VAL A 1001 -25.56 20.11 28.53
CA VAL A 1001 -24.58 21.19 28.37
C VAL A 1001 -25.25 22.46 27.89
N ILE A 1002 -26.36 22.33 27.15
CA ILE A 1002 -27.00 23.53 26.59
C ILE A 1002 -27.92 24.16 27.62
N VAL A 1003 -28.36 23.39 28.62
CA VAL A 1003 -29.08 23.98 29.74
C VAL A 1003 -28.13 24.85 30.55
N ALA A 1004 -26.90 24.37 30.75
CA ALA A 1004 -25.94 25.10 31.57
C ALA A 1004 -25.30 26.26 30.81
N LYS A 1005 -25.24 26.17 29.48
CA LYS A 1005 -24.56 27.21 28.72
C LYS A 1005 -25.50 28.34 28.33
N THR A 1006 -26.79 28.05 28.17
CA THR A 1006 -27.69 29.07 27.63
C THR A 1006 -28.51 29.77 28.71
N ARG A 1007 -27.98 29.87 29.93
CA ARG A 1007 -28.50 30.89 30.83
C ARG A 1007 -28.24 32.28 30.28
N ASP A 1008 -26.96 32.65 30.18
CA ASP A 1008 -26.51 33.88 29.58
C ASP A 1008 -25.05 33.71 29.19
N TYR A 1009 -24.71 34.12 27.99
CA TYR A 1009 -23.37 33.90 27.48
C TYR A 1009 -22.72 35.22 27.13
N LYS A 1010 -21.54 35.44 27.68
CA LYS A 1010 -20.69 36.56 27.33
C LYS A 1010 -19.27 36.02 27.20
N ILE A 1011 -18.49 36.63 26.31
CA ILE A 1011 -17.21 36.09 25.85
C ILE A 1011 -16.19 36.12 26.97
N PRO A 1012 -15.68 34.97 27.42
CA PRO A 1012 -14.70 34.96 28.52
C PRO A 1012 -13.30 35.31 28.00
N THR A 1013 -12.59 36.15 28.74
CA THR A 1013 -11.25 36.56 28.40
C THR A 1013 -10.29 36.10 29.48
N MET A 1014 -9.16 35.54 29.05
CA MET A 1014 -8.13 35.09 29.96
C MET A 1014 -7.25 36.27 30.34
N PRO A 1015 -6.27 36.08 31.23
CA PRO A 1015 -5.12 36.98 31.23
C PRO A 1015 -4.13 36.66 30.12
N ALA A 1016 -4.21 35.46 29.54
CA ALA A 1016 -3.21 35.02 28.58
C ALA A 1016 -3.42 35.60 27.19
N ASP A 1017 -4.60 36.13 26.89
CA ASP A 1017 -4.81 36.82 25.62
C ASP A 1017 -4.67 38.32 25.76
N ALA A 1018 -4.00 38.78 26.82
CA ALA A 1018 -3.58 40.16 26.89
C ALA A 1018 -2.39 40.43 25.96
N LEU A 1019 -1.68 39.38 25.55
CA LEU A 1019 -0.61 39.51 24.58
C LEU A 1019 -1.09 39.37 23.14
N HIS A 1020 -2.37 39.10 22.91
CA HIS A 1020 -2.89 39.17 21.55
C HIS A 1020 -3.09 40.58 21.07
N LEU A 1021 -3.22 41.49 22.04
CA LEU A 1021 -3.46 42.89 21.74
C LEU A 1021 -2.15 43.62 21.51
N TYR A 1022 -2.08 44.24 20.35
CA TYR A 1022 -0.91 45.03 19.96
C TYR A 1022 -1.12 45.44 18.51
N GLU A 1023 -0.40 46.48 18.08
CA GLU A 1023 -0.57 47.00 16.73
C GLU A 1023 0.74 47.46 16.14
N PHE A 1024 0.65 47.97 14.92
CA PHE A 1024 1.78 48.39 14.11
C PHE A 1024 1.45 49.72 13.43
N GLU A 1025 2.43 50.62 13.40
CA GLU A 1025 2.27 51.91 12.75
C GLU A 1025 3.21 51.96 11.55
N VAL A 1026 2.75 52.61 10.49
CA VAL A 1026 3.50 52.70 9.25
C VAL A 1026 4.33 53.97 9.27
N GLU A 1027 5.63 53.83 9.06
CA GLU A 1027 6.51 54.98 8.97
C GLU A 1027 6.65 55.42 7.51
N ASP A 1028 7.54 56.37 7.26
CA ASP A 1028 7.76 56.87 5.92
C ASP A 1028 8.98 56.26 5.25
N VAL A 1029 9.68 55.37 5.93
CA VAL A 1029 10.94 54.82 5.44
C VAL A 1029 10.64 53.55 4.65
N THR A 1030 11.13 53.48 3.42
CA THR A 1030 10.98 52.28 2.62
C THR A 1030 12.07 51.27 2.96
N VAL A 1031 11.67 50.04 3.26
CA VAL A 1031 12.65 49.00 3.54
C VAL A 1031 13.38 48.60 2.26
N ASP A 1032 14.51 47.95 2.44
CA ASP A 1032 15.31 47.47 1.31
C ASP A 1032 14.93 46.05 0.95
N LEU A 1033 14.75 45.80 -0.35
CA LEU A 1033 14.36 44.49 -0.83
C LEU A 1033 15.58 43.58 -0.82
N LEU A 1034 15.35 42.29 -0.55
CA LEU A 1034 16.40 41.29 -0.66
C LEU A 1034 16.92 41.23 -2.08
N PRO A 1035 18.22 40.97 -2.28
CA PRO A 1035 18.82 41.12 -3.62
C PRO A 1035 18.35 40.12 -4.64
N HIS A 1036 17.65 39.06 -4.24
CA HIS A 1036 17.04 38.15 -5.20
C HIS A 1036 15.65 38.61 -5.63
N ALA A 1037 15.30 39.87 -5.40
CA ALA A 1037 14.11 40.43 -6.00
C ALA A 1037 14.33 40.80 -7.45
N LYS A 1038 15.56 41.07 -7.85
CA LYS A 1038 15.86 41.36 -9.24
C LYS A 1038 16.12 40.10 -10.04
N HIS A 1039 16.54 39.03 -9.37
CA HIS A 1039 16.80 37.77 -10.05
C HIS A 1039 15.52 37.01 -10.33
N THR A 1040 14.51 37.15 -9.47
CA THR A 1040 13.26 36.41 -9.60
C THR A 1040 12.13 37.28 -10.15
N SER A 1041 12.47 38.34 -10.88
CA SER A 1041 11.44 39.14 -11.55
C SER A 1041 11.15 38.60 -12.94
N TYR A 1042 12.20 38.24 -13.68
CA TYR A 1042 12.03 37.47 -14.90
C TYR A 1042 11.72 36.03 -14.53
N SER A 1043 10.71 35.46 -15.21
CA SER A 1043 10.37 34.03 -15.14
C SER A 1043 10.06 33.59 -13.71
N ASN A 1044 8.91 34.08 -13.22
CA ASN A 1044 8.44 33.81 -11.86
C ASN A 1044 8.46 32.33 -11.50
N LEU A 1045 8.87 32.03 -10.27
CA LEU A 1045 9.15 30.66 -9.88
C LEU A 1045 7.97 29.96 -9.24
N ALA A 1046 6.77 30.51 -9.36
CA ALA A 1046 5.51 29.78 -9.29
C ALA A 1046 4.47 30.61 -10.03
N TYR A 1047 3.25 30.09 -10.10
CA TYR A 1047 2.22 30.79 -10.86
C TYR A 1047 1.72 32.04 -10.16
N ASN A 1048 1.84 32.14 -8.84
CA ASN A 1048 1.50 33.36 -8.12
C ASN A 1048 2.73 34.11 -7.63
N MET A 1049 3.91 33.80 -8.13
CA MET A 1049 5.13 34.52 -7.80
C MET A 1049 5.45 35.60 -8.82
N SER A 1050 4.46 36.04 -9.59
CA SER A 1050 4.68 37.00 -10.66
C SER A 1050 5.05 38.37 -10.12
N PHE A 1051 5.64 39.18 -10.98
CA PHE A 1051 6.21 40.48 -10.58
C PHE A 1051 5.13 41.42 -10.08
N GLY A 1052 5.21 41.76 -8.79
CA GLY A 1052 4.23 42.61 -8.15
C GLY A 1052 3.24 41.88 -7.27
N SER A 1053 3.18 40.55 -7.36
CA SER A 1053 2.20 39.79 -6.61
C SER A 1053 2.56 39.74 -5.14
N ASP A 1054 1.65 39.17 -4.35
CA ASP A 1054 1.85 39.09 -2.91
C ASP A 1054 2.87 38.03 -2.55
N GLY A 1055 2.92 36.94 -3.30
CA GLY A 1055 3.92 35.92 -3.05
C GLY A 1055 5.31 36.38 -3.43
N TRP A 1056 5.44 37.09 -4.55
CA TRP A 1056 6.73 37.63 -4.95
C TRP A 1056 7.21 38.69 -3.98
N PHE A 1057 6.32 39.56 -3.52
CA PHE A 1057 6.76 40.63 -2.63
C PHE A 1057 7.04 40.10 -1.23
N ALA A 1058 6.29 39.10 -0.77
CA ALA A 1058 6.62 38.45 0.48
C ALA A 1058 7.93 37.70 0.40
N PHE A 1059 8.25 37.13 -0.76
CA PHE A 1059 9.53 36.47 -0.94
C PHE A 1059 10.67 37.47 -1.06
N ALA A 1060 10.39 38.66 -1.60
CA ALA A 1060 11.39 39.72 -1.66
C ALA A 1060 11.62 40.36 -0.29
N LEU A 1061 10.64 40.30 0.60
CA LEU A 1061 10.83 40.84 1.95
C LEU A 1061 11.43 39.80 2.90
N LEU A 1062 10.74 38.68 3.09
CA LEU A 1062 11.13 37.71 4.10
C LEU A 1062 12.31 36.85 3.65
N GLY A 1063 12.49 36.69 2.34
CA GLY A 1063 13.57 35.89 1.82
C GLY A 1063 13.23 34.42 1.76
N GLY A 1064 14.15 33.65 1.20
CA GLY A 1064 13.95 32.23 1.05
C GLY A 1064 14.12 31.46 2.34
N LEU A 1065 13.77 30.19 2.28
CA LEU A 1065 13.88 29.33 3.44
C LEU A 1065 15.30 28.80 3.57
N ASP A 1066 15.79 28.73 4.81
CA ASP A 1066 17.15 28.32 5.08
C ASP A 1066 17.16 27.22 6.12
N ARG A 1067 18.02 26.23 5.92
CA ARG A 1067 18.17 25.12 6.85
C ARG A 1067 19.30 25.34 7.84
N SER A 1068 20.19 26.30 7.59
CA SER A 1068 21.32 26.58 8.45
C SER A 1068 21.06 27.73 9.42
N ALA A 1069 20.36 28.77 8.98
CA ALA A 1069 20.12 29.96 9.80
C ALA A 1069 18.98 29.67 10.77
N ASN A 1070 19.31 29.01 11.87
CA ASN A 1070 18.40 28.86 13.01
C ASN A 1070 18.91 29.78 14.13
N LEU A 1071 18.44 31.02 14.12
CA LEU A 1071 18.93 32.02 15.07
C LEU A 1071 18.36 31.76 16.46
N LEU A 1072 17.04 31.85 16.60
CA LEU A 1072 16.34 31.50 17.83
C LEU A 1072 15.47 30.28 17.56
N ARG A 1073 15.83 29.16 18.17
CA ARG A 1073 15.15 27.90 17.93
C ARG A 1073 14.52 27.32 19.18
N LEU A 1074 15.11 27.54 20.35
CA LEU A 1074 14.58 26.98 21.60
C LEU A 1074 13.36 27.76 22.07
N ASP A 1075 13.49 29.09 22.16
CA ASP A 1075 12.42 29.92 22.69
C ASP A 1075 11.22 29.97 21.76
N VAL A 1076 11.47 30.06 20.45
CA VAL A 1076 10.39 30.16 19.46
C VAL A 1076 9.55 28.89 19.47
N ALA A 1077 10.21 27.73 19.40
CA ALA A 1077 9.49 26.47 19.39
C ALA A 1077 8.85 26.19 20.73
N SER A 1078 9.44 26.67 21.83
CA SER A 1078 8.87 26.42 23.15
C SER A 1078 7.62 27.24 23.39
N ILE A 1079 7.62 28.52 23.03
CA ILE A 1079 6.40 29.31 23.21
C ILE A 1079 5.43 29.13 22.06
N ARG A 1080 5.83 28.42 21.00
CA ARG A 1080 4.88 27.95 20.02
C ARG A 1080 4.27 26.62 20.43
N GLY A 1081 4.97 25.84 21.25
CA GLY A 1081 4.69 24.43 21.34
C GLY A 1081 5.72 23.66 22.13
N ASN A 1082 6.31 22.64 21.50
CA ASN A 1082 7.19 21.71 22.19
C ASN A 1082 8.51 22.34 22.62
N TYR A 1083 9.04 21.84 23.73
CA TYR A 1083 10.42 22.14 24.10
C TYR A 1083 11.37 21.56 23.07
N HIS A 1084 11.42 20.23 22.96
CA HIS A 1084 12.13 19.55 21.89
C HIS A 1084 11.18 18.77 21.00
N LYS A 1085 10.45 17.82 21.57
CA LYS A 1085 9.46 17.03 20.84
C LYS A 1085 8.17 17.00 21.65
N PHE A 1086 8.30 17.13 22.97
CA PHE A 1086 7.17 17.01 23.89
C PHE A 1086 6.51 18.37 24.02
N SER A 1087 5.25 18.46 23.62
CA SER A 1087 4.56 19.74 23.71
C SER A 1087 4.13 20.01 25.15
N TYR A 1088 3.79 21.27 25.42
CA TYR A 1088 3.46 21.66 26.79
C TYR A 1088 2.08 21.16 27.20
N ASP A 1089 1.11 21.22 26.30
CA ASP A 1089 -0.21 20.66 26.57
C ASP A 1089 -0.29 19.23 26.03
N ASP A 1090 0.71 18.44 26.39
CA ASP A 1090 0.79 17.02 26.11
C ASP A 1090 0.64 16.26 27.43
N PRO A 1091 -0.13 15.18 27.45
CA PRO A 1091 -0.42 14.51 28.73
C PRO A 1091 0.80 13.87 29.38
N VAL A 1092 1.80 13.48 28.58
CA VAL A 1092 3.09 13.06 29.13
C VAL A 1092 3.71 14.18 29.94
N PHE A 1093 3.79 15.37 29.33
CA PHE A 1093 4.41 16.52 29.99
C PHE A 1093 3.58 17.01 31.16
N LYS A 1094 2.25 16.93 31.05
CA LYS A 1094 1.38 17.42 32.13
C LYS A 1094 1.47 16.52 33.36
N GLN A 1095 1.40 15.20 33.15
CA GLN A 1095 1.56 14.27 34.26
C GLN A 1095 2.97 14.34 34.85
N GLY A 1096 3.99 14.51 33.99
CA GLY A 1096 5.35 14.64 34.49
C GLY A 1096 5.57 15.92 35.28
N TYR A 1097 4.94 17.02 34.88
CA TYR A 1097 5.08 18.26 35.60
C TYR A 1097 4.33 18.24 36.92
N LYS A 1098 3.19 17.53 36.96
CA LYS A 1098 2.49 17.34 38.23
C LYS A 1098 3.30 16.49 39.19
N ILE A 1099 4.00 15.47 38.69
CA ILE A 1099 4.92 14.72 39.54
C ILE A 1099 6.12 15.58 39.91
N TYR A 1100 6.52 16.50 39.04
CA TYR A 1100 7.69 17.36 39.25
C TYR A 1100 7.47 18.34 40.38
N LYS A 1101 6.30 18.97 40.45
CA LYS A 1101 6.01 19.84 41.57
C LYS A 1101 5.65 19.09 42.86
N SER A 1102 5.46 17.78 42.77
CA SER A 1102 5.33 16.92 43.95
C SER A 1102 6.70 16.52 44.47
N ASP A 1103 6.75 15.47 45.29
CA ASP A 1103 8.02 14.90 45.74
C ASP A 1103 8.84 14.42 44.54
N ALA A 1104 10.05 14.96 44.42
CA ALA A 1104 10.88 14.74 43.24
C ALA A 1104 11.58 13.40 43.22
N THR A 1105 11.47 12.60 44.28
CA THR A 1105 12.02 11.25 44.26
C THR A 1105 11.15 10.27 43.49
N LEU A 1106 9.96 10.69 43.07
CA LEU A 1106 9.07 9.89 42.25
C LEU A 1106 9.46 9.90 40.79
N LEU A 1107 10.46 10.69 40.39
CA LEU A 1107 10.85 10.71 38.99
C LEU A 1107 11.58 9.44 38.59
N ASN A 1108 12.22 8.77 39.55
CA ASN A 1108 12.82 7.46 39.28
C ASN A 1108 11.74 6.44 38.97
N ASP A 1109 10.58 6.54 39.59
CA ASP A 1109 9.46 5.68 39.21
C ASP A 1109 8.85 6.13 37.90
N PHE A 1110 8.84 7.45 37.63
CA PHE A 1110 8.18 7.98 36.45
C PHE A 1110 8.90 7.59 35.17
N PHE A 1111 10.21 7.82 35.10
CA PHE A 1111 10.94 7.53 33.86
C PHE A 1111 11.06 6.04 33.58
N VAL A 1112 10.82 5.19 34.57
CA VAL A 1112 10.75 3.76 34.33
C VAL A 1112 9.32 3.34 33.93
N ALA A 1113 8.30 3.97 34.52
CA ALA A 1113 6.92 3.66 34.14
C ALA A 1113 6.61 4.11 32.72
N ILE A 1114 7.28 5.16 32.25
CA ILE A 1114 7.09 5.59 30.87
C ILE A 1114 8.12 4.90 29.98
N SER A 1115 9.20 4.40 30.60
CA SER A 1115 10.33 3.73 29.95
C SER A 1115 10.97 4.63 28.89
N ALA A 1116 11.45 5.77 29.35
CA ALA A 1116 12.20 6.69 28.51
C ALA A 1116 13.69 6.42 28.66
N GLY A 1117 14.44 6.73 27.62
CA GLY A 1117 15.86 6.58 27.65
C GLY A 1117 16.52 7.66 28.50
N PRO A 1118 17.85 7.59 28.62
CA PRO A 1118 18.56 8.61 29.40
C PRO A 1118 18.56 9.98 28.72
N LYS A 1119 18.66 10.03 27.40
CA LYS A 1119 18.61 11.32 26.71
C LYS A 1119 17.20 11.90 26.76
N GLU A 1120 16.16 11.06 26.70
CA GLU A 1120 14.80 11.54 26.86
C GLU A 1120 14.54 12.00 28.28
N GLN A 1121 15.19 11.33 29.25
CA GLN A 1121 15.13 11.76 30.64
C GLN A 1121 15.72 13.14 30.83
N GLY A 1122 16.89 13.39 30.21
CA GLY A 1122 17.49 14.71 30.29
C GLY A 1122 16.69 15.78 29.58
N ILE A 1123 16.06 15.40 28.46
CA ILE A 1123 15.17 16.33 27.74
C ILE A 1123 13.97 16.71 28.58
N LEU A 1124 13.38 15.74 29.29
CA LEU A 1124 12.23 16.06 30.14
C LEU A 1124 12.63 16.87 31.37
N LEU A 1125 13.82 16.63 31.92
CA LEU A 1125 14.30 17.45 33.04
C LEU A 1125 14.53 18.89 32.62
N ARG A 1126 15.15 19.08 31.46
CA ARG A 1126 15.35 20.44 30.96
C ARG A 1126 14.03 21.10 30.56
N ALA A 1127 13.06 20.30 30.11
CA ALA A 1127 11.75 20.85 29.78
C ALA A 1127 11.01 21.31 31.03
N PHE A 1128 11.13 20.55 32.12
CA PHE A 1128 10.56 20.97 33.40
C PHE A 1128 11.20 22.27 33.89
N ALA A 1129 12.54 22.32 33.85
CA ALA A 1129 13.25 23.51 34.33
C ALA A 1129 13.03 24.71 33.44
N TYR A 1130 12.73 24.51 32.16
CA TYR A 1130 12.43 25.63 31.28
C TYR A 1130 10.97 26.05 31.32
N TYR A 1131 10.06 25.14 31.67
CA TYR A 1131 8.66 25.53 31.80
C TYR A 1131 8.38 26.21 33.12
N SER A 1132 9.11 25.84 34.19
CA SER A 1132 8.96 26.54 35.44
C SER A 1132 9.53 27.95 35.35
N LEU A 1133 10.81 28.06 34.99
CA LEU A 1133 11.45 29.36 34.80
C LEU A 1133 11.07 29.91 33.43
N TYR A 1134 10.11 30.84 33.41
CA TYR A 1134 9.75 31.67 32.26
C TYR A 1134 9.21 30.83 31.09
N GLY A 1135 8.44 29.80 31.41
CA GLY A 1135 7.66 29.11 30.41
C GLY A 1135 6.20 29.49 30.52
N ASN A 1136 5.94 30.65 31.13
CA ASN A 1136 4.60 31.09 31.44
C ASN A 1136 3.86 31.71 30.26
N VAL A 1137 4.57 32.09 29.20
CA VAL A 1137 3.95 32.69 28.03
C VAL A 1137 4.04 31.70 26.88
N GLU A 1138 3.03 31.74 26.02
CA GLU A 1138 2.93 30.86 24.87
C GLU A 1138 1.95 31.46 23.89
N TYR A 1139 2.16 31.21 22.60
CA TYR A 1139 1.39 31.96 21.61
C TYR A 1139 0.59 31.09 20.65
N HIS A 1140 1.12 29.93 20.25
CA HIS A 1140 0.39 28.86 19.55
C HIS A 1140 -0.19 29.32 18.21
N TYR A 1141 0.71 29.57 17.26
CA TYR A 1141 0.32 29.77 15.87
C TYR A 1141 0.59 28.50 15.06
N VAL A 1142 -0.11 28.37 13.93
CA VAL A 1142 0.00 27.20 13.05
C VAL A 1142 0.20 27.69 11.63
N LEU A 1143 1.34 27.34 11.03
CA LEU A 1143 1.60 27.57 9.62
C LEU A 1143 2.02 26.26 8.98
N SER A 1144 1.40 25.91 7.92
CA SER A 1144 1.71 24.66 7.25
C SER A 1144 2.89 24.83 6.30
N PRO A 1145 3.71 23.79 6.11
CA PRO A 1145 4.86 23.94 5.20
C PRO A 1145 4.47 24.06 3.75
N ARG A 1146 3.34 23.49 3.33
CA ARG A 1146 2.89 23.68 1.97
C ARG A 1146 2.39 25.10 1.75
N GLN A 1147 1.89 25.73 2.80
CA GLN A 1147 1.41 27.11 2.71
C GLN A 1147 2.56 28.07 2.49
N LEU A 1148 3.70 27.85 3.17
CA LEU A 1148 4.93 28.60 2.92
C LEU A 1148 5.86 27.70 2.11
N PHE A 1149 5.58 27.58 0.82
CA PHE A 1149 6.31 26.60 0.00
C PHE A 1149 7.68 27.11 -0.43
N PHE A 1150 7.82 28.42 -0.68
CA PHE A 1150 9.11 29.03 -0.91
C PHE A 1150 9.56 29.96 0.20
N LEU A 1151 8.64 30.43 1.04
CA LEU A 1151 8.97 31.39 2.08
C LEU A 1151 9.67 30.69 3.24
N SER A 1152 10.06 31.48 4.24
CA SER A 1152 10.85 31.00 5.35
C SER A 1152 9.96 30.61 6.53
N ASP A 1153 10.40 29.59 7.26
CA ASP A 1153 9.71 29.16 8.47
C ASP A 1153 10.09 30.01 9.67
N ASN A 1154 11.32 30.52 9.70
CA ASN A 1154 11.89 31.11 10.90
C ASN A 1154 11.37 32.53 11.07
N PRO A 1155 10.75 32.88 12.20
CA PRO A 1155 10.27 34.24 12.41
C PRO A 1155 11.36 35.29 12.63
N VAL A 1156 12.63 34.89 12.67
CA VAL A 1156 13.73 35.83 12.87
C VAL A 1156 13.86 36.76 11.67
N SER A 1157 13.54 36.26 10.48
CA SER A 1157 13.73 36.97 9.21
C SER A 1157 12.85 38.21 9.03
N ALA A 1158 11.94 38.50 9.96
CA ALA A 1158 11.15 39.72 9.90
C ALA A 1158 11.66 40.79 10.85
N GLU A 1159 12.88 40.65 11.37
CA GLU A 1159 13.38 41.63 12.32
C GLU A 1159 13.80 42.92 11.64
N ARG A 1160 14.21 42.86 10.37
CA ARG A 1160 14.73 44.02 9.69
C ARG A 1160 13.63 44.94 9.16
N LEU A 1161 12.36 44.54 9.31
CA LEU A 1161 11.24 45.26 8.74
C LEU A 1161 10.48 46.09 9.75
N VAL A 1162 10.67 45.86 11.03
CA VAL A 1162 9.89 46.50 12.10
C VAL A 1162 10.86 47.14 13.09
N ARG A 1163 10.66 48.42 13.35
CA ARG A 1163 11.50 49.09 14.31
C ARG A 1163 10.77 49.07 15.65
N ILE A 1164 11.27 48.23 16.55
CA ILE A 1164 10.72 48.11 17.90
C ILE A 1164 11.54 48.99 18.82
N PRO A 1165 10.93 49.81 19.67
CA PRO A 1165 11.70 50.62 20.61
C PRO A 1165 12.37 49.74 21.65
N PRO A 1166 13.56 50.11 22.12
CA PRO A 1166 14.30 49.24 23.03
C PRO A 1166 13.84 49.31 24.49
N SER A 1167 12.82 50.10 24.80
CA SER A 1167 12.26 50.15 26.14
C SER A 1167 11.15 49.12 26.34
N TYR A 1168 11.05 48.12 25.47
CA TYR A 1168 10.07 47.06 25.60
C TYR A 1168 10.67 45.70 25.88
N TYR A 1169 12.00 45.60 25.99
CA TYR A 1169 12.66 44.32 26.24
C TYR A 1169 12.88 44.20 27.74
N VAL A 1170 11.83 43.76 28.43
CA VAL A 1170 11.83 43.66 29.88
C VAL A 1170 11.76 42.20 30.35
N SER A 1171 12.02 41.26 29.46
CA SER A 1171 12.14 39.86 29.84
C SER A 1171 13.01 39.16 28.83
N THR A 1172 13.55 38.00 29.22
CA THR A 1172 14.51 37.30 28.40
C THR A 1172 13.90 36.66 27.16
N GLN A 1173 12.59 36.57 27.08
CA GLN A 1173 11.89 35.98 25.94
C GLN A 1173 11.03 37.01 25.23
N CYS A 1174 11.45 38.28 25.26
CA CYS A 1174 10.74 39.31 24.54
C CYS A 1174 11.12 39.35 23.06
N ARG A 1175 12.36 39.00 22.73
CA ARG A 1175 12.82 39.19 21.36
C ARG A 1175 12.16 38.19 20.41
N ALA A 1176 12.13 36.91 20.79
CA ALA A 1176 11.50 35.90 19.95
C ALA A 1176 9.99 36.09 19.88
N LEU A 1177 9.41 36.54 20.99
CA LEU A 1177 7.97 36.82 21.06
C LEU A 1177 7.59 37.96 20.13
N TYR A 1178 8.40 39.02 20.11
CA TYR A 1178 8.13 40.15 19.23
C TYR A 1178 8.43 39.80 17.77
N ASN A 1179 9.38 38.89 17.53
CA ASN A 1179 9.63 38.44 16.17
C ASN A 1179 8.49 37.59 15.65
N ILE A 1180 7.85 36.80 16.51
CA ILE A 1180 6.62 36.10 16.12
C ILE A 1180 5.52 37.08 15.78
N PHE A 1181 5.36 38.13 16.60
CA PHE A 1181 4.37 39.19 16.34
C PHE A 1181 4.56 39.82 14.97
N SER A 1182 5.79 40.30 14.70
CA SER A 1182 6.06 41.01 13.46
C SER A 1182 6.01 40.10 12.25
N TYR A 1183 6.47 38.85 12.40
CA TYR A 1183 6.44 37.88 11.31
C TYR A 1183 5.02 37.55 10.90
N LEU A 1184 4.16 37.28 11.88
CA LEU A 1184 2.79 36.93 11.56
C LEU A 1184 1.99 38.12 11.05
N HIS A 1185 2.29 39.33 11.52
CA HIS A 1185 1.60 40.49 10.99
C HIS A 1185 2.03 40.81 9.57
N ILE A 1186 3.31 40.59 9.24
CA ILE A 1186 3.75 40.88 7.88
C ILE A 1186 3.25 39.81 6.91
N LEU A 1187 3.13 38.55 7.35
CA LEU A 1187 2.52 37.55 6.48
C LEU A 1187 1.01 37.72 6.36
N ARG A 1188 0.36 38.27 7.39
CA ARG A 1188 -1.09 38.37 7.37
C ARG A 1188 -1.57 39.51 6.48
N SER A 1189 -0.75 40.54 6.29
CA SER A 1189 -1.19 41.79 5.68
C SER A 1189 -0.30 42.16 4.49
N ILE A 1190 -0.08 41.22 3.59
CA ILE A 1190 0.76 41.51 2.43
C ILE A 1190 0.00 42.30 1.37
N THR A 1191 -1.32 42.14 1.31
CA THR A 1191 -2.11 42.67 0.20
C THR A 1191 -2.17 44.19 0.19
N SER A 1192 -1.84 44.85 1.30
CA SER A 1192 -1.75 46.30 1.36
C SER A 1192 -0.39 46.74 1.85
N ASN A 1193 0.66 46.01 1.48
CA ASN A 1193 2.02 46.27 1.94
C ASN A 1193 2.80 46.88 0.78
N GLN A 1194 2.77 48.21 0.71
CA GLN A 1194 3.47 48.90 -0.37
C GLN A 1194 4.97 49.00 -0.15
N GLY A 1195 5.46 48.72 1.05
CA GLY A 1195 6.89 48.59 1.25
C GLY A 1195 7.51 49.50 2.30
N LYS A 1196 6.69 50.09 3.16
CA LYS A 1196 7.19 51.00 4.18
C LYS A 1196 7.62 50.22 5.42
N ARG A 1197 8.44 50.86 6.25
CA ARG A 1197 8.93 50.23 7.46
C ARG A 1197 7.91 50.42 8.58
N LEU A 1198 7.69 49.36 9.34
CA LEU A 1198 6.67 49.34 10.38
C LEU A 1198 7.29 49.69 11.74
N GLY A 1199 6.41 49.83 12.72
CA GLY A 1199 6.82 50.15 14.09
C GLY A 1199 5.77 49.61 15.04
N MET A 1200 6.19 48.75 15.96
CA MET A 1200 5.26 48.05 16.84
C MET A 1200 5.02 48.86 18.10
N VAL A 1201 3.78 49.21 18.34
CA VAL A 1201 3.37 49.77 19.63
C VAL A 1201 2.75 48.64 20.44
N LEU A 1202 2.94 48.71 21.75
CA LEU A 1202 2.44 47.68 22.65
C LEU A 1202 1.52 48.29 23.68
N HIS A 1203 0.88 47.42 24.43
CA HIS A 1203 -0.10 47.73 25.46
C HIS A 1203 0.55 47.57 26.83
N PRO A 1204 0.21 48.42 27.80
CA PRO A 1204 0.82 48.28 29.14
C PRO A 1204 0.41 47.01 29.86
N GLY A 1205 -0.78 46.49 29.58
CA GLY A 1205 -1.17 45.20 30.11
C GLY A 1205 -0.36 44.06 29.52
N LEU A 1206 0.07 44.20 28.26
CA LEU A 1206 0.96 43.21 27.67
C LEU A 1206 2.32 43.21 28.36
N ILE A 1207 2.85 44.39 28.65
CA ILE A 1207 4.14 44.50 29.33
C ILE A 1207 4.04 43.97 30.75
N ALA A 1208 2.93 44.27 31.44
CA ALA A 1208 2.71 43.77 32.78
C ALA A 1208 2.52 42.26 32.80
N TYR A 1209 1.95 41.69 31.72
CA TYR A 1209 1.82 40.24 31.66
C TYR A 1209 3.15 39.57 31.38
N VAL A 1210 3.99 40.21 30.55
CA VAL A 1210 5.29 39.62 30.24
C VAL A 1210 6.21 39.68 31.46
N ARG A 1211 6.15 40.77 32.23
CA ARG A 1211 6.89 40.85 33.49
C ARG A 1211 6.36 39.83 34.50
N GLY A 1212 5.07 39.90 34.79
CA GLY A 1212 4.45 38.99 35.74
C GLY A 1212 3.30 39.62 36.51
N MET B 1 13.78 -34.42 27.85
CA MET B 1 12.47 -33.86 27.55
C MET B 1 12.28 -33.64 26.05
N PHE B 2 11.43 -34.44 25.44
CA PHE B 2 11.15 -34.27 24.02
C PHE B 2 10.09 -33.19 23.81
N ALA B 3 9.88 -32.81 22.56
CA ALA B 3 8.84 -31.84 22.24
C ALA B 3 7.46 -32.47 22.28
N ILE B 4 7.32 -33.65 21.70
CA ILE B 4 6.10 -34.45 21.79
C ILE B 4 6.32 -35.52 22.83
N ASP B 5 5.40 -35.62 23.79
CA ASP B 5 5.57 -36.46 24.97
C ASP B 5 5.50 -37.93 24.58
N PRO B 6 6.55 -38.73 24.82
CA PRO B 6 6.53 -40.13 24.40
C PRO B 6 5.64 -41.03 25.23
N LEU B 7 5.18 -40.60 26.40
CA LEU B 7 4.31 -41.48 27.18
C LEU B 7 2.86 -41.38 26.72
N LYS B 8 2.42 -40.18 26.34
CA LYS B 8 1.09 -40.03 25.76
C LYS B 8 1.08 -40.44 24.29
N HIS B 9 2.00 -39.88 23.51
CA HIS B 9 2.08 -40.16 22.07
C HIS B 9 3.15 -41.20 21.78
N SER B 10 2.95 -42.42 22.29
CA SER B 10 3.95 -43.46 22.10
C SER B 10 3.92 -44.02 20.68
N LYS B 11 2.76 -43.98 20.04
CA LYS B 11 2.61 -44.60 18.72
C LYS B 11 3.34 -43.82 17.64
N LEU B 12 3.45 -42.50 17.80
CA LEU B 12 4.20 -41.68 16.85
C LEU B 12 5.69 -42.01 16.90
N TYR B 13 6.22 -42.23 18.10
CA TYR B 13 7.61 -42.66 18.20
C TYR B 13 7.78 -44.11 17.76
N GLU B 14 6.72 -44.92 17.87
CA GLU B 14 6.78 -46.27 17.29
C GLU B 14 6.83 -46.22 15.77
N GLU B 15 6.26 -45.16 15.17
CA GLU B 15 6.31 -45.01 13.72
C GLU B 15 7.73 -44.77 13.22
N TYR B 16 8.55 -44.05 13.99
CA TYR B 16 9.94 -43.81 13.62
C TYR B 16 10.85 -44.99 13.92
N GLY B 17 10.33 -46.06 14.54
CA GLY B 17 11.16 -47.16 14.95
C GLY B 17 11.79 -47.00 16.31
N LEU B 18 11.13 -46.27 17.21
CA LEU B 18 11.68 -45.90 18.51
C LEU B 18 10.72 -46.40 19.57
N TYR B 19 11.10 -47.47 20.25
CA TYR B 19 10.22 -48.12 21.21
C TYR B 19 10.66 -47.81 22.63
N LEU B 20 9.68 -47.69 23.52
CA LEU B 20 9.96 -47.39 24.91
C LEU B 20 10.57 -48.59 25.62
N ARG B 21 11.70 -48.36 26.28
CA ARG B 21 12.30 -49.38 27.13
C ARG B 21 11.40 -49.60 28.35
N PRO B 22 11.14 -50.86 28.73
CA PRO B 22 10.14 -51.10 29.77
C PRO B 22 10.62 -50.67 31.15
N HIS B 23 9.65 -50.29 31.98
CA HIS B 23 9.93 -49.69 33.27
C HIS B 23 10.17 -50.76 34.33
N ALA B 40 15.68 -46.03 38.27
CA ALA B 40 16.62 -45.68 37.22
C ALA B 40 16.50 -44.19 36.89
N PRO B 41 17.61 -43.51 36.56
CA PRO B 41 17.53 -42.06 36.36
C PRO B 41 16.79 -41.64 35.10
N THR B 42 16.94 -42.39 34.00
CA THR B 42 16.24 -42.04 32.76
C THR B 42 14.74 -42.30 32.88
N ILE B 43 14.38 -43.35 33.60
CA ILE B 43 12.98 -43.66 33.87
C ILE B 43 12.33 -42.58 34.72
N ARG B 44 13.08 -42.01 35.66
CA ARG B 44 12.54 -40.87 36.40
C ARG B 44 12.45 -39.63 35.53
N SER B 45 13.43 -39.43 34.65
CA SER B 45 13.51 -38.21 33.86
C SER B 45 12.38 -38.12 32.84
N ILE B 46 12.01 -39.26 32.23
CA ILE B 46 10.95 -39.25 31.23
C ILE B 46 9.59 -38.98 31.88
N LYS B 47 9.37 -39.49 33.09
CA LYS B 47 8.12 -39.22 33.80
C LYS B 47 8.06 -37.78 34.29
N TYR B 48 9.19 -37.22 34.68
CA TYR B 48 9.24 -35.83 35.11
C TYR B 48 8.96 -34.90 33.93
N ALA B 49 9.48 -35.23 32.75
CA ALA B 49 9.18 -34.46 31.55
C ALA B 49 7.71 -34.59 31.14
N SER B 50 7.10 -35.76 31.36
CA SER B 50 5.67 -35.90 31.07
C SER B 50 4.83 -35.05 32.01
N LEU B 51 5.21 -34.98 33.29
CA LEU B 51 4.50 -34.11 34.21
C LEU B 51 4.69 -32.64 33.86
N ILE B 52 5.87 -32.26 33.36
CA ILE B 52 6.09 -30.90 32.89
C ILE B 52 5.22 -30.58 31.68
N HIS B 53 5.04 -31.55 30.77
CA HIS B 53 4.15 -31.35 29.62
C HIS B 53 2.71 -31.17 30.05
N SER B 54 2.26 -31.96 31.02
CA SER B 54 0.88 -31.81 31.50
C SER B 54 0.68 -30.47 32.20
N MET B 55 1.68 -30.03 32.97
CA MET B 55 1.59 -28.74 33.66
C MET B 55 1.57 -27.57 32.67
N LEU B 56 2.42 -27.63 31.63
CA LEU B 56 2.41 -26.58 30.61
C LEU B 56 1.12 -26.57 29.81
N ALA B 57 0.56 -27.75 29.52
CA ALA B 57 -0.71 -27.79 28.80
C ALA B 57 -1.86 -27.30 29.65
N LYS B 58 -1.75 -27.42 30.98
CA LYS B 58 -2.73 -26.80 31.85
C LYS B 58 -2.58 -25.29 31.89
N HIS B 59 -1.34 -24.79 32.02
CA HIS B 59 -1.13 -23.34 32.15
C HIS B 59 -1.40 -22.60 30.85
N ALA B 60 -1.24 -23.26 29.71
CA ALA B 60 -1.48 -22.60 28.44
C ALA B 60 -2.96 -22.34 28.22
N ALA B 61 -3.81 -23.26 28.65
CA ALA B 61 -5.24 -23.19 28.35
C ALA B 61 -6.00 -22.17 29.20
N ARG B 62 -5.35 -21.53 30.16
CA ARG B 62 -6.06 -20.51 30.93
C ARG B 62 -5.89 -19.11 30.37
N HIS B 63 -4.89 -18.87 29.52
CA HIS B 63 -4.73 -17.57 28.87
C HIS B 63 -4.55 -17.79 27.37
N ASN B 64 -5.67 -18.03 26.66
CA ASN B 64 -5.77 -17.98 25.19
C ASN B 64 -4.75 -18.89 24.49
N GLY B 65 -4.37 -20.00 25.13
CA GLY B 65 -3.36 -20.86 24.53
C GLY B 65 -1.94 -20.37 24.61
N THR B 66 -1.68 -19.23 25.24
CA THR B 66 -0.34 -18.68 25.36
C THR B 66 0.21 -18.89 26.76
N LEU B 67 1.51 -18.69 26.89
CA LEU B 67 2.20 -18.71 28.17
C LEU B 67 2.52 -17.27 28.57
N ILE B 68 2.41 -16.98 29.86
CA ILE B 68 2.44 -15.59 30.32
C ILE B 68 3.85 -15.03 30.30
N ASN B 69 4.85 -15.81 30.69
CA ASN B 69 6.23 -15.34 30.68
C ASN B 69 7.09 -16.49 30.16
N PRO B 70 7.25 -16.61 28.85
CA PRO B 70 7.87 -17.82 28.30
C PRO B 70 9.37 -17.92 28.53
N ARG B 71 10.06 -16.79 28.73
CA ARG B 71 11.48 -16.87 29.07
C ARG B 71 11.66 -17.43 30.47
N MET B 72 10.73 -17.13 31.38
CA MET B 72 10.81 -17.67 32.73
C MET B 72 10.57 -19.18 32.74
N TYR B 73 9.56 -19.65 32.00
CA TYR B 73 9.32 -21.09 31.86
C TYR B 73 10.51 -21.79 31.22
N ALA B 74 11.09 -21.18 30.18
CA ALA B 74 12.22 -21.78 29.49
C ALA B 74 13.44 -21.86 30.37
N ASP B 75 13.69 -20.83 31.19
CA ASP B 75 14.80 -20.87 32.14
C ASP B 75 14.57 -21.94 33.19
N MET B 76 13.37 -21.96 33.79
CA MET B 76 13.06 -22.89 34.87
C MET B 76 13.11 -24.34 34.42
N ILE B 77 12.74 -24.63 33.18
CA ILE B 77 12.74 -26.00 32.72
C ILE B 77 14.09 -26.38 32.12
N THR B 78 14.54 -25.63 31.12
CA THR B 78 15.73 -26.00 30.37
C THR B 78 17.00 -25.76 31.20
N LEU B 79 17.11 -24.60 31.84
CA LEU B 79 18.31 -24.30 32.60
C LEU B 79 18.20 -24.78 34.03
N GLY B 80 17.02 -24.69 34.63
CA GLY B 80 16.79 -25.24 35.94
C GLY B 80 17.49 -24.50 37.06
N ASN B 81 17.51 -23.18 37.00
CA ASN B 81 18.11 -22.36 38.04
C ASN B 81 17.12 -21.48 38.79
N THR B 82 16.09 -20.98 38.11
CA THR B 82 15.17 -20.03 38.71
C THR B 82 14.18 -20.74 39.62
N LYS B 83 14.03 -20.25 40.84
CA LYS B 83 13.00 -20.70 41.76
C LYS B 83 12.15 -19.50 42.14
N VAL B 84 10.83 -19.64 42.00
CA VAL B 84 9.88 -18.60 42.37
C VAL B 84 9.08 -19.09 43.55
N THR B 85 9.06 -18.30 44.63
CA THR B 85 8.41 -18.71 45.86
C THR B 85 7.72 -17.50 46.48
N VAL B 86 6.45 -17.64 46.81
CA VAL B 86 5.73 -16.62 47.55
C VAL B 86 5.84 -16.92 49.03
N THR B 87 6.40 -15.99 49.80
CA THR B 87 6.59 -16.15 51.23
C THR B 87 5.85 -15.08 52.01
N ASP B 131 2.60 -9.24 41.70
CA ASP B 131 1.45 -9.85 42.36
C ASP B 131 1.58 -11.35 42.44
N ILE B 132 0.81 -11.94 43.36
CA ILE B 132 0.77 -13.39 43.47
C ILE B 132 -0.03 -13.99 42.31
N VAL B 133 -1.00 -13.23 41.79
CA VAL B 133 -1.87 -13.72 40.73
C VAL B 133 -1.10 -13.87 39.42
N THR B 134 -0.23 -12.91 39.11
CA THR B 134 0.54 -12.98 37.88
C THR B 134 1.63 -14.04 37.93
N TYR B 135 2.05 -14.45 39.12
CA TYR B 135 3.13 -15.41 39.29
C TYR B 135 2.66 -16.73 39.90
N LYS B 136 1.35 -16.97 39.95
CA LYS B 136 0.84 -18.20 40.56
C LYS B 136 1.22 -19.43 39.75
N ALA B 137 1.15 -19.30 38.42
CA ALA B 137 1.57 -20.39 37.54
C ALA B 137 3.05 -20.69 37.67
N LEU B 138 3.86 -19.64 37.84
CA LEU B 138 5.29 -19.82 37.97
C LEU B 138 5.65 -20.41 39.33
N THR B 139 4.92 -20.05 40.39
CA THR B 139 5.14 -20.71 41.67
C THR B 139 4.75 -22.18 41.62
N GLU B 140 3.70 -22.51 40.87
CA GLU B 140 3.31 -23.91 40.74
C GLU B 140 4.35 -24.72 39.97
N MET B 141 4.86 -24.16 38.87
CA MET B 141 5.92 -24.82 38.12
C MET B 141 7.21 -24.91 38.92
N SER B 142 7.50 -23.91 39.77
CA SER B 142 8.71 -23.94 40.58
C SER B 142 8.62 -24.99 41.68
N THR B 143 7.46 -25.13 42.32
CA THR B 143 7.32 -26.18 43.33
C THR B 143 7.23 -27.56 42.70
N LEU B 144 6.90 -27.66 41.41
CA LEU B 144 7.03 -28.94 40.74
C LEU B 144 8.49 -29.27 40.43
N ILE B 145 9.23 -28.32 39.85
CA ILE B 145 10.61 -28.60 39.42
C ILE B 145 11.55 -28.75 40.62
N GLU B 146 11.30 -28.02 41.70
CA GLU B 146 12.12 -28.12 42.91
C GLU B 146 12.00 -29.50 43.55
N SER B 147 10.86 -30.17 43.37
CA SER B 147 10.65 -31.51 43.89
C SER B 147 11.28 -32.60 43.02
N PHE B 148 11.95 -32.23 41.94
CA PHE B 148 12.65 -33.22 41.13
C PHE B 148 14.06 -33.48 41.62
N ARG B 149 14.72 -32.42 42.16
CA ARG B 149 16.10 -32.45 42.64
C ARG B 149 17.07 -32.90 41.56
N LEU B 150 16.83 -32.45 40.33
CA LEU B 150 17.73 -32.77 39.23
C LEU B 150 18.99 -31.94 39.35
N PRO B 151 20.14 -32.46 38.90
CA PRO B 151 21.36 -31.66 38.95
C PRO B 151 21.38 -30.54 37.93
N SER B 152 20.67 -30.69 36.81
CA SER B 152 20.59 -29.67 35.78
C SER B 152 19.17 -29.64 35.26
N GLY B 153 18.95 -28.98 34.13
CA GLY B 153 17.64 -28.87 33.56
C GLY B 153 17.41 -29.87 32.44
N LEU B 154 16.13 -30.06 32.10
CA LEU B 154 15.74 -30.98 31.05
C LEU B 154 15.80 -30.25 29.71
N ALA B 155 16.72 -30.68 28.84
CA ALA B 155 16.89 -30.01 27.56
C ALA B 155 15.79 -30.40 26.60
N LEU B 156 15.26 -29.42 25.88
CA LEU B 156 14.15 -29.64 24.95
C LEU B 156 14.69 -30.23 23.66
N ILE B 157 14.01 -31.26 23.16
CA ILE B 157 14.56 -32.13 22.11
C ILE B 157 13.58 -32.19 20.94
N ILE B 158 14.05 -31.78 19.76
CA ILE B 158 13.27 -31.73 18.54
C ILE B 158 13.94 -32.63 17.52
N PHE B 159 13.14 -33.25 16.65
CA PHE B 159 13.73 -33.94 15.51
C PHE B 159 13.81 -32.98 14.32
N ASP B 160 14.56 -33.36 13.31
CA ASP B 160 14.73 -32.52 12.12
C ASP B 160 13.87 -33.03 10.97
N ASP B 161 12.67 -33.50 11.29
CA ASP B 161 11.69 -34.01 10.35
C ASP B 161 10.56 -32.99 10.20
N GLU B 162 9.84 -33.05 9.08
CA GLU B 162 8.76 -32.11 8.85
C GLU B 162 7.46 -32.58 9.47
N LYS B 163 7.23 -33.91 9.46
CA LYS B 163 6.04 -34.47 10.08
C LYS B 163 6.08 -34.34 11.59
N TYR B 164 7.27 -34.33 12.18
CA TYR B 164 7.40 -34.20 13.62
C TYR B 164 7.12 -32.77 14.07
N GLN B 165 7.57 -31.79 13.29
CA GLN B 165 7.44 -30.38 13.68
C GLN B 165 6.03 -29.87 13.54
N SER B 166 5.20 -30.51 12.72
CA SER B 166 3.79 -30.11 12.63
C SER B 166 2.96 -30.64 13.77
N LEU B 167 3.45 -31.60 14.53
CA LEU B 167 2.74 -32.17 15.66
C LEU B 167 3.28 -31.70 17.00
N ILE B 168 4.28 -30.84 17.00
CA ILE B 168 4.74 -30.21 18.24
C ILE B 168 3.64 -29.28 18.75
N PRO B 169 3.30 -29.33 20.04
CA PRO B 169 2.23 -28.45 20.56
C PRO B 169 2.64 -26.99 20.54
N ASN B 170 1.65 -26.14 20.80
CA ASN B 170 1.86 -24.70 20.67
C ASN B 170 2.74 -24.15 21.78
N TYR B 171 2.57 -24.64 23.01
CA TYR B 171 3.36 -24.14 24.13
C TYR B 171 4.83 -24.52 24.03
N ILE B 172 5.12 -25.69 23.46
CA ILE B 172 6.52 -26.06 23.21
C ILE B 172 7.14 -25.14 22.16
N ASN B 173 6.36 -24.78 21.13
CA ASN B 173 6.82 -23.84 20.13
C ASN B 173 7.03 -22.44 20.71
N GLN B 174 6.25 -22.08 21.72
CA GLN B 174 6.49 -20.81 22.38
C GLN B 174 7.74 -20.86 23.24
N LEU B 175 8.09 -22.04 23.76
CA LEU B 175 9.31 -22.15 24.56
C LEU B 175 10.57 -22.36 23.74
N ILE B 176 10.45 -22.72 22.46
CA ILE B 176 11.63 -22.90 21.61
C ILE B 176 12.41 -21.60 21.43
N ALA B 177 11.72 -20.47 21.36
CA ALA B 177 12.36 -19.19 21.07
C ALA B 177 13.14 -18.63 22.26
N TYR B 178 13.24 -19.35 23.37
CA TYR B 178 14.04 -18.91 24.52
C TYR B 178 14.88 -20.06 25.05
N THR B 179 15.33 -20.95 24.17
CA THR B 179 15.92 -22.23 24.54
C THR B 179 16.90 -22.62 23.45
N GLN B 180 18.01 -23.22 23.82
CA GLN B 180 18.86 -23.94 22.87
C GLN B 180 18.36 -25.38 22.77
N PRO B 181 17.67 -25.76 21.70
CA PRO B 181 17.11 -27.10 21.61
C PRO B 181 18.19 -28.11 21.21
N HIS B 182 17.84 -29.37 21.37
CA HIS B 182 18.70 -30.48 20.95
C HIS B 182 18.06 -31.05 19.69
N ILE B 183 18.57 -30.63 18.53
CA ILE B 183 17.93 -30.91 17.25
C ILE B 183 18.57 -32.15 16.67
N ILE B 184 17.82 -33.24 16.62
CA ILE B 184 18.33 -34.54 16.18
C ILE B 184 18.14 -34.63 14.67
N PRO B 185 19.21 -34.87 13.90
CA PRO B 185 19.06 -34.94 12.44
C PRO B 185 18.40 -36.24 12.01
N THR B 186 18.00 -36.26 10.74
CA THR B 186 17.36 -37.42 10.12
C THR B 186 18.11 -37.78 8.85
N TRP B 187 18.23 -39.08 8.58
CA TRP B 187 18.95 -39.52 7.38
C TRP B 187 18.07 -39.47 6.13
N GLN B 188 17.04 -40.31 6.09
CA GLN B 188 16.02 -40.25 5.05
C GLN B 188 14.64 -40.14 5.68
N GLY B 189 14.55 -39.44 6.80
CA GLY B 189 13.33 -39.37 7.58
C GLY B 189 13.42 -40.08 8.91
N ILE B 190 14.34 -41.03 9.04
CA ILE B 190 14.55 -41.73 10.30
C ILE B 190 15.62 -40.99 11.10
N ALA B 191 15.30 -40.66 12.35
CA ALA B 191 16.29 -40.10 13.24
C ALA B 191 17.35 -41.15 13.58
N ASP B 192 18.60 -40.70 13.69
CA ASP B 192 19.69 -41.64 13.93
C ASP B 192 19.62 -42.19 15.35
N PHE B 193 20.06 -43.42 15.51
CA PHE B 193 19.93 -44.13 16.76
C PHE B 193 21.19 -44.06 17.61
N SER B 194 22.23 -43.39 17.12
CA SER B 194 23.49 -43.24 17.82
C SER B 194 23.58 -41.93 18.58
N ASP B 195 22.46 -41.46 19.11
CA ASP B 195 22.41 -40.23 19.88
C ASP B 195 22.34 -40.58 21.36
N THR B 196 22.53 -39.57 22.21
CA THR B 196 22.51 -39.79 23.65
C THR B 196 21.10 -40.09 24.16
N TYR B 197 20.15 -39.21 23.84
CA TYR B 197 18.81 -39.31 24.41
C TYR B 197 18.03 -40.49 23.82
N LEU B 198 18.22 -40.74 22.53
CA LEU B 198 17.54 -41.86 21.90
C LEU B 198 18.15 -43.21 22.27
N ARG B 199 19.37 -43.22 22.79
CA ARG B 199 19.92 -44.44 23.35
C ARG B 199 19.49 -44.63 24.80
N SER B 200 19.33 -43.54 25.55
CA SER B 200 18.97 -43.68 26.95
C SER B 200 17.50 -44.03 27.13
N TYR B 201 16.60 -43.37 26.39
CA TYR B 201 15.18 -43.51 26.65
C TYR B 201 14.50 -44.59 25.83
N PHE B 202 15.16 -45.13 24.80
CA PHE B 202 14.51 -45.96 23.80
C PHE B 202 15.31 -47.24 23.59
N LYS B 203 14.71 -48.17 22.84
CA LYS B 203 15.38 -49.42 22.48
C LYS B 203 16.22 -49.20 21.22
N ARG B 204 17.50 -49.54 21.31
CA ARG B 204 18.38 -49.46 20.15
C ARG B 204 18.04 -50.59 19.18
N PRO B 205 17.86 -50.32 17.89
CA PRO B 205 17.52 -51.39 16.95
C PRO B 205 18.70 -52.29 16.66
N PHE B 206 18.40 -53.44 16.07
CA PHE B 206 19.40 -54.38 15.59
C PHE B 206 18.92 -54.94 14.27
N GLU B 207 19.76 -54.81 13.24
CA GLU B 207 19.36 -55.15 11.88
C GLU B 207 19.82 -56.56 11.51
N LEU B 208 18.89 -57.37 11.05
CA LEU B 208 19.19 -58.70 10.53
C LEU B 208 19.21 -58.65 9.02
N THR B 209 20.31 -59.10 8.44
CA THR B 209 20.47 -59.18 6.99
C THR B 209 20.59 -60.66 6.62
N ALA B 210 20.95 -60.93 5.38
CA ALA B 210 21.21 -62.32 5.00
C ALA B 210 22.51 -62.83 5.61
N SER B 211 23.47 -61.94 5.85
CA SER B 211 24.74 -62.33 6.45
C SER B 211 24.74 -62.24 7.96
N ASN B 212 23.93 -61.35 8.52
CA ASN B 212 23.85 -61.12 9.95
C ASN B 212 22.88 -62.06 10.63
N LEU B 213 22.17 -62.88 9.86
CA LEU B 213 21.07 -63.70 10.37
C LEU B 213 21.60 -64.84 11.24
N ALA B 214 21.15 -64.86 12.50
CA ALA B 214 21.53 -65.88 13.45
C ALA B 214 20.51 -65.90 14.57
N ALA B 215 20.69 -66.81 15.51
CA ALA B 215 19.91 -66.83 16.73
C ALA B 215 20.26 -65.62 17.58
N PRO B 216 19.36 -65.18 18.47
CA PRO B 216 19.71 -64.07 19.37
C PRO B 216 20.68 -64.44 20.46
N GLN B 217 20.96 -65.73 20.66
CA GLN B 217 21.97 -66.13 21.63
C GLN B 217 23.37 -65.86 21.12
N LYS B 218 23.56 -65.82 19.79
CA LYS B 218 24.89 -65.62 19.24
C LYS B 218 25.40 -64.21 19.50
N TYR B 219 24.56 -63.22 19.29
CA TYR B 219 24.89 -61.86 19.71
C TYR B 219 24.44 -61.69 21.16
N ASN B 220 24.73 -60.56 21.76
CA ASN B 220 24.28 -60.30 23.12
C ASN B 220 23.03 -59.42 23.09
N LEU B 221 21.95 -60.02 22.61
CA LEU B 221 20.67 -59.33 22.49
C LEU B 221 19.76 -59.69 23.66
N SER B 222 18.74 -58.87 23.87
CA SER B 222 17.83 -59.03 25.00
C SER B 222 16.51 -58.35 24.66
N PRO B 223 15.38 -58.82 25.21
CA PRO B 223 14.09 -58.22 24.84
C PRO B 223 13.90 -56.82 25.39
N MET B 224 14.51 -56.50 26.53
CA MET B 224 14.30 -55.23 27.20
C MET B 224 15.25 -54.15 26.74
N THR B 225 16.13 -54.43 25.80
CA THR B 225 17.05 -53.40 25.35
C THR B 225 17.07 -53.23 23.84
N ARG B 226 16.98 -54.31 23.08
CA ARG B 226 17.11 -54.25 21.64
C ARG B 226 15.80 -54.62 20.96
N SER B 227 15.44 -53.86 19.92
CA SER B 227 14.38 -54.21 19.00
C SER B 227 15.01 -54.63 17.68
N ILE B 228 14.25 -55.36 16.87
CA ILE B 228 14.79 -56.01 15.69
C ILE B 228 14.22 -55.36 14.45
N PHE B 229 15.09 -55.03 13.50
CA PHE B 229 14.71 -54.55 12.16
C PHE B 229 14.96 -55.67 11.16
N ASN B 230 13.87 -56.30 10.70
CA ASN B 230 13.96 -57.40 9.76
C ASN B 230 14.29 -56.86 8.38
N ASN B 231 15.51 -57.11 7.91
CA ASN B 231 15.93 -56.76 6.56
C ASN B 231 16.40 -58.01 5.84
N THR B 232 15.80 -59.15 6.16
CA THR B 232 16.21 -60.43 5.59
C THR B 232 15.43 -60.79 4.33
N GLY B 233 14.38 -60.05 4.01
CA GLY B 233 13.53 -60.43 2.89
C GLY B 233 12.66 -61.62 3.15
N ARG B 234 12.46 -61.98 4.41
CA ARG B 234 11.68 -63.15 4.79
C ARG B 234 10.55 -62.70 5.70
N GLU B 235 9.60 -63.61 5.92
CA GLU B 235 8.44 -63.30 6.75
C GLU B 235 8.86 -63.18 8.21
N ASP B 236 8.22 -62.25 8.92
CA ASP B 236 8.52 -62.03 10.34
C ASP B 236 8.16 -63.24 11.20
N ALA B 237 7.15 -64.00 10.79
CA ALA B 237 6.80 -65.20 11.54
C ALA B 237 7.85 -66.29 11.38
N VAL B 238 8.46 -66.38 10.20
CA VAL B 238 9.50 -67.39 9.95
C VAL B 238 10.74 -67.09 10.79
N ILE B 239 11.16 -65.82 10.82
CA ILE B 239 12.25 -65.36 11.68
C ILE B 239 11.88 -65.53 13.14
N ARG B 240 10.60 -65.38 13.48
CA ARG B 240 10.18 -65.38 14.87
C ARG B 240 10.13 -66.78 15.46
N LYS B 241 9.56 -67.74 14.74
CA LYS B 241 9.44 -69.11 15.24
C LYS B 241 10.43 -70.07 14.59
N LEU B 242 11.43 -69.55 13.88
CA LEU B 242 12.48 -70.39 13.34
C LEU B 242 13.84 -70.13 13.97
N TYR B 243 14.08 -68.91 14.45
CA TYR B 243 15.35 -68.55 15.05
C TYR B 243 15.23 -68.15 16.51
N GLY B 244 14.01 -67.94 17.02
CA GLY B 244 13.84 -67.62 18.42
C GLY B 244 13.82 -66.14 18.75
N TYR B 245 13.22 -65.33 17.88
CA TYR B 245 13.03 -63.91 18.14
C TYR B 245 11.62 -63.63 18.66
N GLY B 246 11.05 -64.55 19.43
CA GLY B 246 9.66 -64.43 19.83
C GLY B 246 9.42 -63.44 20.94
N GLU B 247 10.37 -63.30 21.86
CA GLU B 247 10.23 -62.35 22.96
C GLU B 247 10.48 -60.92 22.53
N TYR B 248 11.04 -60.70 21.34
CA TYR B 248 11.49 -59.39 20.93
C TYR B 248 10.34 -58.64 20.26
N VAL B 249 10.65 -57.52 19.62
CA VAL B 249 9.63 -56.70 18.99
C VAL B 249 10.21 -56.08 17.72
N PHE B 250 9.40 -56.06 16.66
CA PHE B 250 9.86 -55.70 15.33
C PHE B 250 9.36 -54.31 14.98
N ILE B 251 10.24 -53.49 14.42
CA ILE B 251 9.82 -52.20 13.88
C ILE B 251 9.30 -52.40 12.46
N ARG B 252 8.15 -51.80 12.16
CA ARG B 252 7.49 -52.01 10.88
C ARG B 252 7.57 -50.75 10.05
N TYR B 253 8.07 -50.89 8.84
CA TYR B 253 8.12 -49.81 7.86
C TYR B 253 7.21 -50.15 6.69
N GLU B 254 6.71 -49.13 6.02
CA GLU B 254 5.67 -49.32 5.01
C GLU B 254 6.11 -49.01 3.59
N GLY B 255 7.20 -48.30 3.39
CA GLY B 255 7.70 -48.00 2.07
C GLY B 255 8.91 -48.84 1.70
N CYS B 256 9.68 -48.33 0.74
CA CYS B 256 10.89 -48.98 0.29
C CYS B 256 11.97 -47.94 0.07
N LEU B 257 13.21 -48.42 -0.03
CA LEU B 257 14.35 -47.58 -0.37
C LEU B 257 15.21 -48.38 -1.34
N ILE B 258 15.28 -47.92 -2.58
CA ILE B 258 15.88 -48.66 -3.67
C ILE B 258 17.13 -47.92 -4.12
N THR B 259 18.24 -48.64 -4.24
CA THR B 259 19.47 -48.08 -4.78
C THR B 259 19.66 -48.60 -6.21
N TRP B 260 19.85 -47.68 -7.14
CA TRP B 260 19.96 -47.99 -8.55
C TRP B 260 21.40 -47.82 -9.01
N THR B 261 21.67 -48.19 -10.26
CA THR B 261 22.99 -48.04 -10.87
C THR B 261 22.89 -46.89 -11.85
N GLY B 262 23.25 -45.69 -11.40
CA GLY B 262 23.16 -44.52 -12.22
C GLY B 262 24.26 -44.43 -13.27
N ILE B 263 24.12 -43.43 -14.12
CA ILE B 263 25.14 -43.16 -15.12
C ILE B 263 26.39 -42.58 -14.47
N TYR B 264 26.21 -41.71 -13.49
CA TYR B 264 27.33 -41.05 -12.84
C TYR B 264 27.78 -41.75 -11.57
N GLY B 265 26.92 -42.53 -10.94
CA GLY B 265 27.24 -43.20 -9.69
C GLY B 265 26.15 -44.17 -9.31
N GLU B 266 25.73 -44.19 -8.05
CA GLU B 266 24.55 -44.95 -7.66
C GLU B 266 23.52 -43.99 -7.09
N VAL B 267 22.24 -44.32 -7.30
CA VAL B 267 21.13 -43.40 -7.08
C VAL B 267 20.14 -44.05 -6.14
N THR B 268 19.80 -43.35 -5.06
CA THR B 268 18.77 -43.82 -4.15
C THR B 268 17.40 -43.38 -4.63
N MET B 269 16.37 -44.05 -4.12
CA MET B 269 14.99 -43.75 -4.46
C MET B 269 14.13 -44.18 -3.30
N MET B 270 13.19 -43.33 -2.89
CA MET B 270 12.25 -43.65 -1.82
C MET B 270 10.86 -43.79 -2.44
N VAL B 271 10.21 -44.92 -2.18
CA VAL B 271 8.93 -45.26 -2.78
C VAL B 271 7.90 -45.42 -1.67
N ASN B 272 6.67 -44.96 -1.91
CA ASN B 272 5.58 -45.06 -0.94
C ASN B 272 4.78 -46.34 -1.10
N LEU B 273 5.39 -47.41 -1.56
CA LEU B 273 4.70 -48.69 -1.68
C LEU B 273 5.46 -49.74 -0.88
N SER B 274 4.73 -50.72 -0.38
CA SER B 274 5.36 -51.84 0.30
C SER B 274 6.12 -52.69 -0.70
N LYS B 275 7.01 -53.54 -0.17
CA LYS B 275 7.83 -54.39 -1.04
C LYS B 275 7.01 -55.50 -1.67
N ARG B 276 5.87 -55.86 -1.08
CA ARG B 276 4.94 -56.77 -1.73
C ARG B 276 4.07 -56.06 -2.75
N ASP B 277 3.71 -54.79 -2.48
CA ASP B 277 2.92 -54.01 -3.44
C ASP B 277 3.74 -53.66 -4.66
N LEU B 278 5.03 -53.38 -4.45
CA LEU B 278 5.94 -53.04 -5.54
C LEU B 278 6.62 -54.32 -6.00
N GLY B 279 6.22 -54.83 -7.15
CA GLY B 279 6.73 -56.10 -7.60
C GLY B 279 8.14 -56.06 -8.16
N LEU B 280 9.12 -55.73 -7.33
CA LEU B 280 10.51 -55.65 -7.76
C LEU B 280 11.42 -56.35 -6.77
N ASP B 281 12.44 -57.02 -7.28
CA ASP B 281 13.47 -57.66 -6.48
C ASP B 281 14.84 -57.15 -6.92
N VAL B 282 15.89 -57.68 -6.29
CA VAL B 282 17.24 -57.20 -6.54
C VAL B 282 17.70 -57.66 -7.91
N GLY B 283 18.01 -56.72 -8.79
CA GLY B 283 18.44 -57.04 -10.13
C GLY B 283 17.41 -56.81 -11.21
N ASP B 284 16.29 -56.16 -10.89
CA ASP B 284 15.25 -55.90 -11.88
C ASP B 284 15.60 -54.62 -12.66
N ASP B 285 14.66 -54.15 -13.47
CA ASP B 285 14.92 -53.14 -14.48
C ASP B 285 14.14 -51.86 -14.16
N TYR B 286 14.63 -50.74 -14.70
CA TYR B 286 13.99 -49.46 -14.46
C TYR B 286 12.67 -49.35 -15.21
N LEU B 287 12.62 -49.83 -16.45
CA LEU B 287 11.39 -49.80 -17.23
C LEU B 287 10.39 -50.87 -16.81
N LYS B 288 10.81 -51.85 -16.02
CA LYS B 288 9.87 -52.74 -15.36
C LYS B 288 9.27 -52.03 -14.16
N GLU B 289 7.95 -52.06 -14.06
CA GLU B 289 7.16 -51.40 -13.00
C GLU B 289 7.46 -49.91 -12.93
N TYR B 290 7.54 -49.27 -14.10
CA TYR B 290 7.88 -47.85 -14.15
C TYR B 290 6.75 -46.97 -13.63
N LYS B 291 5.50 -47.41 -13.80
CA LYS B 291 4.37 -46.56 -13.48
C LYS B 291 4.20 -46.40 -11.97
N LYS B 292 4.44 -47.48 -11.20
CA LYS B 292 4.40 -47.38 -9.75
C LYS B 292 5.50 -46.47 -9.22
N LEU B 293 6.68 -46.51 -9.85
CA LEU B 293 7.78 -45.67 -9.42
C LEU B 293 7.51 -44.22 -9.77
N LEU B 294 6.94 -43.96 -10.95
CA LEU B 294 6.60 -42.59 -11.33
C LEU B 294 5.51 -42.02 -10.43
N PHE B 295 4.56 -42.85 -10.02
CA PHE B 295 3.48 -42.35 -9.20
C PHE B 295 3.86 -42.23 -7.73
N TYR B 296 4.87 -42.97 -7.27
CA TYR B 296 5.12 -43.04 -5.84
C TYR B 296 6.58 -42.86 -5.43
N GLY B 297 7.47 -42.49 -6.34
CA GLY B 297 8.89 -42.48 -6.05
C GLY B 297 9.49 -41.08 -6.03
N VAL B 298 10.53 -40.91 -5.21
CA VAL B 298 11.28 -39.66 -5.10
C VAL B 298 12.76 -40.02 -4.98
N ILE B 299 13.56 -39.54 -5.92
CA ILE B 299 15.01 -39.69 -5.83
C ILE B 299 15.57 -38.64 -4.87
N THR B 300 16.38 -39.07 -3.92
CA THR B 300 16.94 -38.20 -2.88
C THR B 300 18.38 -37.82 -3.13
N ASP B 301 18.76 -37.59 -4.39
CA ASP B 301 20.11 -37.13 -4.72
C ASP B 301 20.04 -35.80 -5.46
N ALA B 302 21.21 -35.18 -5.63
CA ALA B 302 21.29 -33.90 -6.31
C ALA B 302 21.05 -34.08 -7.79
N ILE B 303 20.21 -33.23 -8.37
CA ILE B 303 19.95 -33.31 -9.79
C ILE B 303 21.04 -32.52 -10.50
N PRO B 304 21.57 -32.99 -11.65
CA PRO B 304 21.24 -34.22 -12.38
C PRO B 304 21.78 -35.51 -11.76
N SER B 305 20.86 -36.35 -11.31
CA SER B 305 21.20 -37.70 -10.88
C SER B 305 20.99 -38.61 -12.07
N GLY B 306 22.06 -39.28 -12.51
CA GLY B 306 22.03 -39.96 -13.78
C GLY B 306 21.21 -41.23 -13.85
N ILE B 307 19.92 -41.10 -13.60
CA ILE B 307 19.01 -42.24 -13.68
C ILE B 307 18.55 -42.35 -15.13
N SER B 308 18.38 -43.58 -15.61
CA SER B 308 18.03 -43.80 -17.00
C SER B 308 17.30 -45.13 -17.11
N ALA B 309 16.94 -45.49 -18.34
CA ALA B 309 16.16 -46.70 -18.61
C ALA B 309 16.98 -47.98 -18.51
N ARG B 310 18.27 -47.89 -18.19
CA ARG B 310 19.14 -49.05 -18.07
C ARG B 310 19.52 -49.35 -16.63
N SER B 311 19.08 -48.54 -15.68
CA SER B 311 19.51 -48.68 -14.29
C SER B 311 18.84 -49.88 -13.64
N THR B 312 19.64 -50.72 -12.99
CA THR B 312 19.14 -51.90 -12.30
C THR B 312 19.24 -51.70 -10.80
N ILE B 313 18.57 -52.58 -10.06
CA ILE B 313 18.48 -52.47 -8.61
C ILE B 313 19.70 -53.13 -7.99
N MET B 314 20.40 -52.38 -7.13
CA MET B 314 21.42 -52.96 -6.27
C MET B 314 20.88 -53.48 -4.95
N LYS B 315 19.88 -52.80 -4.38
CA LYS B 315 19.43 -53.14 -3.04
C LYS B 315 18.03 -52.57 -2.83
N ILE B 316 17.16 -53.36 -2.21
CA ILE B 316 15.85 -52.91 -1.73
C ILE B 316 15.77 -53.18 -0.24
N SER B 317 15.44 -52.14 0.53
CA SER B 317 15.24 -52.27 1.95
C SER B 317 13.89 -51.70 2.33
N PRO B 318 13.23 -52.27 3.33
CA PRO B 318 12.04 -51.62 3.89
C PRO B 318 12.42 -50.34 4.59
N HIS B 319 11.58 -49.31 4.43
CA HIS B 319 11.93 -47.99 4.91
C HIS B 319 10.63 -47.22 5.13
N LYS B 320 10.73 -46.13 5.88
CA LYS B 320 9.56 -45.36 6.27
C LYS B 320 8.95 -44.63 5.07
N MET B 321 7.61 -44.60 5.02
CA MET B 321 6.92 -43.81 4.01
C MET B 321 7.19 -42.33 4.18
N MET B 322 7.32 -41.64 3.06
CA MET B 322 7.49 -40.20 3.05
C MET B 322 6.21 -39.50 3.44
N ASN B 323 6.35 -38.38 4.13
CA ASN B 323 5.22 -37.56 4.50
C ASN B 323 5.12 -36.38 3.54
N PRO B 324 3.94 -36.08 3.03
CA PRO B 324 3.80 -34.98 2.06
C PRO B 324 3.99 -33.62 2.73
N SER B 325 4.39 -32.65 1.91
CA SER B 325 4.72 -31.34 2.43
C SER B 325 3.46 -30.56 2.77
N GLY B 326 3.65 -29.44 3.44
CA GLY B 326 2.54 -28.60 3.86
C GLY B 326 2.03 -27.72 2.75
N GLY B 327 2.95 -27.02 2.08
CA GLY B 327 2.54 -26.07 1.06
C GLY B 327 1.99 -26.72 -0.19
N ALA B 328 2.49 -27.91 -0.52
CA ALA B 328 1.98 -28.66 -1.66
C ALA B 328 0.52 -29.06 -1.44
N LEU B 329 0.24 -29.66 -0.29
CA LEU B 329 -1.14 -30.03 0.03
C LEU B 329 -2.02 -28.82 0.22
N ALA B 330 -1.45 -27.70 0.67
CA ALA B 330 -2.25 -26.47 0.83
C ALA B 330 -2.68 -25.91 -0.52
N VAL B 331 -1.76 -25.82 -1.48
CA VAL B 331 -2.10 -25.31 -2.81
C VAL B 331 -3.04 -26.27 -3.54
N LEU B 332 -2.84 -27.57 -3.37
CA LEU B 332 -3.72 -28.51 -4.05
C LEU B 332 -5.11 -28.57 -3.42
N SER B 333 -5.21 -28.40 -2.10
CA SER B 333 -6.53 -28.32 -1.49
C SER B 333 -7.21 -27.00 -1.81
N LYS B 334 -6.43 -25.95 -2.08
CA LYS B 334 -6.99 -24.70 -2.60
C LYS B 334 -7.61 -24.92 -3.97
N PHE B 335 -6.92 -25.67 -4.84
CA PHE B 335 -7.48 -26.02 -6.14
C PHE B 335 -8.73 -26.89 -6.01
N LEU B 336 -8.74 -27.84 -5.07
CA LEU B 336 -9.92 -28.70 -4.91
C LEU B 336 -11.09 -27.93 -4.32
N GLU B 337 -10.83 -26.94 -3.46
CA GLU B 337 -11.88 -26.04 -2.99
C GLU B 337 -12.43 -25.21 -4.15
N ALA B 338 -11.59 -24.84 -5.11
CA ALA B 338 -12.10 -24.18 -6.31
C ALA B 338 -12.90 -25.14 -7.18
N VAL B 339 -12.56 -26.42 -7.17
CA VAL B 339 -13.29 -27.42 -7.95
C VAL B 339 -14.69 -27.63 -7.37
N VAL B 340 -14.79 -27.73 -6.05
CA VAL B 340 -16.06 -28.10 -5.42
C VAL B 340 -17.06 -26.95 -5.48
N SER B 341 -16.62 -25.74 -5.18
CA SER B 341 -17.53 -24.63 -4.90
C SER B 341 -18.26 -24.15 -6.14
N THR B 342 -19.56 -23.87 -5.98
CA THR B 342 -20.41 -23.37 -7.06
C THR B 342 -20.20 -21.88 -7.33
N ASN B 343 -19.41 -21.21 -6.50
CA ASN B 343 -19.15 -19.79 -6.69
C ASN B 343 -18.21 -19.53 -7.86
N VAL B 344 -17.45 -20.53 -8.28
CA VAL B 344 -16.40 -20.37 -9.29
C VAL B 344 -16.88 -21.01 -10.59
N ILE B 345 -16.83 -20.25 -11.68
CA ILE B 345 -17.31 -20.75 -12.96
C ILE B 345 -16.25 -21.65 -13.63
N ASN B 346 -15.01 -21.20 -13.68
CA ASN B 346 -13.92 -21.97 -14.28
C ASN B 346 -12.85 -22.25 -13.25
N ALA B 347 -12.54 -23.52 -13.05
CA ALA B 347 -11.41 -23.93 -12.23
C ALA B 347 -10.30 -24.41 -13.16
N THR B 348 -9.04 -24.07 -12.81
CA THR B 348 -7.92 -24.37 -13.69
C THR B 348 -6.67 -24.57 -12.82
N LEU B 349 -5.91 -25.61 -13.14
CA LEU B 349 -4.62 -25.89 -12.50
C LEU B 349 -3.52 -25.74 -13.54
N VAL B 350 -2.47 -25.00 -13.19
CA VAL B 350 -1.33 -24.78 -14.07
C VAL B 350 -0.17 -25.58 -13.51
N VAL B 351 0.38 -26.48 -14.33
CA VAL B 351 1.45 -27.37 -13.91
C VAL B 351 2.64 -27.11 -14.82
N TYR B 352 3.79 -26.80 -14.23
CA TYR B 352 5.04 -26.71 -14.95
C TYR B 352 5.91 -27.91 -14.62
N ALA B 353 6.67 -28.37 -15.61
CA ALA B 353 7.67 -29.40 -15.40
C ALA B 353 8.76 -29.21 -16.44
N GLU B 354 9.92 -29.79 -16.19
CA GLU B 354 10.95 -29.81 -17.21
C GLU B 354 10.55 -30.75 -18.33
N LYS B 355 11.11 -30.50 -19.50
CA LYS B 355 10.72 -31.19 -20.72
C LYS B 355 11.36 -32.57 -20.71
N GLY B 356 10.62 -33.57 -20.24
CA GLY B 356 11.14 -34.92 -20.15
C GLY B 356 10.85 -35.57 -18.82
N ALA B 357 10.07 -34.90 -17.99
CA ALA B 357 9.72 -35.39 -16.67
C ALA B 357 8.59 -36.41 -16.70
N GLY B 358 8.00 -36.67 -17.85
CA GLY B 358 6.91 -37.63 -17.97
C GLY B 358 5.65 -37.11 -17.32
N LYS B 359 5.32 -35.84 -17.56
CA LYS B 359 4.24 -35.18 -16.86
C LYS B 359 2.87 -35.46 -17.44
N THR B 360 2.77 -35.79 -18.73
CA THR B 360 1.45 -36.03 -19.32
C THR B 360 0.87 -37.36 -18.86
N SER B 361 1.72 -38.38 -18.73
CA SER B 361 1.27 -39.71 -18.34
C SER B 361 0.74 -39.74 -16.91
N PHE B 362 1.28 -38.89 -16.03
CA PHE B 362 0.73 -38.82 -14.68
C PHE B 362 -0.50 -37.93 -14.62
N LEU B 363 -0.50 -36.80 -15.32
CA LEU B 363 -1.63 -35.89 -15.21
C LEU B 363 -2.87 -36.41 -15.91
N SER B 364 -2.73 -37.34 -16.85
CA SER B 364 -3.92 -38.03 -17.35
C SER B 364 -4.54 -38.91 -16.26
N THR B 365 -3.70 -39.60 -15.48
CA THR B 365 -4.18 -40.38 -14.34
C THR B 365 -4.78 -39.49 -13.27
N TYR B 366 -4.19 -38.30 -13.10
CA TYR B 366 -4.71 -37.33 -12.13
C TYR B 366 -6.07 -36.80 -12.56
N ALA B 367 -6.25 -36.55 -13.86
CA ALA B 367 -7.55 -36.13 -14.37
C ALA B 367 -8.58 -37.23 -14.24
N GLU B 368 -8.16 -38.49 -14.42
CA GLU B 368 -9.08 -39.62 -14.24
C GLU B 368 -9.51 -39.76 -12.79
N GLN B 369 -8.56 -39.67 -11.86
CA GLN B 369 -8.90 -39.82 -10.44
C GLN B 369 -9.74 -38.65 -9.95
N LEU B 370 -9.48 -37.45 -10.47
CA LEU B 370 -10.29 -36.30 -10.10
C LEU B 370 -11.70 -36.39 -10.69
N SER B 371 -11.84 -36.92 -11.91
CA SER B 371 -13.15 -37.11 -12.50
C SER B 371 -13.96 -38.16 -11.74
N LEU B 372 -13.31 -39.25 -11.34
CA LEU B 372 -14.04 -40.30 -10.64
C LEU B 372 -14.36 -39.91 -9.20
N ALA B 373 -13.51 -39.09 -8.58
CA ALA B 373 -13.75 -38.71 -7.19
C ALA B 373 -14.68 -37.52 -7.07
N SER B 374 -14.72 -36.65 -8.09
CA SER B 374 -15.53 -35.45 -8.02
C SER B 374 -16.87 -35.58 -8.74
N GLY B 375 -17.00 -36.51 -9.67
CA GLY B 375 -18.25 -36.67 -10.38
C GLY B 375 -18.48 -35.70 -11.51
N GLN B 376 -17.52 -34.83 -11.80
CA GLN B 376 -17.62 -33.89 -12.90
C GLN B 376 -16.74 -34.37 -14.04
N VAL B 377 -16.63 -33.54 -15.09
CA VAL B 377 -15.80 -33.85 -16.24
C VAL B 377 -14.57 -32.96 -16.18
N VAL B 378 -13.39 -33.58 -16.19
CA VAL B 378 -12.13 -32.87 -16.05
C VAL B 378 -11.36 -32.99 -17.36
N GLY B 379 -11.03 -31.86 -17.97
CA GLY B 379 -10.25 -31.84 -19.18
C GLY B 379 -8.77 -31.76 -18.91
N HIS B 380 -8.00 -31.81 -19.99
CA HIS B 380 -6.54 -31.83 -19.87
C HIS B 380 -5.94 -31.27 -21.15
N LEU B 381 -5.33 -30.09 -21.07
CA LEU B 381 -4.60 -29.50 -22.18
C LEU B 381 -3.12 -29.77 -21.98
N SER B 382 -2.51 -30.40 -22.98
CA SER B 382 -1.12 -30.85 -22.86
C SER B 382 -0.16 -29.68 -22.93
N SER B 383 1.12 -29.99 -22.73
CA SER B 383 2.15 -28.95 -22.67
C SER B 383 2.48 -28.43 -24.06
N ASP B 384 2.54 -29.30 -25.05
CA ASP B 384 2.77 -28.94 -26.44
C ASP B 384 1.48 -28.79 -27.21
N ALA B 385 0.41 -28.34 -26.54
CA ALA B 385 -0.88 -28.20 -27.19
C ALA B 385 -0.90 -26.98 -28.11
N TYR B 386 -0.38 -25.85 -27.63
CA TYR B 386 -0.40 -24.63 -28.42
C TYR B 386 0.52 -24.73 -29.64
N GLY B 387 1.65 -25.42 -29.50
CA GLY B 387 2.56 -25.56 -30.63
C GLY B 387 1.98 -26.44 -31.72
N ARG B 388 1.36 -27.56 -31.34
CA ARG B 388 0.72 -28.42 -32.32
C ARG B 388 -0.53 -27.80 -32.90
N TRP B 389 -1.17 -26.88 -32.16
CA TRP B 389 -2.27 -26.10 -32.74
C TRP B 389 -1.74 -25.11 -33.77
N LEU B 390 -0.73 -24.32 -33.39
CA LEU B 390 -0.22 -23.24 -34.23
C LEU B 390 0.54 -23.74 -35.44
N ALA B 391 1.02 -24.99 -35.42
CA ALA B 391 1.66 -25.54 -36.61
C ALA B 391 0.66 -25.72 -37.75
N LYS B 392 -0.60 -25.96 -37.43
CA LYS B 392 -1.63 -26.16 -38.44
C LYS B 392 -2.44 -24.91 -38.75
N ASN B 393 -2.52 -23.97 -37.80
CA ASN B 393 -3.46 -22.86 -37.91
C ASN B 393 -2.80 -21.50 -37.97
N LYS B 394 -1.49 -21.42 -38.19
CA LYS B 394 -0.86 -20.10 -38.29
C LYS B 394 -1.17 -19.39 -39.59
N ASP B 395 -1.70 -20.11 -40.58
CA ASP B 395 -2.03 -19.52 -41.87
C ASP B 395 -3.50 -19.21 -42.02
N VAL B 396 -4.37 -19.94 -41.33
CA VAL B 396 -5.80 -19.66 -41.38
C VAL B 396 -6.08 -18.39 -40.58
N GLU B 397 -6.76 -17.44 -41.22
CA GLU B 397 -7.08 -16.18 -40.55
C GLU B 397 -8.10 -16.37 -39.44
N GLU B 398 -9.10 -17.23 -39.67
CA GLU B 398 -10.19 -17.47 -38.72
C GLU B 398 -10.19 -18.95 -38.35
N PRO B 399 -9.33 -19.37 -37.44
CA PRO B 399 -9.21 -20.80 -37.12
C PRO B 399 -10.31 -21.23 -36.17
N SER B 400 -10.30 -22.52 -35.86
CA SER B 400 -11.28 -23.12 -34.96
C SER B 400 -10.65 -23.29 -33.58
N PHE B 401 -11.27 -22.70 -32.58
CA PHE B 401 -10.78 -22.76 -31.20
C PHE B 401 -11.53 -23.77 -30.36
N ALA B 402 -12.23 -24.71 -30.98
CA ALA B 402 -13.08 -25.64 -30.26
C ALA B 402 -12.26 -26.68 -29.53
N TYR B 403 -12.80 -27.17 -28.41
CA TYR B 403 -12.05 -28.06 -27.53
C TYR B 403 -11.80 -29.43 -28.16
N ASP B 404 -12.73 -29.93 -28.96
CA ASP B 404 -12.53 -31.22 -29.61
C ASP B 404 -11.47 -31.14 -30.70
N TYR B 405 -11.40 -30.00 -31.40
CA TYR B 405 -10.40 -29.82 -32.43
C TYR B 405 -9.01 -29.65 -31.82
N VAL B 406 -8.91 -28.96 -30.68
CA VAL B 406 -7.64 -28.82 -30.00
C VAL B 406 -7.20 -30.16 -29.41
N LEU B 407 -8.14 -30.89 -28.79
CA LEU B 407 -7.80 -32.16 -28.15
C LEU B 407 -7.48 -33.23 -29.18
N SER B 408 -8.00 -33.11 -30.40
CA SER B 408 -7.66 -34.02 -31.47
C SER B 408 -6.27 -33.79 -32.04
N LEU B 409 -5.61 -32.69 -31.68
CA LEU B 409 -4.29 -32.37 -32.17
C LEU B 409 -3.20 -32.51 -31.11
N ASP B 410 -3.51 -33.07 -29.95
CA ASP B 410 -2.51 -33.26 -28.90
C ASP B 410 -1.85 -34.62 -28.97
N THR B 411 -2.04 -35.36 -30.05
CA THR B 411 -1.33 -36.61 -30.19
C THR B 411 0.12 -36.36 -30.54
N ASP B 412 0.96 -37.36 -30.30
CA ASP B 412 2.40 -37.20 -30.42
C ASP B 412 2.88 -37.28 -31.86
N ASP B 413 2.01 -37.59 -32.81
CA ASP B 413 2.39 -37.63 -34.21
C ASP B 413 2.35 -36.25 -34.87
N ASN B 414 1.69 -35.28 -34.26
CA ASN B 414 1.65 -33.94 -34.79
C ASN B 414 2.92 -33.19 -34.41
N GLU B 415 3.45 -32.42 -35.35
CA GLU B 415 4.71 -31.72 -35.16
C GLU B 415 4.43 -30.36 -34.54
N SER B 416 5.28 -29.97 -33.59
CA SER B 416 5.08 -28.69 -32.91
C SER B 416 5.72 -27.56 -33.71
N TYR B 417 5.20 -26.35 -33.48
CA TYR B 417 5.74 -25.18 -34.16
C TYR B 417 7.12 -24.82 -33.61
N TYR B 418 7.28 -24.88 -32.30
CA TYR B 418 8.55 -24.52 -31.68
C TYR B 418 9.64 -25.51 -32.01
N GLU B 419 9.29 -26.78 -32.20
CA GLU B 419 10.28 -27.76 -32.60
C GLU B 419 10.73 -27.54 -34.04
N GLN B 420 9.84 -27.06 -34.91
CA GLN B 420 10.22 -26.68 -36.26
C GLN B 420 11.17 -25.49 -36.25
N LYS B 421 10.82 -24.45 -35.49
CA LYS B 421 11.65 -23.25 -35.44
C LYS B 421 13.02 -23.54 -34.82
N ALA B 422 13.04 -24.38 -33.77
CA ALA B 422 14.31 -24.75 -33.17
C ALA B 422 15.12 -25.66 -34.06
N SER B 423 14.46 -26.49 -34.86
CA SER B 423 15.16 -27.30 -35.86
C SER B 423 15.86 -26.41 -36.89
N GLU B 424 15.14 -25.39 -37.38
CA GLU B 424 15.74 -24.45 -38.32
C GLU B 424 16.87 -23.65 -37.68
N LEU B 425 16.72 -23.32 -36.40
CA LEU B 425 17.76 -22.56 -35.70
C LEU B 425 19.00 -23.39 -35.46
N LEU B 426 18.84 -24.69 -35.17
CA LEU B 426 20.01 -25.56 -35.01
C LEU B 426 20.66 -25.88 -36.34
N ILE B 427 19.88 -25.98 -37.43
CA ILE B 427 20.45 -26.14 -38.77
C ILE B 427 21.25 -24.91 -39.16
N SER B 428 20.78 -23.72 -38.79
CA SER B 428 21.44 -22.49 -39.22
C SER B 428 22.79 -22.26 -38.55
N HIS B 429 23.10 -22.97 -37.47
CA HIS B 429 24.45 -22.98 -36.91
C HIS B 429 25.25 -24.21 -37.29
N GLY B 430 24.64 -25.16 -38.01
CA GLY B 430 25.31 -26.38 -38.38
C GLY B 430 25.20 -27.49 -37.36
N ILE B 431 24.29 -27.37 -36.40
CA ILE B 431 24.12 -28.37 -35.34
C ILE B 431 23.03 -29.33 -35.78
N SER B 432 23.38 -30.60 -35.95
CA SER B 432 22.41 -31.59 -36.38
C SER B 432 22.48 -32.89 -35.61
N GLU B 433 23.54 -33.17 -34.86
CA GLU B 433 23.66 -34.34 -34.03
C GLU B 433 23.78 -33.92 -32.57
N VAL B 434 23.44 -34.84 -31.67
CA VAL B 434 23.50 -34.56 -30.24
C VAL B 434 24.94 -34.37 -29.80
N ALA B 435 25.88 -35.10 -30.43
CA ALA B 435 27.29 -34.97 -30.08
C ALA B 435 27.86 -33.62 -30.48
N GLN B 436 27.29 -32.99 -31.51
CA GLN B 436 27.74 -31.65 -31.86
C GLN B 436 27.25 -30.63 -30.84
N TYR B 437 26.03 -30.83 -30.32
CA TYR B 437 25.49 -29.92 -29.32
C TYR B 437 26.19 -30.08 -27.97
N GLU B 438 26.61 -31.31 -27.65
CA GLU B 438 27.33 -31.53 -26.39
C GLU B 438 28.73 -30.93 -26.43
N LEU B 439 29.33 -30.82 -27.62
CA LEU B 439 30.72 -30.44 -27.76
C LEU B 439 30.89 -28.92 -27.85
N LEU B 440 29.82 -28.17 -27.68
CA LEU B 440 29.89 -26.72 -27.65
C LEU B 440 30.23 -26.23 -26.24
N SER B 441 30.56 -24.95 -26.13
CA SER B 441 30.75 -24.33 -24.84
C SER B 441 29.43 -23.77 -24.33
N VAL B 442 29.45 -23.29 -23.09
CA VAL B 442 28.22 -22.81 -22.45
C VAL B 442 27.78 -21.50 -23.08
N ARG B 443 28.73 -20.60 -23.36
CA ARG B 443 28.40 -19.33 -23.98
C ARG B 443 27.87 -19.51 -25.39
N LYS B 444 28.37 -20.52 -26.11
CA LYS B 444 27.86 -20.82 -27.44
C LYS B 444 26.43 -21.34 -27.37
N LYS B 445 26.08 -22.05 -26.30
CA LYS B 445 24.69 -22.48 -26.12
C LYS B 445 23.79 -21.31 -25.81
N ILE B 446 24.24 -20.43 -24.90
CA ILE B 446 23.44 -19.31 -24.44
C ILE B 446 23.20 -18.29 -25.57
N LYS B 447 24.17 -18.14 -26.47
CA LYS B 447 23.98 -17.28 -27.65
C LYS B 447 22.86 -17.79 -28.56
N MET B 448 22.66 -19.10 -28.61
CA MET B 448 21.58 -19.67 -29.41
C MET B 448 20.26 -19.65 -28.65
N MET B 449 20.31 -19.84 -27.34
CA MET B 449 19.10 -19.81 -26.53
C MET B 449 18.50 -18.41 -26.47
N ASP B 450 19.32 -17.37 -26.61
CA ASP B 450 18.77 -16.03 -26.69
C ASP B 450 18.01 -15.80 -27.99
N GLU B 451 18.42 -16.43 -29.09
CA GLU B 451 17.65 -16.33 -30.32
C GLU B 451 16.38 -17.16 -30.26
N MET B 452 16.43 -18.29 -29.54
CA MET B 452 15.21 -19.03 -29.29
C MET B 452 14.26 -18.25 -28.38
N ASN B 453 14.79 -17.44 -27.46
CA ASN B 453 13.92 -16.56 -26.69
C ASN B 453 13.37 -15.43 -27.54
N GLU B 454 14.13 -14.99 -28.55
CA GLU B 454 13.61 -14.00 -29.49
C GLU B 454 12.47 -14.56 -30.30
N VAL B 455 12.47 -15.87 -30.58
CA VAL B 455 11.34 -16.43 -31.32
C VAL B 455 10.23 -16.90 -30.38
N LEU B 456 10.49 -17.03 -29.08
CA LEU B 456 9.40 -17.27 -28.13
C LEU B 456 8.61 -16.02 -27.81
N ILE B 457 9.27 -14.86 -27.80
CA ILE B 457 8.64 -13.62 -27.33
C ILE B 457 7.58 -13.13 -28.30
N ALA B 458 7.64 -13.54 -29.57
CA ALA B 458 6.68 -13.03 -30.56
C ALA B 458 5.30 -13.61 -30.37
N GLN B 459 5.16 -14.68 -29.59
CA GLN B 459 3.86 -15.28 -29.31
C GLN B 459 3.36 -15.01 -27.90
N LEU B 460 4.17 -14.38 -27.06
CA LEU B 460 3.76 -14.01 -25.71
C LEU B 460 3.59 -12.50 -25.55
N GLU B 461 3.84 -11.73 -26.60
CA GLU B 461 3.97 -10.29 -26.42
C GLU B 461 2.61 -9.59 -26.46
N ASN B 462 1.80 -9.90 -27.47
CA ASN B 462 0.52 -9.26 -27.67
C ASN B 462 -0.60 -10.30 -27.60
N ALA B 463 -1.82 -9.85 -27.91
CA ALA B 463 -2.98 -10.73 -28.00
C ALA B 463 -3.60 -10.53 -29.37
N ASP B 464 -3.05 -11.22 -30.36
CA ASP B 464 -3.59 -11.20 -31.71
C ASP B 464 -4.50 -12.41 -31.88
N THR B 465 -4.92 -12.67 -33.12
CA THR B 465 -5.78 -13.82 -33.38
C THR B 465 -5.03 -15.14 -33.40
N HIS B 466 -3.70 -15.14 -33.26
CA HIS B 466 -2.94 -16.37 -33.15
C HIS B 466 -2.03 -16.39 -31.93
N SER B 467 -2.19 -15.44 -31.01
CA SER B 467 -1.36 -15.38 -29.83
C SER B 467 -1.70 -16.52 -28.87
N GLU B 468 -0.76 -16.80 -27.96
CA GLU B 468 -0.96 -17.90 -27.03
C GLU B 468 -1.99 -17.54 -25.96
N ARG B 469 -2.01 -16.27 -25.56
CA ARG B 469 -2.99 -15.78 -24.60
C ARG B 469 -4.40 -15.82 -25.17
N ASN B 470 -4.54 -15.54 -26.47
CA ASN B 470 -5.84 -15.66 -27.12
C ASN B 470 -6.26 -17.13 -27.22
N PHE B 471 -5.31 -18.03 -27.47
CA PHE B 471 -5.61 -19.45 -27.55
C PHE B 471 -6.15 -20.00 -26.24
N TYR B 472 -5.47 -19.68 -25.13
CA TYR B 472 -5.97 -20.18 -23.86
C TYR B 472 -7.20 -19.43 -23.38
N TYR B 473 -7.40 -18.19 -23.81
CA TYR B 473 -8.67 -17.51 -23.54
C TYR B 473 -9.83 -18.20 -24.26
N MET B 474 -9.64 -18.53 -25.53
CA MET B 474 -10.73 -19.12 -26.30
C MET B 474 -10.99 -20.57 -25.92
N VAL B 475 -9.97 -21.32 -25.50
CA VAL B 475 -10.24 -22.68 -25.09
C VAL B 475 -10.83 -22.72 -23.68
N SER B 476 -10.32 -21.87 -22.79
CA SER B 476 -10.82 -21.90 -21.41
C SER B 476 -12.19 -21.28 -21.26
N THR B 477 -12.63 -20.47 -22.22
CA THR B 477 -13.94 -19.83 -22.14
C THR B 477 -14.82 -20.21 -23.33
N GLY B 478 -14.90 -21.49 -23.64
CA GLY B 478 -15.71 -21.96 -24.74
C GLY B 478 -17.08 -22.44 -24.30
N LYS B 479 -17.95 -22.66 -25.29
CA LYS B 479 -19.28 -23.17 -25.01
C LYS B 479 -19.23 -24.63 -24.57
N THR B 480 -18.46 -25.46 -25.27
CA THR B 480 -18.49 -26.90 -25.09
C THR B 480 -17.28 -27.43 -24.34
N THR B 481 -16.37 -26.57 -23.93
CA THR B 481 -15.20 -26.98 -23.19
C THR B 481 -15.61 -27.46 -21.78
N PRO B 482 -14.83 -28.33 -21.16
CA PRO B 482 -15.12 -28.72 -19.78
C PRO B 482 -14.94 -27.56 -18.81
N ARG B 483 -15.52 -27.74 -17.62
CA ARG B 483 -15.42 -26.72 -16.59
C ARG B 483 -14.02 -26.65 -16.01
N THR B 484 -13.49 -27.78 -15.56
CA THR B 484 -12.19 -27.81 -14.91
C THR B 484 -11.14 -28.31 -15.89
N LEU B 485 -10.08 -27.53 -16.07
CA LEU B 485 -8.99 -27.87 -16.96
C LEU B 485 -7.70 -28.02 -16.16
N ILE B 486 -6.88 -28.97 -16.57
CA ILE B 486 -5.54 -29.15 -16.03
C ILE B 486 -4.58 -28.79 -17.15
N VAL B 487 -4.04 -27.58 -17.09
CA VAL B 487 -3.28 -27.01 -18.19
C VAL B 487 -1.80 -27.07 -17.83
N GLU B 488 -0.98 -27.49 -18.79
CA GLU B 488 0.46 -27.62 -18.61
C GLU B 488 1.17 -26.45 -19.29
N GLY B 489 2.42 -26.23 -18.87
CA GLY B 489 3.22 -25.15 -19.41
C GLY B 489 4.69 -25.47 -19.26
N HIS B 490 5.52 -24.72 -19.98
CA HIS B 490 6.95 -24.97 -19.98
C HIS B 490 7.73 -24.00 -19.11
N PHE B 491 7.36 -22.73 -19.06
CA PHE B 491 8.21 -21.74 -18.42
C PHE B 491 7.36 -20.64 -17.80
N ASN B 492 7.94 -19.95 -16.81
CA ASN B 492 7.21 -19.04 -15.94
C ASN B 492 6.73 -17.77 -16.62
N ALA B 493 7.22 -17.46 -17.82
CA ALA B 493 6.65 -16.33 -18.53
C ALA B 493 5.27 -16.61 -19.08
N GLN B 494 4.84 -17.87 -19.10
CA GLN B 494 3.49 -18.21 -19.51
C GLN B 494 2.47 -18.01 -18.41
N ASP B 495 2.87 -17.51 -17.24
CA ASP B 495 1.91 -17.25 -16.17
C ASP B 495 0.93 -16.15 -16.54
N ALA B 496 1.38 -15.17 -17.32
CA ALA B 496 0.53 -14.09 -17.81
C ALA B 496 -0.29 -14.51 -19.03
N THR B 497 -0.13 -15.74 -19.49
CA THR B 497 -0.70 -16.21 -20.73
C THR B 497 -1.65 -17.39 -20.54
N ILE B 498 -1.20 -18.43 -19.82
CA ILE B 498 -2.08 -19.50 -19.38
C ILE B 498 -3.19 -18.91 -18.50
N ALA B 499 -4.39 -19.51 -18.58
CA ALA B 499 -5.64 -18.94 -18.08
C ALA B 499 -5.58 -18.59 -16.60
N ARG B 500 -6.47 -17.68 -16.21
CA ARG B 500 -6.39 -17.02 -14.91
C ARG B 500 -6.74 -17.99 -13.78
N THR B 501 -5.81 -18.14 -12.84
CA THR B 501 -5.94 -19.08 -11.73
C THR B 501 -5.65 -18.42 -10.40
N ASP B 502 -5.58 -19.23 -9.36
CA ASP B 502 -4.94 -18.83 -8.12
C ASP B 502 -4.10 -19.98 -7.59
N THR B 503 -4.02 -21.09 -8.32
CA THR B 503 -3.20 -22.24 -7.98
C THR B 503 -2.32 -22.57 -9.17
N THR B 504 -1.00 -22.53 -8.96
CA THR B 504 -0.03 -22.98 -9.95
C THR B 504 1.16 -23.59 -9.24
N VAL B 505 1.61 -24.75 -9.74
CA VAL B 505 2.57 -25.59 -9.04
C VAL B 505 3.75 -25.88 -9.98
N LEU B 506 4.66 -26.72 -9.51
CA LEU B 506 5.75 -27.23 -10.33
C LEU B 506 5.90 -28.71 -10.02
N LEU B 507 6.00 -29.53 -11.05
CA LEU B 507 5.97 -30.97 -10.92
C LEU B 507 7.37 -31.55 -11.05
N ARG B 508 7.80 -32.31 -10.05
CA ARG B 508 9.08 -33.01 -10.05
C ARG B 508 8.83 -34.50 -10.01
N THR B 509 9.39 -35.23 -10.97
CA THR B 509 9.31 -36.68 -11.03
C THR B 509 10.70 -37.28 -11.04
N ILE B 510 10.75 -38.62 -11.09
CA ILE B 510 12.02 -39.35 -11.09
C ILE B 510 12.42 -39.54 -12.55
N ASN B 511 12.92 -38.47 -13.14
CA ASN B 511 13.38 -38.53 -14.52
C ASN B 511 14.53 -37.54 -14.65
N ASP B 512 15.71 -38.04 -15.01
CA ASP B 512 16.80 -37.16 -15.36
C ASP B 512 16.47 -36.59 -16.73
N THR B 513 15.97 -35.37 -16.75
CA THR B 513 15.31 -34.84 -17.95
C THR B 513 16.31 -34.50 -19.06
N THR B 514 17.60 -34.40 -18.74
CA THR B 514 18.61 -34.29 -19.78
C THR B 514 19.09 -35.65 -20.28
N GLN B 515 18.82 -36.72 -19.53
CA GLN B 515 19.14 -38.07 -19.99
C GLN B 515 17.97 -38.70 -20.70
N ALA B 516 16.74 -38.39 -20.28
CA ALA B 516 15.55 -38.93 -20.90
C ALA B 516 15.31 -38.36 -22.30
N MET B 517 15.83 -37.16 -22.58
CA MET B 517 15.69 -36.57 -23.90
C MET B 517 16.82 -36.94 -24.85
N ARG B 518 17.95 -37.43 -24.36
CA ARG B 518 18.93 -38.03 -25.25
C ARG B 518 18.76 -39.53 -25.40
N ASP B 519 17.70 -40.09 -24.83
CA ASP B 519 17.37 -41.50 -24.99
C ASP B 519 16.07 -41.68 -25.76
N ARG B 520 15.84 -40.83 -26.77
CA ARG B 520 14.64 -40.93 -27.59
C ARG B 520 14.94 -40.42 -28.99
N GLN B 521 14.17 -40.93 -29.95
CA GLN B 521 14.35 -40.61 -31.35
C GLN B 521 13.51 -39.39 -31.71
N ARG B 522 13.36 -39.15 -33.03
CA ARG B 522 12.71 -37.98 -33.61
C ARG B 522 13.38 -36.69 -33.12
N GLY B 523 14.63 -36.54 -33.56
CA GLY B 523 15.38 -35.32 -33.38
C GLY B 523 15.73 -35.01 -31.94
N GLY B 524 16.65 -35.80 -31.35
CA GLY B 524 17.04 -35.59 -29.97
C GLY B 524 17.77 -34.27 -29.73
N VAL B 525 18.34 -33.68 -30.78
CA VAL B 525 19.04 -32.41 -30.65
C VAL B 525 18.06 -31.31 -30.31
N VAL B 526 16.94 -31.27 -31.02
CA VAL B 526 15.92 -30.26 -30.81
C VAL B 526 15.27 -30.43 -29.44
N GLN B 527 15.07 -31.67 -29.03
CA GLN B 527 14.45 -31.93 -27.73
C GLN B 527 15.36 -31.53 -26.59
N LEU B 528 16.66 -31.84 -26.68
CA LEU B 528 17.61 -31.44 -25.65
C LEU B 528 17.79 -29.92 -25.63
N PHE B 529 17.81 -29.28 -26.80
CA PHE B 529 17.93 -27.83 -26.88
C PHE B 529 16.73 -27.13 -26.26
N LEU B 530 15.52 -27.62 -26.55
CA LEU B 530 14.35 -26.98 -25.97
C LEU B 530 14.22 -27.27 -24.49
N ARG B 531 14.69 -28.44 -24.03
CA ARG B 531 14.75 -28.70 -22.59
C ARG B 531 15.67 -27.69 -21.90
N ASP B 532 16.83 -27.43 -22.49
CA ASP B 532 17.78 -26.52 -21.86
C ASP B 532 17.29 -25.08 -21.88
N THR B 533 16.61 -24.69 -22.97
CA THR B 533 16.02 -23.34 -23.04
C THR B 533 14.91 -23.17 -22.00
N TYR B 534 14.03 -24.17 -21.89
CA TYR B 534 12.94 -24.08 -20.94
C TYR B 534 13.43 -24.16 -19.50
N TYR B 535 14.52 -24.89 -19.24
CA TYR B 535 15.16 -24.84 -17.93
C TYR B 535 15.73 -23.47 -17.65
N ARG B 536 16.30 -22.82 -18.66
CA ARG B 536 16.82 -21.47 -18.51
C ARG B 536 15.71 -20.45 -18.32
N LEU B 537 14.46 -20.79 -18.60
CA LEU B 537 13.34 -19.91 -18.29
C LEU B 537 12.42 -20.44 -17.18
N LEU B 538 12.92 -21.31 -16.29
CA LEU B 538 12.06 -21.91 -15.27
C LEU B 538 12.83 -22.15 -13.98
N PRO B 539 12.79 -21.19 -13.05
CA PRO B 539 13.25 -21.46 -11.70
C PRO B 539 12.18 -22.17 -10.89
N ALA B 540 12.54 -22.56 -9.67
CA ALA B 540 11.59 -23.15 -8.74
C ALA B 540 11.01 -22.07 -7.83
N LEU B 541 10.18 -21.22 -8.43
CA LEU B 541 9.58 -20.10 -7.72
C LEU B 541 8.10 -20.27 -7.46
N HIS B 542 7.52 -21.39 -7.86
CA HIS B 542 6.22 -21.82 -7.38
C HIS B 542 6.39 -23.06 -6.51
N THR B 543 5.28 -23.57 -6.00
CA THR B 543 5.32 -24.62 -4.98
C THR B 543 5.67 -25.97 -5.62
N THR B 544 6.78 -26.55 -5.20
CA THR B 544 7.22 -27.85 -5.71
C THR B 544 6.32 -28.97 -5.21
N VAL B 545 5.77 -29.74 -6.15
CA VAL B 545 4.82 -30.79 -5.84
C VAL B 545 5.27 -32.09 -6.51
N TYR B 546 5.31 -33.18 -5.75
CA TYR B 546 5.58 -34.53 -6.22
C TYR B 546 4.28 -35.25 -6.53
N PRO B 547 4.29 -36.30 -7.38
CA PRO B 547 3.03 -36.95 -7.78
C PRO B 547 2.29 -37.67 -6.66
N PHE B 548 3.00 -38.23 -5.67
CA PHE B 548 2.27 -38.87 -4.57
C PHE B 548 1.57 -37.83 -3.71
N GLU B 549 2.11 -36.60 -3.68
CA GLU B 549 1.42 -35.51 -3.01
C GLU B 549 0.14 -35.13 -3.77
N MET B 550 0.18 -35.15 -5.10
CA MET B 550 -1.03 -34.89 -5.88
C MET B 550 -2.06 -36.00 -5.74
N LEU B 551 -1.65 -37.23 -5.48
CA LEU B 551 -2.68 -38.24 -5.25
C LEU B 551 -3.19 -38.21 -3.81
N GLU B 552 -2.31 -37.87 -2.86
CA GLU B 552 -2.72 -37.76 -1.46
C GLU B 552 -3.65 -36.58 -1.25
N SER B 553 -3.55 -35.55 -2.11
CA SER B 553 -4.48 -34.43 -2.03
C SER B 553 -5.91 -34.84 -2.35
N ILE B 554 -6.10 -35.78 -3.28
CA ILE B 554 -7.44 -36.27 -3.56
C ILE B 554 -7.88 -37.28 -2.51
N ARG B 555 -6.94 -38.11 -2.02
CA ARG B 555 -7.30 -39.11 -1.03
C ARG B 555 -7.66 -38.50 0.32
N ARG B 556 -7.12 -37.31 0.64
CA ARG B 556 -7.42 -36.71 1.94
C ARG B 556 -8.62 -35.78 1.91
N TRP B 557 -8.88 -35.13 0.79
CA TRP B 557 -10.03 -34.23 0.66
C TRP B 557 -11.32 -35.03 0.72
N LYS B 558 -12.20 -34.68 1.65
CA LYS B 558 -13.44 -35.44 1.80
C LYS B 558 -14.48 -34.96 0.79
N TRP B 559 -15.05 -35.91 0.06
CA TRP B 559 -15.98 -35.63 -1.01
C TRP B 559 -17.40 -35.98 -0.58
N VAL B 560 -18.33 -35.08 -0.92
CA VAL B 560 -19.76 -35.15 -0.61
C VAL B 560 -20.02 -35.24 0.90
N2 GTA D 1 -28.64 17.04 6.26
O6 GTA D 1 -24.30 18.50 7.46
C6 GTA D 1 -25.03 17.58 7.32
C5 GTA D 1 -24.56 16.13 7.57
N7 GTA D 1 -23.40 15.60 7.97
C7 GTA D 1 -22.15 16.24 8.29
C8 GTA D 1 -23.54 14.25 8.03
N9 GTA D 1 -24.81 14.00 7.67
C4 GTA D 1 -25.44 15.11 7.38
N3 GTA D 1 -26.84 15.39 6.94
C2 GTA D 1 -27.28 16.76 6.69
N1 GTA D 1 -26.37 17.85 6.88
O3A GTA D 1 -25.84 10.14 10.37
C1A GTA D 1 -25.18 12.57 7.66
C2A GTA D 1 -24.76 11.87 9.01
C3A GTA D 1 -26.05 11.42 9.64
C4A GTA D 1 -26.87 11.27 8.59
C5A GTA D 1 -28.31 11.41 9.04
O4A GTA D 1 -26.47 12.44 7.58
O2A GTA D 1 -23.97 10.80 8.74
P1 GTA D 1 -30.16 11.73 7.22
O11 GTA D 1 -30.02 10.23 7.11
O12 GTA D 1 -31.51 12.07 7.80
O13 GTA D 1 -30.04 12.41 5.72
O15 GTA D 1 -28.98 12.30 8.22
P2 GTA D 1 -29.83 14.03 5.46
O22 GTA D 1 -28.50 14.26 4.79
O21 GTA D 1 -29.83 14.74 6.79
O23 GTA D 1 -31.01 14.64 4.51
P3 GTA D 1 -30.99 16.18 3.94
O32 GTA D 1 -30.92 17.13 5.11
O31 GTA D 1 -29.79 16.40 3.05
O33 GTA D 1 -32.35 16.50 3.07
C5B GTA D 1 -32.40 16.12 1.73
C4B GTA D 1 -33.55 15.10 1.51
O4B GTA D 1 -34.41 15.59 0.66
C3B GTA D 1 -33.00 13.80 0.90
O3B GTA D 1 -33.35 12.74 1.68
C2B GTA D 1 -33.65 13.67 -0.48
O2B GTA D 1 -34.11 12.26 -0.68
C1B GTA D 1 -34.68 14.48 -0.47
N9C GTA D 1 -34.80 15.15 -1.75
C8C GTA D 1 -33.76 15.94 -1.97
N7C GTA D 1 -33.93 16.53 -3.15
C5C GTA D 1 -35.09 16.11 -3.66
C6C GTA D 1 -35.75 16.38 -4.83
N6C GTA D 1 -35.65 17.17 -6.05
N1C GTA D 1 -36.91 15.81 -5.10
C2C GTA D 1 -37.45 14.94 -4.23
N3C GTA D 1 -36.81 14.66 -3.07
C4C GTA D 1 -35.63 15.25 -2.79
#